data_1CHC
# 
_entry.id   1CHC 
# 
_audit_conform.dict_name       mmcif_pdbx.dic 
_audit_conform.dict_version    5.392 
_audit_conform.dict_location   http://mmcif.pdb.org/dictionaries/ascii/mmcif_pdbx.dic 
# 
loop_
_database_2.database_id 
_database_2.database_code 
_database_2.pdbx_database_accession 
_database_2.pdbx_DOI 
PDB   1CHC         pdb_00001chc 10.2210/pdb1chc/pdb 
WWPDB D_1000172323 ?            ?                   
# 
loop_
_pdbx_audit_revision_history.ordinal 
_pdbx_audit_revision_history.data_content_type 
_pdbx_audit_revision_history.major_revision 
_pdbx_audit_revision_history.minor_revision 
_pdbx_audit_revision_history.revision_date 
1 'Structure model' 1 0 1994-04-30 
2 'Structure model' 1 1 2008-03-03 
3 'Structure model' 1 2 2011-07-13 
4 'Structure model' 1 3 2022-02-16 
5 'Structure model' 1 4 2024-05-22 
# 
_pdbx_audit_revision_details.ordinal             1 
_pdbx_audit_revision_details.revision_ordinal    1 
_pdbx_audit_revision_details.data_content_type   'Structure model' 
_pdbx_audit_revision_details.provider            repository 
_pdbx_audit_revision_details.type                'Initial release' 
_pdbx_audit_revision_details.description         ? 
_pdbx_audit_revision_details.details             ? 
# 
loop_
_pdbx_audit_revision_group.ordinal 
_pdbx_audit_revision_group.revision_ordinal 
_pdbx_audit_revision_group.data_content_type 
_pdbx_audit_revision_group.group 
1 2 'Structure model' 'Version format compliance' 
2 3 'Structure model' 'Version format compliance' 
3 4 'Structure model' 'Database references'       
4 4 'Structure model' 'Derived calculations'      
5 4 'Structure model' Other                       
6 5 'Structure model' 'Data collection'           
# 
loop_
_pdbx_audit_revision_category.ordinal 
_pdbx_audit_revision_category.revision_ordinal 
_pdbx_audit_revision_category.data_content_type 
_pdbx_audit_revision_category.category 
1 4 'Structure model' database_2             
2 4 'Structure model' pdbx_database_status   
3 4 'Structure model' pdbx_struct_assembly   
4 4 'Structure model' pdbx_struct_conn_angle 
5 4 'Structure model' pdbx_struct_oper_list  
6 4 'Structure model' struct_conn            
7 4 'Structure model' struct_site            
8 5 'Structure model' chem_comp_atom         
9 5 'Structure model' chem_comp_bond         
# 
loop_
_pdbx_audit_revision_item.ordinal 
_pdbx_audit_revision_item.revision_ordinal 
_pdbx_audit_revision_item.data_content_type 
_pdbx_audit_revision_item.item 
1  4 'Structure model' '_database_2.pdbx_DOI'                        
2  4 'Structure model' '_database_2.pdbx_database_accession'         
3  4 'Structure model' '_pdbx_database_status.process_site'          
4  4 'Structure model' '_pdbx_struct_conn_angle.ptnr1_auth_comp_id'  
5  4 'Structure model' '_pdbx_struct_conn_angle.ptnr1_auth_seq_id'   
6  4 'Structure model' '_pdbx_struct_conn_angle.ptnr1_label_atom_id' 
7  4 'Structure model' '_pdbx_struct_conn_angle.ptnr1_label_comp_id' 
8  4 'Structure model' '_pdbx_struct_conn_angle.ptnr1_label_seq_id'  
9  4 'Structure model' '_pdbx_struct_conn_angle.ptnr2_auth_seq_id'   
10 4 'Structure model' '_pdbx_struct_conn_angle.ptnr2_label_asym_id' 
11 4 'Structure model' '_pdbx_struct_conn_angle.ptnr3_auth_comp_id'  
12 4 'Structure model' '_pdbx_struct_conn_angle.ptnr3_auth_seq_id'   
13 4 'Structure model' '_pdbx_struct_conn_angle.ptnr3_label_atom_id' 
14 4 'Structure model' '_pdbx_struct_conn_angle.ptnr3_label_comp_id' 
15 4 'Structure model' '_pdbx_struct_conn_angle.ptnr3_label_seq_id'  
16 4 'Structure model' '_pdbx_struct_conn_angle.value'               
17 4 'Structure model' '_struct_conn.pdbx_dist_value'                
18 4 'Structure model' '_struct_conn.ptnr1_auth_comp_id'             
19 4 'Structure model' '_struct_conn.ptnr1_auth_seq_id'              
20 4 'Structure model' '_struct_conn.ptnr1_label_asym_id'            
21 4 'Structure model' '_struct_conn.ptnr1_label_atom_id'            
22 4 'Structure model' '_struct_conn.ptnr1_label_comp_id'            
23 4 'Structure model' '_struct_conn.ptnr1_label_seq_id'             
24 4 'Structure model' '_struct_conn.ptnr2_auth_comp_id'             
25 4 'Structure model' '_struct_conn.ptnr2_auth_seq_id'              
26 4 'Structure model' '_struct_conn.ptnr2_label_asym_id'            
27 4 'Structure model' '_struct_conn.ptnr2_label_atom_id'            
28 4 'Structure model' '_struct_conn.ptnr2_label_comp_id'            
29 4 'Structure model' '_struct_conn.ptnr2_label_seq_id'             
30 4 'Structure model' '_struct_site.pdbx_auth_asym_id'              
31 4 'Structure model' '_struct_site.pdbx_auth_comp_id'              
32 4 'Structure model' '_struct_site.pdbx_auth_seq_id'               
# 
_pdbx_database_status.status_code                     REL 
_pdbx_database_status.entry_id                        1CHC 
_pdbx_database_status.recvd_initial_deposition_date   1994-02-02 
_pdbx_database_status.deposit_site                    ? 
_pdbx_database_status.process_site                    BNL 
_pdbx_database_status.SG_entry                        . 
_pdbx_database_status.pdb_format_compatible           Y 
_pdbx_database_status.status_code_mr                  ? 
_pdbx_database_status.status_code_sf                  ? 
_pdbx_database_status.status_code_cs                  ? 
_pdbx_database_status.status_code_nmr_data            ? 
_pdbx_database_status.methods_development_category    ? 
# 
loop_
_audit_author.name 
_audit_author.pdbx_ordinal 
'Barlow, P.N.'  1 
'Everett, R.D.' 2 
'Luisi, B.'     3 
# 
loop_
_citation.id 
_citation.title 
_citation.journal_abbrev 
_citation.journal_volume 
_citation.page_first 
_citation.page_last 
_citation.year 
_citation.journal_id_ASTM 
_citation.country 
_citation.journal_id_ISSN 
_citation.journal_id_CSD 
_citation.book_publisher 
_citation.pdbx_database_id_PubMed 
_citation.pdbx_database_id_DOI 
primary 'Structure of the C3HC4 domain by 1H-nuclear magnetic resonance spectroscopy. A new structural class of zinc-finger.' 
J.Mol.Biol.             237 201  211 1994 JMOBAK UK 0022-2836 0070 ? 8126734 10.1006/jmbi.1994.1222 
1       
'A Novel Arrangement of Zinc-Binding Residues and Secondary Structure in the C3Hc4 Motif of an Alpha Herpes Virus Protein Family' 
J.Mol.Biol.             234 1038 ?   1993 JMOBAK UK 0022-2836 0070 ? ?       ?                      
2       'A Novel Cysteine-Rich Sequence Motif' 'Cell(Cambridge,Mass.)' 64  483  ?   1991 CELLB5 US 0092-8674 0998 ? ?       ? 
# 
loop_
_citation_author.citation_id 
_citation_author.name 
_citation_author.ordinal 
_citation_author.identifier_ORCID 
primary 'Barlow, P.N.'   1  ? 
primary 'Luisi, B.'      2  ? 
primary 'Milner, A.'     3  ? 
primary 'Elliott, M.'    4  ? 
primary 'Everett, R.'    5  ? 
1       'Everett, R.D.'  6  ? 
1       'Barlow, P.'     7  ? 
1       'Milner, A.'     8  ? 
1       'Luisi, B.'      9  ? 
1       'Orr, A.'        10 ? 
1       'Hope, G.'       11 ? 
1       'Lyon, D.'       12 ? 
2       'Freemont, P.S.' 13 ? 
2       'Handon, I.M.'   14 ? 
2       'Trowsdale, J.'  15 ? 
# 
loop_
_entity.id 
_entity.type 
_entity.src_method 
_entity.pdbx_description 
_entity.formula_weight 
_entity.pdbx_number_of_molecules 
_entity.pdbx_ec 
_entity.pdbx_mutation 
_entity.pdbx_fragment 
_entity.details 
1 polymer     man 'EQUINE HERPES VIRUS-1 RING DOMAIN' 7651.879 1 ? ? ? ? 
2 non-polymer syn 'ZINC ION'                          65.409   2 ? ? ? ? 
# 
_entity_poly.entity_id                      1 
_entity_poly.type                           'polypeptide(L)' 
_entity_poly.nstd_linkage                   no 
_entity_poly.nstd_monomer                   no 
_entity_poly.pdbx_seq_one_letter_code       MATVAERCPICLEDPSNYSMALPCLHAFCYVCITRWIRQNPTCPLCKVPVESVVHTIESDSEFGDQLI 
_entity_poly.pdbx_seq_one_letter_code_can   MATVAERCPICLEDPSNYSMALPCLHAFCYVCITRWIRQNPTCPLCKVPVESVVHTIESDSEFGDQLI 
_entity_poly.pdbx_strand_id                 A 
_entity_poly.pdbx_target_identifier         ? 
# 
_pdbx_entity_nonpoly.entity_id   2 
_pdbx_entity_nonpoly.name        'ZINC ION' 
_pdbx_entity_nonpoly.comp_id     ZN 
# 
loop_
_entity_poly_seq.entity_id 
_entity_poly_seq.num 
_entity_poly_seq.mon_id 
_entity_poly_seq.hetero 
1 1  MET n 
1 2  ALA n 
1 3  THR n 
1 4  VAL n 
1 5  ALA n 
1 6  GLU n 
1 7  ARG n 
1 8  CYS n 
1 9  PRO n 
1 10 ILE n 
1 11 CYS n 
1 12 LEU n 
1 13 GLU n 
1 14 ASP n 
1 15 PRO n 
1 16 SER n 
1 17 ASN n 
1 18 TYR n 
1 19 SER n 
1 20 MET n 
1 21 ALA n 
1 22 LEU n 
1 23 PRO n 
1 24 CYS n 
1 25 LEU n 
1 26 HIS n 
1 27 ALA n 
1 28 PHE n 
1 29 CYS n 
1 30 TYR n 
1 31 VAL n 
1 32 CYS n 
1 33 ILE n 
1 34 THR n 
1 35 ARG n 
1 36 TRP n 
1 37 ILE n 
1 38 ARG n 
1 39 GLN n 
1 40 ASN n 
1 41 PRO n 
1 42 THR n 
1 43 CYS n 
1 44 PRO n 
1 45 LEU n 
1 46 CYS n 
1 47 LYS n 
1 48 VAL n 
1 49 PRO n 
1 50 VAL n 
1 51 GLU n 
1 52 SER n 
1 53 VAL n 
1 54 VAL n 
1 55 HIS n 
1 56 THR n 
1 57 ILE n 
1 58 GLU n 
1 59 SER n 
1 60 ASP n 
1 61 SER n 
1 62 GLU n 
1 63 PHE n 
1 64 GLY n 
1 65 ASP n 
1 66 GLN n 
1 67 LEU n 
1 68 ILE n 
# 
_entity_src_gen.entity_id                          1 
_entity_src_gen.pdbx_src_id                        1 
_entity_src_gen.pdbx_alt_source_flag               sample 
_entity_src_gen.pdbx_seq_type                      ? 
_entity_src_gen.pdbx_beg_seq_num                   ? 
_entity_src_gen.pdbx_end_seq_num                   ? 
_entity_src_gen.gene_src_common_name               'Equine herpesvirus 1' 
_entity_src_gen.gene_src_genus                     Varicellovirus 
_entity_src_gen.pdbx_gene_src_gene                 ? 
_entity_src_gen.gene_src_species                   ? 
_entity_src_gen.gene_src_strain                    ? 
_entity_src_gen.gene_src_tissue                    ? 
_entity_src_gen.gene_src_tissue_fraction           ? 
_entity_src_gen.gene_src_details                   ? 
_entity_src_gen.pdbx_gene_src_fragment             ? 
_entity_src_gen.pdbx_gene_src_scientific_name      'Equid herpesvirus 1' 
_entity_src_gen.pdbx_gene_src_ncbi_taxonomy_id     10326 
_entity_src_gen.pdbx_gene_src_variant              ? 
_entity_src_gen.pdbx_gene_src_cell_line            ? 
_entity_src_gen.pdbx_gene_src_atcc                 ? 
_entity_src_gen.pdbx_gene_src_organ                ? 
_entity_src_gen.pdbx_gene_src_organelle            ? 
_entity_src_gen.pdbx_gene_src_cell                 ? 
_entity_src_gen.pdbx_gene_src_cellular_location    ? 
_entity_src_gen.host_org_common_name               ? 
_entity_src_gen.pdbx_host_org_scientific_name      ? 
_entity_src_gen.pdbx_host_org_ncbi_taxonomy_id     ? 
_entity_src_gen.host_org_genus                     ? 
_entity_src_gen.pdbx_host_org_gene                 ? 
_entity_src_gen.pdbx_host_org_organ                ? 
_entity_src_gen.host_org_species                   ? 
_entity_src_gen.pdbx_host_org_tissue               ? 
_entity_src_gen.pdbx_host_org_tissue_fraction      ? 
_entity_src_gen.pdbx_host_org_strain               ? 
_entity_src_gen.pdbx_host_org_variant              ? 
_entity_src_gen.pdbx_host_org_cell_line            ? 
_entity_src_gen.pdbx_host_org_atcc                 ? 
_entity_src_gen.pdbx_host_org_culture_collection   ? 
_entity_src_gen.pdbx_host_org_cell                 ? 
_entity_src_gen.pdbx_host_org_organelle            ? 
_entity_src_gen.pdbx_host_org_cellular_location    ? 
_entity_src_gen.pdbx_host_org_vector_type          ? 
_entity_src_gen.pdbx_host_org_vector               ? 
_entity_src_gen.host_org_details                   ? 
_entity_src_gen.expression_system_id               ? 
_entity_src_gen.plasmid_name                       ? 
_entity_src_gen.plasmid_details                    ? 
_entity_src_gen.pdbx_description                   ? 
# 
loop_
_chem_comp.id 
_chem_comp.type 
_chem_comp.mon_nstd_flag 
_chem_comp.name 
_chem_comp.pdbx_synonyms 
_chem_comp.formula 
_chem_comp.formula_weight 
ALA 'L-peptide linking' y ALANINE         ? 'C3 H7 N O2'     89.093  
ARG 'L-peptide linking' y ARGININE        ? 'C6 H15 N4 O2 1' 175.209 
ASN 'L-peptide linking' y ASPARAGINE      ? 'C4 H8 N2 O3'    132.118 
ASP 'L-peptide linking' y 'ASPARTIC ACID' ? 'C4 H7 N O4'     133.103 
CYS 'L-peptide linking' y CYSTEINE        ? 'C3 H7 N O2 S'   121.158 
GLN 'L-peptide linking' y GLUTAMINE       ? 'C5 H10 N2 O3'   146.144 
GLU 'L-peptide linking' y 'GLUTAMIC ACID' ? 'C5 H9 N O4'     147.129 
GLY 'peptide linking'   y GLYCINE         ? 'C2 H5 N O2'     75.067  
HIS 'L-peptide linking' y HISTIDINE       ? 'C6 H10 N3 O2 1' 156.162 
ILE 'L-peptide linking' y ISOLEUCINE      ? 'C6 H13 N O2'    131.173 
LEU 'L-peptide linking' y LEUCINE         ? 'C6 H13 N O2'    131.173 
LYS 'L-peptide linking' y LYSINE          ? 'C6 H15 N2 O2 1' 147.195 
MET 'L-peptide linking' y METHIONINE      ? 'C5 H11 N O2 S'  149.211 
PHE 'L-peptide linking' y PHENYLALANINE   ? 'C9 H11 N O2'    165.189 
PRO 'L-peptide linking' y PROLINE         ? 'C5 H9 N O2'     115.130 
SER 'L-peptide linking' y SERINE          ? 'C3 H7 N O3'     105.093 
THR 'L-peptide linking' y THREONINE       ? 'C4 H9 N O3'     119.119 
TRP 'L-peptide linking' y TRYPTOPHAN      ? 'C11 H12 N2 O2'  204.225 
TYR 'L-peptide linking' y TYROSINE        ? 'C9 H11 N O3'    181.189 
VAL 'L-peptide linking' y VALINE          ? 'C5 H11 N O2'    117.146 
ZN  non-polymer         . 'ZINC ION'      ? 'Zn 2'           65.409  
# 
loop_
_pdbx_poly_seq_scheme.asym_id 
_pdbx_poly_seq_scheme.entity_id 
_pdbx_poly_seq_scheme.seq_id 
_pdbx_poly_seq_scheme.mon_id 
_pdbx_poly_seq_scheme.ndb_seq_num 
_pdbx_poly_seq_scheme.pdb_seq_num 
_pdbx_poly_seq_scheme.auth_seq_num 
_pdbx_poly_seq_scheme.pdb_mon_id 
_pdbx_poly_seq_scheme.auth_mon_id 
_pdbx_poly_seq_scheme.pdb_strand_id 
_pdbx_poly_seq_scheme.pdb_ins_code 
_pdbx_poly_seq_scheme.hetero 
A 1 1  MET 1  1  1  MET MET A . n 
A 1 2  ALA 2  2  2  ALA ALA A . n 
A 1 3  THR 3  3  3  THR THR A . n 
A 1 4  VAL 4  4  4  VAL VAL A . n 
A 1 5  ALA 5  5  5  ALA ALA A . n 
A 1 6  GLU 6  6  6  GLU GLU A . n 
A 1 7  ARG 7  7  7  ARG ARG A . n 
A 1 8  CYS 8  8  8  CYS CYS A . n 
A 1 9  PRO 9  9  9  PRO PRO A . n 
A 1 10 ILE 10 10 10 ILE ILE A . n 
A 1 11 CYS 11 11 11 CYS CYS A . n 
A 1 12 LEU 12 12 12 LEU LEU A . n 
A 1 13 GLU 13 13 13 GLU GLU A . n 
A 1 14 ASP 14 14 14 ASP ASP A . n 
A 1 15 PRO 15 15 15 PRO PRO A . n 
A 1 16 SER 16 16 16 SER SER A . n 
A 1 17 ASN 17 17 17 ASN ASN A . n 
A 1 18 TYR 18 18 18 TYR TYR A . n 
A 1 19 SER 19 19 19 SER SER A . n 
A 1 20 MET 20 20 20 MET MET A . n 
A 1 21 ALA 21 21 21 ALA ALA A . n 
A 1 22 LEU 22 22 22 LEU LEU A . n 
A 1 23 PRO 23 23 23 PRO PRO A . n 
A 1 24 CYS 24 24 24 CYS CYS A . n 
A 1 25 LEU 25 25 25 LEU LEU A . n 
A 1 26 HIS 26 26 26 HIS HIS A . n 
A 1 27 ALA 27 27 27 ALA ALA A . n 
A 1 28 PHE 28 28 28 PHE PHE A . n 
A 1 29 CYS 29 29 29 CYS CYS A . n 
A 1 30 TYR 30 30 30 TYR TYR A . n 
A 1 31 VAL 31 31 31 VAL VAL A . n 
A 1 32 CYS 32 32 32 CYS CYS A . n 
A 1 33 ILE 33 33 33 ILE ILE A . n 
A 1 34 THR 34 34 34 THR THR A . n 
A 1 35 ARG 35 35 35 ARG ARG A . n 
A 1 36 TRP 36 36 36 TRP TRP A . n 
A 1 37 ILE 37 37 37 ILE ILE A . n 
A 1 38 ARG 38 38 38 ARG ARG A . n 
A 1 39 GLN 39 39 39 GLN GLN A . n 
A 1 40 ASN 40 40 40 ASN ASN A . n 
A 1 41 PRO 41 41 41 PRO PRO A . n 
A 1 42 THR 42 42 42 THR THR A . n 
A 1 43 CYS 43 43 43 CYS CYS A . n 
A 1 44 PRO 44 44 44 PRO PRO A . n 
A 1 45 LEU 45 45 45 LEU LEU A . n 
A 1 46 CYS 46 46 46 CYS CYS A . n 
A 1 47 LYS 47 47 47 LYS LYS A . n 
A 1 48 VAL 48 48 48 VAL VAL A . n 
A 1 49 PRO 49 49 49 PRO PRO A . n 
A 1 50 VAL 50 50 50 VAL VAL A . n 
A 1 51 GLU 51 51 51 GLU GLU A . n 
A 1 52 SER 52 52 52 SER SER A . n 
A 1 53 VAL 53 53 53 VAL VAL A . n 
A 1 54 VAL 54 54 54 VAL VAL A . n 
A 1 55 HIS 55 55 55 HIS HIS A . n 
A 1 56 THR 56 56 56 THR THR A . n 
A 1 57 ILE 57 57 57 ILE ILE A . n 
A 1 58 GLU 58 58 58 GLU GLU A . n 
A 1 59 SER 59 59 59 SER SER A . n 
A 1 60 ASP 60 60 60 ASP ASP A . n 
A 1 61 SER 61 61 61 SER SER A . n 
A 1 62 GLU 62 62 62 GLU GLU A . n 
A 1 63 PHE 63 63 63 PHE PHE A . n 
A 1 64 GLY 64 64 64 GLY GLY A . n 
A 1 65 ASP 65 65 65 ASP ASP A . n 
A 1 66 GLN 66 66 66 GLN GLN A . n 
A 1 67 LEU 67 67 67 LEU LEU A . n 
A 1 68 ILE 68 68 68 ILE ILE A . n 
# 
loop_
_pdbx_nonpoly_scheme.asym_id 
_pdbx_nonpoly_scheme.entity_id 
_pdbx_nonpoly_scheme.mon_id 
_pdbx_nonpoly_scheme.ndb_seq_num 
_pdbx_nonpoly_scheme.pdb_seq_num 
_pdbx_nonpoly_scheme.auth_seq_num 
_pdbx_nonpoly_scheme.pdb_mon_id 
_pdbx_nonpoly_scheme.auth_mon_id 
_pdbx_nonpoly_scheme.pdb_strand_id 
_pdbx_nonpoly_scheme.pdb_ins_code 
B 2 ZN 1 70 70 ZN ZN A . 
C 2 ZN 1 71 71 ZN ZN A . 
# 
_cell.entry_id           1CHC 
_cell.length_a           1.000 
_cell.length_b           1.000 
_cell.length_c           1.000 
_cell.angle_alpha        90.00 
_cell.angle_beta         90.00 
_cell.angle_gamma        90.00 
_cell.Z_PDB              1 
_cell.pdbx_unique_axis   ? 
# 
_symmetry.entry_id                         1CHC 
_symmetry.space_group_name_H-M             'P 1' 
_symmetry.pdbx_full_space_group_name_H-M   ? 
_symmetry.cell_setting                     ? 
_symmetry.Int_Tables_number                1 
# 
_exptl.entry_id          1CHC 
_exptl.method            'SOLUTION NMR' 
_exptl.crystals_number   ? 
# 
_struct.entry_id                  1CHC 
_struct.title                     
'STRUCTURE OF THE C3HC4 DOMAIN BY 1H-NUCLEAR MAGNETIC RESONANCE SPECTROSCOPY; A NEW STRUCTURAL CLASS OF ZINC-FINGER' 
_struct.pdbx_model_details        ? 
_struct.pdbx_CASP_flag            ? 
_struct.pdbx_model_type_details   ? 
# 
_struct_keywords.entry_id        1CHC 
_struct_keywords.pdbx_keywords   'VIRAL PROTEIN' 
_struct_keywords.text            'Viral protein' 
# 
loop_
_struct_asym.id 
_struct_asym.pdbx_blank_PDB_chainid_flag 
_struct_asym.pdbx_modified 
_struct_asym.entity_id 
_struct_asym.details 
A Y N 1 ? 
B N N 2 ? 
C N N 2 ? 
# 
_struct_ref.id                         1 
_struct_ref.db_name                    UNP 
_struct_ref.db_code                    ICP0_EHV1B 
_struct_ref.entity_id                  1 
_struct_ref.pdbx_db_accession          P28990 
_struct_ref.pdbx_align_begin           1 
_struct_ref.pdbx_seq_one_letter_code   
;MATVAERCPICLEDPSNYSMALPCLHAFCYVCITRWIRQNPTCPLCKVPVESVVHTIESDSEFKETKVSVDFDYDSEEDE
DSFEGQFLAVDSGDAPANISAWNGPMAFVPLNANGTAGAPRLQPLVDWLVERLDQLFETPELALVMRNIVMDTLCEHGCN
EEELTRQFWPMFHEDTVPFVTDLIVQAELCVASRPILPIARGRGVEYIDSSSSSSSSEEETDSDIEVDPNNLTDPEDTSD
ETSTDNSSAQAPRQEDSRPARARPGPPTRGRRRGRRPAAPGPASRRSARLRRRQPRTNSRTNGGDNGEIIDLTLDSDGDT
EPADVSGSLNTTDQPVLIPDEEEAAPASPHTSSNSAIICLVSELTPESEEPPRDQPVAPSGSSAGERPMRPRCSLREFAR
RFMALAPRDSSTSEAAGPSRLGAGPRATEPFSVAVVLVDRSSEGAGLFGGRFAQHVRRRTEDESARRRGNVLLRPRRQSV
PPVPYPDIASTSPLIRQGGQRVRDLQRAFQTQPAEPEEMRCPHNCQRYRRNQ
;
_struct_ref.pdbx_db_isoform            ? 
# 
_struct_ref_seq.align_id                      1 
_struct_ref_seq.ref_id                        1 
_struct_ref_seq.pdbx_PDB_id_code              1CHC 
_struct_ref_seq.pdbx_strand_id                A 
_struct_ref_seq.seq_align_beg                 1 
_struct_ref_seq.pdbx_seq_align_beg_ins_code   ? 
_struct_ref_seq.seq_align_end                 63 
_struct_ref_seq.pdbx_seq_align_end_ins_code   ? 
_struct_ref_seq.pdbx_db_accession             P28990 
_struct_ref_seq.db_align_beg                  1 
_struct_ref_seq.pdbx_db_align_beg_ins_code    ? 
_struct_ref_seq.db_align_end                  63 
_struct_ref_seq.pdbx_db_align_end_ins_code    ? 
_struct_ref_seq.pdbx_auth_seq_align_beg       1 
_struct_ref_seq.pdbx_auth_seq_align_end       63 
# 
_pdbx_struct_assembly.id                   1 
_pdbx_struct_assembly.details              author_defined_assembly 
_pdbx_struct_assembly.method_details       ? 
_pdbx_struct_assembly.oligomeric_details   monomeric 
_pdbx_struct_assembly.oligomeric_count     1 
# 
_pdbx_struct_assembly_gen.assembly_id       1 
_pdbx_struct_assembly_gen.oper_expression   1 
_pdbx_struct_assembly_gen.asym_id_list      A,B,C 
# 
_pdbx_struct_oper_list.id                   1 
_pdbx_struct_oper_list.type                 'identity operation' 
_pdbx_struct_oper_list.name                 1_555 
_pdbx_struct_oper_list.symmetry_operation   x,y,z 
_pdbx_struct_oper_list.matrix[1][1]         1.0000000000 
_pdbx_struct_oper_list.matrix[1][2]         0.0000000000 
_pdbx_struct_oper_list.matrix[1][3]         0.0000000000 
_pdbx_struct_oper_list.vector[1]            0.0000000000 
_pdbx_struct_oper_list.matrix[2][1]         0.0000000000 
_pdbx_struct_oper_list.matrix[2][2]         1.0000000000 
_pdbx_struct_oper_list.matrix[2][3]         0.0000000000 
_pdbx_struct_oper_list.vector[2]            0.0000000000 
_pdbx_struct_oper_list.matrix[3][1]         0.0000000000 
_pdbx_struct_oper_list.matrix[3][2]         0.0000000000 
_pdbx_struct_oper_list.matrix[3][3]         1.0000000000 
_pdbx_struct_oper_list.vector[3]            0.0000000000 
# 
_struct_biol.id   1 
# 
_struct_conf.conf_type_id            HELX_P 
_struct_conf.id                      HELX_P1 
_struct_conf.pdbx_PDB_helix_id       1 
_struct_conf.beg_label_comp_id       VAL 
_struct_conf.beg_label_asym_id       A 
_struct_conf.beg_label_seq_id        31 
_struct_conf.pdbx_beg_PDB_ins_code   ? 
_struct_conf.end_label_comp_id       ARG 
_struct_conf.end_label_asym_id       A 
_struct_conf.end_label_seq_id        38 
_struct_conf.pdbx_end_PDB_ins_code   ? 
_struct_conf.beg_auth_comp_id        VAL 
_struct_conf.beg_auth_asym_id        A 
_struct_conf.beg_auth_seq_id         31 
_struct_conf.end_auth_comp_id        ARG 
_struct_conf.end_auth_asym_id        A 
_struct_conf.end_auth_seq_id         38 
_struct_conf.pdbx_PDB_helix_class    1 
_struct_conf.details                 RIGHT-HANDED 
_struct_conf.pdbx_PDB_helix_length   8 
# 
_struct_conf_type.id          HELX_P 
_struct_conf_type.criteria    ? 
_struct_conf_type.reference   ? 
# 
loop_
_struct_conn.id 
_struct_conn.conn_type_id 
_struct_conn.pdbx_leaving_atom_flag 
_struct_conn.pdbx_PDB_id 
_struct_conn.ptnr1_label_asym_id 
_struct_conn.ptnr1_label_comp_id 
_struct_conn.ptnr1_label_seq_id 
_struct_conn.ptnr1_label_atom_id 
_struct_conn.pdbx_ptnr1_label_alt_id 
_struct_conn.pdbx_ptnr1_PDB_ins_code 
_struct_conn.pdbx_ptnr1_standard_comp_id 
_struct_conn.ptnr1_symmetry 
_struct_conn.ptnr2_label_asym_id 
_struct_conn.ptnr2_label_comp_id 
_struct_conn.ptnr2_label_seq_id 
_struct_conn.ptnr2_label_atom_id 
_struct_conn.pdbx_ptnr2_label_alt_id 
_struct_conn.pdbx_ptnr2_PDB_ins_code 
_struct_conn.ptnr1_auth_asym_id 
_struct_conn.ptnr1_auth_comp_id 
_struct_conn.ptnr1_auth_seq_id 
_struct_conn.ptnr2_auth_asym_id 
_struct_conn.ptnr2_auth_comp_id 
_struct_conn.ptnr2_auth_seq_id 
_struct_conn.ptnr2_symmetry 
_struct_conn.pdbx_ptnr3_label_atom_id 
_struct_conn.pdbx_ptnr3_label_seq_id 
_struct_conn.pdbx_ptnr3_label_comp_id 
_struct_conn.pdbx_ptnr3_label_asym_id 
_struct_conn.pdbx_ptnr3_label_alt_id 
_struct_conn.pdbx_ptnr3_PDB_ins_code 
_struct_conn.details 
_struct_conn.pdbx_dist_value 
_struct_conn.pdbx_value_order 
_struct_conn.pdbx_role 
metalc1 metalc ? ? A CYS 8  SG  ? ? ? 1_555 C ZN . ZN ? ? A CYS 8  A ZN 71 1_555 ? ? ? ? ? ? ? 2.300 ? ? 
metalc2 metalc ? ? A CYS 11 SG  ? ? ? 1_555 C ZN . ZN ? ? A CYS 11 A ZN 71 1_555 ? ? ? ? ? ? ? 2.304 ? ? 
metalc3 metalc ? ? A CYS 24 SG  ? ? ? 1_555 B ZN . ZN ? ? A CYS 24 A ZN 70 1_555 ? ? ? ? ? ? ? 2.296 ? ? 
metalc4 metalc ? ? A HIS 26 ND1 ? ? ? 1_555 B ZN . ZN ? ? A HIS 26 A ZN 70 1_555 ? ? ? ? ? ? ? 2.001 ? ? 
metalc5 metalc ? ? A CYS 29 SG  ? ? ? 1_555 C ZN . ZN ? ? A CYS 29 A ZN 71 1_555 ? ? ? ? ? ? ? 2.279 ? ? 
metalc6 metalc ? ? A CYS 32 SG  ? ? ? 1_555 C ZN . ZN ? ? A CYS 32 A ZN 71 1_555 ? ? ? ? ? ? ? 2.314 ? ? 
metalc7 metalc ? ? A CYS 43 SG  ? ? ? 1_555 B ZN . ZN ? ? A CYS 43 A ZN 70 1_555 ? ? ? ? ? ? ? 2.301 ? ? 
metalc8 metalc ? ? A CYS 46 SG  ? ? ? 1_555 B ZN . ZN ? ? A CYS 46 A ZN 70 1_555 ? ? ? ? ? ? ? 2.308 ? ? 
# 
_struct_conn_type.id          metalc 
_struct_conn_type.criteria    ? 
_struct_conn_type.reference   ? 
# 
loop_
_pdbx_struct_conn_angle.id 
_pdbx_struct_conn_angle.ptnr1_label_atom_id 
_pdbx_struct_conn_angle.ptnr1_label_alt_id 
_pdbx_struct_conn_angle.ptnr1_label_asym_id 
_pdbx_struct_conn_angle.ptnr1_label_comp_id 
_pdbx_struct_conn_angle.ptnr1_label_seq_id 
_pdbx_struct_conn_angle.ptnr1_auth_atom_id 
_pdbx_struct_conn_angle.ptnr1_auth_asym_id 
_pdbx_struct_conn_angle.ptnr1_auth_comp_id 
_pdbx_struct_conn_angle.ptnr1_auth_seq_id 
_pdbx_struct_conn_angle.ptnr1_PDB_ins_code 
_pdbx_struct_conn_angle.ptnr1_symmetry 
_pdbx_struct_conn_angle.ptnr2_label_atom_id 
_pdbx_struct_conn_angle.ptnr2_label_alt_id 
_pdbx_struct_conn_angle.ptnr2_label_asym_id 
_pdbx_struct_conn_angle.ptnr2_label_comp_id 
_pdbx_struct_conn_angle.ptnr2_label_seq_id 
_pdbx_struct_conn_angle.ptnr2_auth_atom_id 
_pdbx_struct_conn_angle.ptnr2_auth_asym_id 
_pdbx_struct_conn_angle.ptnr2_auth_comp_id 
_pdbx_struct_conn_angle.ptnr2_auth_seq_id 
_pdbx_struct_conn_angle.ptnr2_PDB_ins_code 
_pdbx_struct_conn_angle.ptnr2_symmetry 
_pdbx_struct_conn_angle.ptnr3_label_atom_id 
_pdbx_struct_conn_angle.ptnr3_label_alt_id 
_pdbx_struct_conn_angle.ptnr3_label_asym_id 
_pdbx_struct_conn_angle.ptnr3_label_comp_id 
_pdbx_struct_conn_angle.ptnr3_label_seq_id 
_pdbx_struct_conn_angle.ptnr3_auth_atom_id 
_pdbx_struct_conn_angle.ptnr3_auth_asym_id 
_pdbx_struct_conn_angle.ptnr3_auth_comp_id 
_pdbx_struct_conn_angle.ptnr3_auth_seq_id 
_pdbx_struct_conn_angle.ptnr3_PDB_ins_code 
_pdbx_struct_conn_angle.ptnr3_symmetry 
_pdbx_struct_conn_angle.value 
_pdbx_struct_conn_angle.value_esd 
1  SG  ? A CYS 8  ? A CYS 8  ? 1_555 ZN ? C ZN . ? A ZN 71 ? 1_555 SG  ? A CYS 11 ? A CYS 11 ? 1_555 110.8 ? 
2  SG  ? A CYS 8  ? A CYS 8  ? 1_555 ZN ? C ZN . ? A ZN 71 ? 1_555 SG  ? A CYS 29 ? A CYS 29 ? 1_555 103.1 ? 
3  SG  ? A CYS 11 ? A CYS 11 ? 1_555 ZN ? C ZN . ? A ZN 71 ? 1_555 SG  ? A CYS 29 ? A CYS 29 ? 1_555 111.0 ? 
4  SG  ? A CYS 8  ? A CYS 8  ? 1_555 ZN ? C ZN . ? A ZN 71 ? 1_555 SG  ? A CYS 32 ? A CYS 32 ? 1_555 115.1 ? 
5  SG  ? A CYS 11 ? A CYS 11 ? 1_555 ZN ? C ZN . ? A ZN 71 ? 1_555 SG  ? A CYS 32 ? A CYS 32 ? 1_555 113.7 ? 
6  SG  ? A CYS 29 ? A CYS 29 ? 1_555 ZN ? C ZN . ? A ZN 71 ? 1_555 SG  ? A CYS 32 ? A CYS 32 ? 1_555 102.2 ? 
7  SG  ? A CYS 24 ? A CYS 24 ? 1_555 ZN ? B ZN . ? A ZN 70 ? 1_555 ND1 ? A HIS 26 ? A HIS 26 ? 1_555 107.1 ? 
8  SG  ? A CYS 24 ? A CYS 24 ? 1_555 ZN ? B ZN . ? A ZN 70 ? 1_555 SG  ? A CYS 43 ? A CYS 43 ? 1_555 111.1 ? 
9  ND1 ? A HIS 26 ? A HIS 26 ? 1_555 ZN ? B ZN . ? A ZN 70 ? 1_555 SG  ? A CYS 43 ? A CYS 43 ? 1_555 109.6 ? 
10 SG  ? A CYS 24 ? A CYS 24 ? 1_555 ZN ? B ZN . ? A ZN 70 ? 1_555 SG  ? A CYS 46 ? A CYS 46 ? 1_555 103.7 ? 
11 ND1 ? A HIS 26 ? A HIS 26 ? 1_555 ZN ? B ZN . ? A ZN 70 ? 1_555 SG  ? A CYS 46 ? A CYS 46 ? 1_555 112.5 ? 
12 SG  ? A CYS 43 ? A CYS 43 ? 1_555 ZN ? B ZN . ? A ZN 70 ? 1_555 SG  ? A CYS 46 ? A CYS 46 ? 1_555 112.7 ? 
# 
_struct_mon_prot_cis.pdbx_id                1 
_struct_mon_prot_cis.label_comp_id          LEU 
_struct_mon_prot_cis.label_seq_id           22 
_struct_mon_prot_cis.label_asym_id          A 
_struct_mon_prot_cis.label_alt_id           . 
_struct_mon_prot_cis.pdbx_PDB_ins_code      ? 
_struct_mon_prot_cis.auth_comp_id           LEU 
_struct_mon_prot_cis.auth_seq_id            22 
_struct_mon_prot_cis.auth_asym_id           A 
_struct_mon_prot_cis.pdbx_label_comp_id_2   PRO 
_struct_mon_prot_cis.pdbx_label_seq_id_2    23 
_struct_mon_prot_cis.pdbx_label_asym_id_2   A 
_struct_mon_prot_cis.pdbx_PDB_ins_code_2    ? 
_struct_mon_prot_cis.pdbx_auth_comp_id_2    PRO 
_struct_mon_prot_cis.pdbx_auth_seq_id_2     23 
_struct_mon_prot_cis.pdbx_auth_asym_id_2    A 
_struct_mon_prot_cis.pdbx_PDB_model_num     1 
_struct_mon_prot_cis.pdbx_omega_angle       -8.22 
# 
_struct_sheet.id               S1 
_struct_sheet.type             ? 
_struct_sheet.number_strands   3 
_struct_sheet.details          ? 
# 
loop_
_struct_sheet_order.sheet_id 
_struct_sheet_order.range_id_1 
_struct_sheet_order.range_id_2 
_struct_sheet_order.offset 
_struct_sheet_order.sense 
S1 1 2 ? anti-parallel 
S1 2 3 ? anti-parallel 
# 
loop_
_struct_sheet_range.sheet_id 
_struct_sheet_range.id 
_struct_sheet_range.beg_label_comp_id 
_struct_sheet_range.beg_label_asym_id 
_struct_sheet_range.beg_label_seq_id 
_struct_sheet_range.pdbx_beg_PDB_ins_code 
_struct_sheet_range.end_label_comp_id 
_struct_sheet_range.end_label_asym_id 
_struct_sheet_range.end_label_seq_id 
_struct_sheet_range.pdbx_end_PDB_ins_code 
_struct_sheet_range.beg_auth_comp_id 
_struct_sheet_range.beg_auth_asym_id 
_struct_sheet_range.beg_auth_seq_id 
_struct_sheet_range.end_auth_comp_id 
_struct_sheet_range.end_auth_asym_id 
_struct_sheet_range.end_auth_seq_id 
S1 1 HIS A 26 ? CYS A 29 ? HIS A 26 CYS A 29 
S1 2 TYR A 18 ? LEU A 22 ? TYR A 18 LEU A 22 
S1 3 SER A 52 ? THR A 56 ? SER A 52 THR A 56 
# 
loop_
_struct_site.id 
_struct_site.pdbx_evidence_code 
_struct_site.pdbx_auth_asym_id 
_struct_site.pdbx_auth_comp_id 
_struct_site.pdbx_auth_seq_id 
_struct_site.pdbx_auth_ins_code 
_struct_site.pdbx_num_residues 
_struct_site.details 
S1  Unknown  ? ?  ?  ? 4 ?                                  
TWO Unknown  ? ?  ?  ? 4 ?                                  
AC1 Software A ZN 70 ? 4 'BINDING SITE FOR RESIDUE ZN A 70' 
AC2 Software A ZN 71 ? 4 'BINDING SITE FOR RESIDUE ZN A 71' 
# 
loop_
_struct_site_gen.id 
_struct_site_gen.site_id 
_struct_site_gen.pdbx_num_res 
_struct_site_gen.label_comp_id 
_struct_site_gen.label_asym_id 
_struct_site_gen.label_seq_id 
_struct_site_gen.pdbx_auth_ins_code 
_struct_site_gen.auth_comp_id 
_struct_site_gen.auth_asym_id 
_struct_site_gen.auth_seq_id 
_struct_site_gen.label_atom_id 
_struct_site_gen.label_alt_id 
_struct_site_gen.symmetry 
_struct_site_gen.details 
1  S1  4 CYS A 8  ? CYS A 8  . ? 1_555 ? 
2  S1  4 CYS A 11 ? CYS A 11 . ? 1_555 ? 
3  S1  4 CYS A 29 ? CYS A 29 . ? 1_555 ? 
4  S1  4 CYS A 32 ? CYS A 32 . ? 1_555 ? 
5  TWO 4 CYS A 24 ? CYS A 24 . ? 1_555 ? 
6  TWO 4 HIS A 26 ? HIS A 26 . ? 1_555 ? 
7  TWO 4 CYS A 43 ? CYS A 43 . ? 1_555 ? 
8  TWO 4 CYS A 46 ? CYS A 46 . ? 1_555 ? 
9  AC1 4 CYS A 24 ? CYS A 24 . ? 1_555 ? 
10 AC1 4 HIS A 26 ? HIS A 26 . ? 1_555 ? 
11 AC1 4 CYS A 43 ? CYS A 43 . ? 1_555 ? 
12 AC1 4 CYS A 46 ? CYS A 46 . ? 1_555 ? 
13 AC2 4 CYS A 8  ? CYS A 8  . ? 1_555 ? 
14 AC2 4 CYS A 11 ? CYS A 11 . ? 1_555 ? 
15 AC2 4 CYS A 29 ? CYS A 29 . ? 1_555 ? 
16 AC2 4 CYS A 32 ? CYS A 32 . ? 1_555 ? 
# 
loop_
_pdbx_validate_rmsd_angle.id 
_pdbx_validate_rmsd_angle.PDB_model_num 
_pdbx_validate_rmsd_angle.auth_atom_id_1 
_pdbx_validate_rmsd_angle.auth_asym_id_1 
_pdbx_validate_rmsd_angle.auth_comp_id_1 
_pdbx_validate_rmsd_angle.auth_seq_id_1 
_pdbx_validate_rmsd_angle.PDB_ins_code_1 
_pdbx_validate_rmsd_angle.label_alt_id_1 
_pdbx_validate_rmsd_angle.auth_atom_id_2 
_pdbx_validate_rmsd_angle.auth_asym_id_2 
_pdbx_validate_rmsd_angle.auth_comp_id_2 
_pdbx_validate_rmsd_angle.auth_seq_id_2 
_pdbx_validate_rmsd_angle.PDB_ins_code_2 
_pdbx_validate_rmsd_angle.label_alt_id_2 
_pdbx_validate_rmsd_angle.auth_atom_id_3 
_pdbx_validate_rmsd_angle.auth_asym_id_3 
_pdbx_validate_rmsd_angle.auth_comp_id_3 
_pdbx_validate_rmsd_angle.auth_seq_id_3 
_pdbx_validate_rmsd_angle.PDB_ins_code_3 
_pdbx_validate_rmsd_angle.label_alt_id_3 
_pdbx_validate_rmsd_angle.angle_value 
_pdbx_validate_rmsd_angle.angle_target_value 
_pdbx_validate_rmsd_angle.angle_deviation 
_pdbx_validate_rmsd_angle.angle_standard_deviation 
_pdbx_validate_rmsd_angle.linker_flag 
1 1 CA  A CYS 8  ? ? CB  A CYS 8  ? ? SG  A CYS 8  ? ? 121.50 114.20 7.30  1.10 N 
2 1 CA  A CYS 11 ? ? CB  A CYS 11 ? ? SG  A CYS 11 ? ? 120.90 114.20 6.70  1.10 N 
3 1 CA  A CYS 29 ? ? CB  A CYS 29 ? ? SG  A CYS 29 ? ? 123.86 114.20 9.66  1.10 N 
4 1 CB  A TYR 30 ? ? CG  A TYR 30 ? ? CD1 A TYR 30 ? ? 124.80 121.00 3.80  0.60 N 
5 1 CA  A CYS 32 ? ? CB  A CYS 32 ? ? SG  A CYS 32 ? ? 123.79 114.20 9.59  1.10 N 
6 1 CG  A TRP 36 ? ? CD1 A TRP 36 ? ? NE1 A TRP 36 ? ? 103.83 110.10 -6.27 1.00 N 
7 1 CD1 A TRP 36 ? ? NE1 A TRP 36 ? ? CE2 A TRP 36 ? ? 116.68 109.00 7.68  0.90 N 
8 1 NE1 A TRP 36 ? ? CE2 A TRP 36 ? ? CZ2 A TRP 36 ? ? 137.82 130.40 7.42  1.10 N 
# 
loop_
_pdbx_validate_torsion.id 
_pdbx_validate_torsion.PDB_model_num 
_pdbx_validate_torsion.auth_comp_id 
_pdbx_validate_torsion.auth_asym_id 
_pdbx_validate_torsion.auth_seq_id 
_pdbx_validate_torsion.PDB_ins_code 
_pdbx_validate_torsion.label_alt_id 
_pdbx_validate_torsion.phi 
_pdbx_validate_torsion.psi 
1  1 THR A 3  ? ? -106.85 63.63   
2  1 ALA A 5  ? ? -44.83  161.30  
3  1 ARG A 7  ? ? -2.18   67.74   
4  1 CYS A 8  ? ? -10.25  101.09  
5  1 PRO A 9  ? ? -49.10  -2.70   
6  1 LEU A 12 ? ? 64.85   60.55   
7  1 ASP A 14 ? ? 67.85   104.81  
8  1 PRO A 15 ? ? -84.28  46.35   
9  1 SER A 16 ? ? -22.43  -69.17  
10 1 PRO A 23 ? ? -80.02  37.39   
11 1 LEU A 25 ? ? 3.25    59.87   
12 1 VAL A 31 ? ? 25.36   37.93   
13 1 PRO A 41 ? ? -53.08  -161.22 
14 1 THR A 42 ? ? 47.55   79.26   
15 1 CYS A 43 ? ? -9.79   129.28  
16 1 LYS A 47 ? ? 19.78   57.22   
17 1 VAL A 50 ? ? -24.63  146.04  
18 1 SER A 59 ? ? 4.22    75.75   
19 1 SER A 61 ? ? 137.09  83.10   
20 1 PHE A 63 ? ? 64.39   179.12  
21 1 ASP A 65 ? ? -118.36 -142.84 
# 
loop_
_pdbx_validate_planes.id 
_pdbx_validate_planes.PDB_model_num 
_pdbx_validate_planes.auth_comp_id 
_pdbx_validate_planes.auth_asym_id 
_pdbx_validate_planes.auth_seq_id 
_pdbx_validate_planes.PDB_ins_code 
_pdbx_validate_planes.label_alt_id 
_pdbx_validate_planes.rmsd 
_pdbx_validate_planes.type 
1 1 ARG A 7  ? ? 0.309 'SIDE CHAIN' 
2 1 ARG A 35 ? ? 0.278 'SIDE CHAIN' 
3 1 ARG A 38 ? ? 0.316 'SIDE CHAIN' 
# 
_pdbx_nmr_ensemble.entry_id                             1CHC 
_pdbx_nmr_ensemble.conformers_calculated_total_number   ? 
_pdbx_nmr_ensemble.conformers_submitted_total_number    1 
_pdbx_nmr_ensemble.conformer_selection_criteria         ? 
# 
loop_
_chem_comp_atom.comp_id 
_chem_comp_atom.atom_id 
_chem_comp_atom.type_symbol 
_chem_comp_atom.pdbx_aromatic_flag 
_chem_comp_atom.pdbx_stereo_config 
_chem_comp_atom.pdbx_ordinal 
ALA N    N  N N 1   
ALA CA   C  N S 2   
ALA C    C  N N 3   
ALA O    O  N N 4   
ALA CB   C  N N 5   
ALA OXT  O  N N 6   
ALA H    H  N N 7   
ALA H2   H  N N 8   
ALA HA   H  N N 9   
ALA HB1  H  N N 10  
ALA HB2  H  N N 11  
ALA HB3  H  N N 12  
ALA HXT  H  N N 13  
ARG N    N  N N 14  
ARG CA   C  N S 15  
ARG C    C  N N 16  
ARG O    O  N N 17  
ARG CB   C  N N 18  
ARG CG   C  N N 19  
ARG CD   C  N N 20  
ARG NE   N  N N 21  
ARG CZ   C  N N 22  
ARG NH1  N  N N 23  
ARG NH2  N  N N 24  
ARG OXT  O  N N 25  
ARG H    H  N N 26  
ARG H2   H  N N 27  
ARG HA   H  N N 28  
ARG HB2  H  N N 29  
ARG HB3  H  N N 30  
ARG HG2  H  N N 31  
ARG HG3  H  N N 32  
ARG HD2  H  N N 33  
ARG HD3  H  N N 34  
ARG HE   H  N N 35  
ARG HH11 H  N N 36  
ARG HH12 H  N N 37  
ARG HH21 H  N N 38  
ARG HH22 H  N N 39  
ARG HXT  H  N N 40  
ASN N    N  N N 41  
ASN CA   C  N S 42  
ASN C    C  N N 43  
ASN O    O  N N 44  
ASN CB   C  N N 45  
ASN CG   C  N N 46  
ASN OD1  O  N N 47  
ASN ND2  N  N N 48  
ASN OXT  O  N N 49  
ASN H    H  N N 50  
ASN H2   H  N N 51  
ASN HA   H  N N 52  
ASN HB2  H  N N 53  
ASN HB3  H  N N 54  
ASN HD21 H  N N 55  
ASN HD22 H  N N 56  
ASN HXT  H  N N 57  
ASP N    N  N N 58  
ASP CA   C  N S 59  
ASP C    C  N N 60  
ASP O    O  N N 61  
ASP CB   C  N N 62  
ASP CG   C  N N 63  
ASP OD1  O  N N 64  
ASP OD2  O  N N 65  
ASP OXT  O  N N 66  
ASP H    H  N N 67  
ASP H2   H  N N 68  
ASP HA   H  N N 69  
ASP HB2  H  N N 70  
ASP HB3  H  N N 71  
ASP HD2  H  N N 72  
ASP HXT  H  N N 73  
CYS N    N  N N 74  
CYS CA   C  N R 75  
CYS C    C  N N 76  
CYS O    O  N N 77  
CYS CB   C  N N 78  
CYS SG   S  N N 79  
CYS OXT  O  N N 80  
CYS H    H  N N 81  
CYS H2   H  N N 82  
CYS HA   H  N N 83  
CYS HB2  H  N N 84  
CYS HB3  H  N N 85  
CYS HG   H  N N 86  
CYS HXT  H  N N 87  
GLN N    N  N N 88  
GLN CA   C  N S 89  
GLN C    C  N N 90  
GLN O    O  N N 91  
GLN CB   C  N N 92  
GLN CG   C  N N 93  
GLN CD   C  N N 94  
GLN OE1  O  N N 95  
GLN NE2  N  N N 96  
GLN OXT  O  N N 97  
GLN H    H  N N 98  
GLN H2   H  N N 99  
GLN HA   H  N N 100 
GLN HB2  H  N N 101 
GLN HB3  H  N N 102 
GLN HG2  H  N N 103 
GLN HG3  H  N N 104 
GLN HE21 H  N N 105 
GLN HE22 H  N N 106 
GLN HXT  H  N N 107 
GLU N    N  N N 108 
GLU CA   C  N S 109 
GLU C    C  N N 110 
GLU O    O  N N 111 
GLU CB   C  N N 112 
GLU CG   C  N N 113 
GLU CD   C  N N 114 
GLU OE1  O  N N 115 
GLU OE2  O  N N 116 
GLU OXT  O  N N 117 
GLU H    H  N N 118 
GLU H2   H  N N 119 
GLU HA   H  N N 120 
GLU HB2  H  N N 121 
GLU HB3  H  N N 122 
GLU HG2  H  N N 123 
GLU HG3  H  N N 124 
GLU HE2  H  N N 125 
GLU HXT  H  N N 126 
GLY N    N  N N 127 
GLY CA   C  N N 128 
GLY C    C  N N 129 
GLY O    O  N N 130 
GLY OXT  O  N N 131 
GLY H    H  N N 132 
GLY H2   H  N N 133 
GLY HA2  H  N N 134 
GLY HA3  H  N N 135 
GLY HXT  H  N N 136 
HIS N    N  N N 137 
HIS CA   C  N S 138 
HIS C    C  N N 139 
HIS O    O  N N 140 
HIS CB   C  N N 141 
HIS CG   C  Y N 142 
HIS ND1  N  Y N 143 
HIS CD2  C  Y N 144 
HIS CE1  C  Y N 145 
HIS NE2  N  Y N 146 
HIS OXT  O  N N 147 
HIS H    H  N N 148 
HIS H2   H  N N 149 
HIS HA   H  N N 150 
HIS HB2  H  N N 151 
HIS HB3  H  N N 152 
HIS HD1  H  N N 153 
HIS HD2  H  N N 154 
HIS HE1  H  N N 155 
HIS HE2  H  N N 156 
HIS HXT  H  N N 157 
ILE N    N  N N 158 
ILE CA   C  N S 159 
ILE C    C  N N 160 
ILE O    O  N N 161 
ILE CB   C  N S 162 
ILE CG1  C  N N 163 
ILE CG2  C  N N 164 
ILE CD1  C  N N 165 
ILE OXT  O  N N 166 
ILE H    H  N N 167 
ILE H2   H  N N 168 
ILE HA   H  N N 169 
ILE HB   H  N N 170 
ILE HG12 H  N N 171 
ILE HG13 H  N N 172 
ILE HG21 H  N N 173 
ILE HG22 H  N N 174 
ILE HG23 H  N N 175 
ILE HD11 H  N N 176 
ILE HD12 H  N N 177 
ILE HD13 H  N N 178 
ILE HXT  H  N N 179 
LEU N    N  N N 180 
LEU CA   C  N S 181 
LEU C    C  N N 182 
LEU O    O  N N 183 
LEU CB   C  N N 184 
LEU CG   C  N N 185 
LEU CD1  C  N N 186 
LEU CD2  C  N N 187 
LEU OXT  O  N N 188 
LEU H    H  N N 189 
LEU H2   H  N N 190 
LEU HA   H  N N 191 
LEU HB2  H  N N 192 
LEU HB3  H  N N 193 
LEU HG   H  N N 194 
LEU HD11 H  N N 195 
LEU HD12 H  N N 196 
LEU HD13 H  N N 197 
LEU HD21 H  N N 198 
LEU HD22 H  N N 199 
LEU HD23 H  N N 200 
LEU HXT  H  N N 201 
LYS N    N  N N 202 
LYS CA   C  N S 203 
LYS C    C  N N 204 
LYS O    O  N N 205 
LYS CB   C  N N 206 
LYS CG   C  N N 207 
LYS CD   C  N N 208 
LYS CE   C  N N 209 
LYS NZ   N  N N 210 
LYS OXT  O  N N 211 
LYS H    H  N N 212 
LYS H2   H  N N 213 
LYS HA   H  N N 214 
LYS HB2  H  N N 215 
LYS HB3  H  N N 216 
LYS HG2  H  N N 217 
LYS HG3  H  N N 218 
LYS HD2  H  N N 219 
LYS HD3  H  N N 220 
LYS HE2  H  N N 221 
LYS HE3  H  N N 222 
LYS HZ1  H  N N 223 
LYS HZ2  H  N N 224 
LYS HZ3  H  N N 225 
LYS HXT  H  N N 226 
MET N    N  N N 227 
MET CA   C  N S 228 
MET C    C  N N 229 
MET O    O  N N 230 
MET CB   C  N N 231 
MET CG   C  N N 232 
MET SD   S  N N 233 
MET CE   C  N N 234 
MET OXT  O  N N 235 
MET H    H  N N 236 
MET H2   H  N N 237 
MET HA   H  N N 238 
MET HB2  H  N N 239 
MET HB3  H  N N 240 
MET HG2  H  N N 241 
MET HG3  H  N N 242 
MET HE1  H  N N 243 
MET HE2  H  N N 244 
MET HE3  H  N N 245 
MET HXT  H  N N 246 
PHE N    N  N N 247 
PHE CA   C  N S 248 
PHE C    C  N N 249 
PHE O    O  N N 250 
PHE CB   C  N N 251 
PHE CG   C  Y N 252 
PHE CD1  C  Y N 253 
PHE CD2  C  Y N 254 
PHE CE1  C  Y N 255 
PHE CE2  C  Y N 256 
PHE CZ   C  Y N 257 
PHE OXT  O  N N 258 
PHE H    H  N N 259 
PHE H2   H  N N 260 
PHE HA   H  N N 261 
PHE HB2  H  N N 262 
PHE HB3  H  N N 263 
PHE HD1  H  N N 264 
PHE HD2  H  N N 265 
PHE HE1  H  N N 266 
PHE HE2  H  N N 267 
PHE HZ   H  N N 268 
PHE HXT  H  N N 269 
PRO N    N  N N 270 
PRO CA   C  N S 271 
PRO C    C  N N 272 
PRO O    O  N N 273 
PRO CB   C  N N 274 
PRO CG   C  N N 275 
PRO CD   C  N N 276 
PRO OXT  O  N N 277 
PRO H    H  N N 278 
PRO HA   H  N N 279 
PRO HB2  H  N N 280 
PRO HB3  H  N N 281 
PRO HG2  H  N N 282 
PRO HG3  H  N N 283 
PRO HD2  H  N N 284 
PRO HD3  H  N N 285 
PRO HXT  H  N N 286 
SER N    N  N N 287 
SER CA   C  N S 288 
SER C    C  N N 289 
SER O    O  N N 290 
SER CB   C  N N 291 
SER OG   O  N N 292 
SER OXT  O  N N 293 
SER H    H  N N 294 
SER H2   H  N N 295 
SER HA   H  N N 296 
SER HB2  H  N N 297 
SER HB3  H  N N 298 
SER HG   H  N N 299 
SER HXT  H  N N 300 
THR N    N  N N 301 
THR CA   C  N S 302 
THR C    C  N N 303 
THR O    O  N N 304 
THR CB   C  N R 305 
THR OG1  O  N N 306 
THR CG2  C  N N 307 
THR OXT  O  N N 308 
THR H    H  N N 309 
THR H2   H  N N 310 
THR HA   H  N N 311 
THR HB   H  N N 312 
THR HG1  H  N N 313 
THR HG21 H  N N 314 
THR HG22 H  N N 315 
THR HG23 H  N N 316 
THR HXT  H  N N 317 
TRP N    N  N N 318 
TRP CA   C  N S 319 
TRP C    C  N N 320 
TRP O    O  N N 321 
TRP CB   C  N N 322 
TRP CG   C  Y N 323 
TRP CD1  C  Y N 324 
TRP CD2  C  Y N 325 
TRP NE1  N  Y N 326 
TRP CE2  C  Y N 327 
TRP CE3  C  Y N 328 
TRP CZ2  C  Y N 329 
TRP CZ3  C  Y N 330 
TRP CH2  C  Y N 331 
TRP OXT  O  N N 332 
TRP H    H  N N 333 
TRP H2   H  N N 334 
TRP HA   H  N N 335 
TRP HB2  H  N N 336 
TRP HB3  H  N N 337 
TRP HD1  H  N N 338 
TRP HE1  H  N N 339 
TRP HE3  H  N N 340 
TRP HZ2  H  N N 341 
TRP HZ3  H  N N 342 
TRP HH2  H  N N 343 
TRP HXT  H  N N 344 
TYR N    N  N N 345 
TYR CA   C  N S 346 
TYR C    C  N N 347 
TYR O    O  N N 348 
TYR CB   C  N N 349 
TYR CG   C  Y N 350 
TYR CD1  C  Y N 351 
TYR CD2  C  Y N 352 
TYR CE1  C  Y N 353 
TYR CE2  C  Y N 354 
TYR CZ   C  Y N 355 
TYR OH   O  N N 356 
TYR OXT  O  N N 357 
TYR H    H  N N 358 
TYR H2   H  N N 359 
TYR HA   H  N N 360 
TYR HB2  H  N N 361 
TYR HB3  H  N N 362 
TYR HD1  H  N N 363 
TYR HD2  H  N N 364 
TYR HE1  H  N N 365 
TYR HE2  H  N N 366 
TYR HH   H  N N 367 
TYR HXT  H  N N 368 
VAL N    N  N N 369 
VAL CA   C  N S 370 
VAL C    C  N N 371 
VAL O    O  N N 372 
VAL CB   C  N N 373 
VAL CG1  C  N N 374 
VAL CG2  C  N N 375 
VAL OXT  O  N N 376 
VAL H    H  N N 377 
VAL H2   H  N N 378 
VAL HA   H  N N 379 
VAL HB   H  N N 380 
VAL HG11 H  N N 381 
VAL HG12 H  N N 382 
VAL HG13 H  N N 383 
VAL HG21 H  N N 384 
VAL HG22 H  N N 385 
VAL HG23 H  N N 386 
VAL HXT  H  N N 387 
ZN  ZN   ZN N N 388 
# 
loop_
_chem_comp_bond.comp_id 
_chem_comp_bond.atom_id_1 
_chem_comp_bond.atom_id_2 
_chem_comp_bond.value_order 
_chem_comp_bond.pdbx_aromatic_flag 
_chem_comp_bond.pdbx_stereo_config 
_chem_comp_bond.pdbx_ordinal 
ALA N   CA   sing N N 1   
ALA N   H    sing N N 2   
ALA N   H2   sing N N 3   
ALA CA  C    sing N N 4   
ALA CA  CB   sing N N 5   
ALA CA  HA   sing N N 6   
ALA C   O    doub N N 7   
ALA C   OXT  sing N N 8   
ALA CB  HB1  sing N N 9   
ALA CB  HB2  sing N N 10  
ALA CB  HB3  sing N N 11  
ALA OXT HXT  sing N N 12  
ARG N   CA   sing N N 13  
ARG N   H    sing N N 14  
ARG N   H2   sing N N 15  
ARG CA  C    sing N N 16  
ARG CA  CB   sing N N 17  
ARG CA  HA   sing N N 18  
ARG C   O    doub N N 19  
ARG C   OXT  sing N N 20  
ARG CB  CG   sing N N 21  
ARG CB  HB2  sing N N 22  
ARG CB  HB3  sing N N 23  
ARG CG  CD   sing N N 24  
ARG CG  HG2  sing N N 25  
ARG CG  HG3  sing N N 26  
ARG CD  NE   sing N N 27  
ARG CD  HD2  sing N N 28  
ARG CD  HD3  sing N N 29  
ARG NE  CZ   sing N N 30  
ARG NE  HE   sing N N 31  
ARG CZ  NH1  sing N N 32  
ARG CZ  NH2  doub N N 33  
ARG NH1 HH11 sing N N 34  
ARG NH1 HH12 sing N N 35  
ARG NH2 HH21 sing N N 36  
ARG NH2 HH22 sing N N 37  
ARG OXT HXT  sing N N 38  
ASN N   CA   sing N N 39  
ASN N   H    sing N N 40  
ASN N   H2   sing N N 41  
ASN CA  C    sing N N 42  
ASN CA  CB   sing N N 43  
ASN CA  HA   sing N N 44  
ASN C   O    doub N N 45  
ASN C   OXT  sing N N 46  
ASN CB  CG   sing N N 47  
ASN CB  HB2  sing N N 48  
ASN CB  HB3  sing N N 49  
ASN CG  OD1  doub N N 50  
ASN CG  ND2  sing N N 51  
ASN ND2 HD21 sing N N 52  
ASN ND2 HD22 sing N N 53  
ASN OXT HXT  sing N N 54  
ASP N   CA   sing N N 55  
ASP N   H    sing N N 56  
ASP N   H2   sing N N 57  
ASP CA  C    sing N N 58  
ASP CA  CB   sing N N 59  
ASP CA  HA   sing N N 60  
ASP C   O    doub N N 61  
ASP C   OXT  sing N N 62  
ASP CB  CG   sing N N 63  
ASP CB  HB2  sing N N 64  
ASP CB  HB3  sing N N 65  
ASP CG  OD1  doub N N 66  
ASP CG  OD2  sing N N 67  
ASP OD2 HD2  sing N N 68  
ASP OXT HXT  sing N N 69  
CYS N   CA   sing N N 70  
CYS N   H    sing N N 71  
CYS N   H2   sing N N 72  
CYS CA  C    sing N N 73  
CYS CA  CB   sing N N 74  
CYS CA  HA   sing N N 75  
CYS C   O    doub N N 76  
CYS C   OXT  sing N N 77  
CYS CB  SG   sing N N 78  
CYS CB  HB2  sing N N 79  
CYS CB  HB3  sing N N 80  
CYS SG  HG   sing N N 81  
CYS OXT HXT  sing N N 82  
GLN N   CA   sing N N 83  
GLN N   H    sing N N 84  
GLN N   H2   sing N N 85  
GLN CA  C    sing N N 86  
GLN CA  CB   sing N N 87  
GLN CA  HA   sing N N 88  
GLN C   O    doub N N 89  
GLN C   OXT  sing N N 90  
GLN CB  CG   sing N N 91  
GLN CB  HB2  sing N N 92  
GLN CB  HB3  sing N N 93  
GLN CG  CD   sing N N 94  
GLN CG  HG2  sing N N 95  
GLN CG  HG3  sing N N 96  
GLN CD  OE1  doub N N 97  
GLN CD  NE2  sing N N 98  
GLN NE2 HE21 sing N N 99  
GLN NE2 HE22 sing N N 100 
GLN OXT HXT  sing N N 101 
GLU N   CA   sing N N 102 
GLU N   H    sing N N 103 
GLU N   H2   sing N N 104 
GLU CA  C    sing N N 105 
GLU CA  CB   sing N N 106 
GLU CA  HA   sing N N 107 
GLU C   O    doub N N 108 
GLU C   OXT  sing N N 109 
GLU CB  CG   sing N N 110 
GLU CB  HB2  sing N N 111 
GLU CB  HB3  sing N N 112 
GLU CG  CD   sing N N 113 
GLU CG  HG2  sing N N 114 
GLU CG  HG3  sing N N 115 
GLU CD  OE1  doub N N 116 
GLU CD  OE2  sing N N 117 
GLU OE2 HE2  sing N N 118 
GLU OXT HXT  sing N N 119 
GLY N   CA   sing N N 120 
GLY N   H    sing N N 121 
GLY N   H2   sing N N 122 
GLY CA  C    sing N N 123 
GLY CA  HA2  sing N N 124 
GLY CA  HA3  sing N N 125 
GLY C   O    doub N N 126 
GLY C   OXT  sing N N 127 
GLY OXT HXT  sing N N 128 
HIS N   CA   sing N N 129 
HIS N   H    sing N N 130 
HIS N   H2   sing N N 131 
HIS CA  C    sing N N 132 
HIS CA  CB   sing N N 133 
HIS CA  HA   sing N N 134 
HIS C   O    doub N N 135 
HIS C   OXT  sing N N 136 
HIS CB  CG   sing N N 137 
HIS CB  HB2  sing N N 138 
HIS CB  HB3  sing N N 139 
HIS CG  ND1  sing Y N 140 
HIS CG  CD2  doub Y N 141 
HIS ND1 CE1  doub Y N 142 
HIS ND1 HD1  sing N N 143 
HIS CD2 NE2  sing Y N 144 
HIS CD2 HD2  sing N N 145 
HIS CE1 NE2  sing Y N 146 
HIS CE1 HE1  sing N N 147 
HIS NE2 HE2  sing N N 148 
HIS OXT HXT  sing N N 149 
ILE N   CA   sing N N 150 
ILE N   H    sing N N 151 
ILE N   H2   sing N N 152 
ILE CA  C    sing N N 153 
ILE CA  CB   sing N N 154 
ILE CA  HA   sing N N 155 
ILE C   O    doub N N 156 
ILE C   OXT  sing N N 157 
ILE CB  CG1  sing N N 158 
ILE CB  CG2  sing N N 159 
ILE CB  HB   sing N N 160 
ILE CG1 CD1  sing N N 161 
ILE CG1 HG12 sing N N 162 
ILE CG1 HG13 sing N N 163 
ILE CG2 HG21 sing N N 164 
ILE CG2 HG22 sing N N 165 
ILE CG2 HG23 sing N N 166 
ILE CD1 HD11 sing N N 167 
ILE CD1 HD12 sing N N 168 
ILE CD1 HD13 sing N N 169 
ILE OXT HXT  sing N N 170 
LEU N   CA   sing N N 171 
LEU N   H    sing N N 172 
LEU N   H2   sing N N 173 
LEU CA  C    sing N N 174 
LEU CA  CB   sing N N 175 
LEU CA  HA   sing N N 176 
LEU C   O    doub N N 177 
LEU C   OXT  sing N N 178 
LEU CB  CG   sing N N 179 
LEU CB  HB2  sing N N 180 
LEU CB  HB3  sing N N 181 
LEU CG  CD1  sing N N 182 
LEU CG  CD2  sing N N 183 
LEU CG  HG   sing N N 184 
LEU CD1 HD11 sing N N 185 
LEU CD1 HD12 sing N N 186 
LEU CD1 HD13 sing N N 187 
LEU CD2 HD21 sing N N 188 
LEU CD2 HD22 sing N N 189 
LEU CD2 HD23 sing N N 190 
LEU OXT HXT  sing N N 191 
LYS N   CA   sing N N 192 
LYS N   H    sing N N 193 
LYS N   H2   sing N N 194 
LYS CA  C    sing N N 195 
LYS CA  CB   sing N N 196 
LYS CA  HA   sing N N 197 
LYS C   O    doub N N 198 
LYS C   OXT  sing N N 199 
LYS CB  CG   sing N N 200 
LYS CB  HB2  sing N N 201 
LYS CB  HB3  sing N N 202 
LYS CG  CD   sing N N 203 
LYS CG  HG2  sing N N 204 
LYS CG  HG3  sing N N 205 
LYS CD  CE   sing N N 206 
LYS CD  HD2  sing N N 207 
LYS CD  HD3  sing N N 208 
LYS CE  NZ   sing N N 209 
LYS CE  HE2  sing N N 210 
LYS CE  HE3  sing N N 211 
LYS NZ  HZ1  sing N N 212 
LYS NZ  HZ2  sing N N 213 
LYS NZ  HZ3  sing N N 214 
LYS OXT HXT  sing N N 215 
MET N   CA   sing N N 216 
MET N   H    sing N N 217 
MET N   H2   sing N N 218 
MET CA  C    sing N N 219 
MET CA  CB   sing N N 220 
MET CA  HA   sing N N 221 
MET C   O    doub N N 222 
MET C   OXT  sing N N 223 
MET CB  CG   sing N N 224 
MET CB  HB2  sing N N 225 
MET CB  HB3  sing N N 226 
MET CG  SD   sing N N 227 
MET CG  HG2  sing N N 228 
MET CG  HG3  sing N N 229 
MET SD  CE   sing N N 230 
MET CE  HE1  sing N N 231 
MET CE  HE2  sing N N 232 
MET CE  HE3  sing N N 233 
MET OXT HXT  sing N N 234 
PHE N   CA   sing N N 235 
PHE N   H    sing N N 236 
PHE N   H2   sing N N 237 
PHE CA  C    sing N N 238 
PHE CA  CB   sing N N 239 
PHE CA  HA   sing N N 240 
PHE C   O    doub N N 241 
PHE C   OXT  sing N N 242 
PHE CB  CG   sing N N 243 
PHE CB  HB2  sing N N 244 
PHE CB  HB3  sing N N 245 
PHE CG  CD1  doub Y N 246 
PHE CG  CD2  sing Y N 247 
PHE CD1 CE1  sing Y N 248 
PHE CD1 HD1  sing N N 249 
PHE CD2 CE2  doub Y N 250 
PHE CD2 HD2  sing N N 251 
PHE CE1 CZ   doub Y N 252 
PHE CE1 HE1  sing N N 253 
PHE CE2 CZ   sing Y N 254 
PHE CE2 HE2  sing N N 255 
PHE CZ  HZ   sing N N 256 
PHE OXT HXT  sing N N 257 
PRO N   CA   sing N N 258 
PRO N   CD   sing N N 259 
PRO N   H    sing N N 260 
PRO CA  C    sing N N 261 
PRO CA  CB   sing N N 262 
PRO CA  HA   sing N N 263 
PRO C   O    doub N N 264 
PRO C   OXT  sing N N 265 
PRO CB  CG   sing N N 266 
PRO CB  HB2  sing N N 267 
PRO CB  HB3  sing N N 268 
PRO CG  CD   sing N N 269 
PRO CG  HG2  sing N N 270 
PRO CG  HG3  sing N N 271 
PRO CD  HD2  sing N N 272 
PRO CD  HD3  sing N N 273 
PRO OXT HXT  sing N N 274 
SER N   CA   sing N N 275 
SER N   H    sing N N 276 
SER N   H2   sing N N 277 
SER CA  C    sing N N 278 
SER CA  CB   sing N N 279 
SER CA  HA   sing N N 280 
SER C   O    doub N N 281 
SER C   OXT  sing N N 282 
SER CB  OG   sing N N 283 
SER CB  HB2  sing N N 284 
SER CB  HB3  sing N N 285 
SER OG  HG   sing N N 286 
SER OXT HXT  sing N N 287 
THR N   CA   sing N N 288 
THR N   H    sing N N 289 
THR N   H2   sing N N 290 
THR CA  C    sing N N 291 
THR CA  CB   sing N N 292 
THR CA  HA   sing N N 293 
THR C   O    doub N N 294 
THR C   OXT  sing N N 295 
THR CB  OG1  sing N N 296 
THR CB  CG2  sing N N 297 
THR CB  HB   sing N N 298 
THR OG1 HG1  sing N N 299 
THR CG2 HG21 sing N N 300 
THR CG2 HG22 sing N N 301 
THR CG2 HG23 sing N N 302 
THR OXT HXT  sing N N 303 
TRP N   CA   sing N N 304 
TRP N   H    sing N N 305 
TRP N   H2   sing N N 306 
TRP CA  C    sing N N 307 
TRP CA  CB   sing N N 308 
TRP CA  HA   sing N N 309 
TRP C   O    doub N N 310 
TRP C   OXT  sing N N 311 
TRP CB  CG   sing N N 312 
TRP CB  HB2  sing N N 313 
TRP CB  HB3  sing N N 314 
TRP CG  CD1  doub Y N 315 
TRP CG  CD2  sing Y N 316 
TRP CD1 NE1  sing Y N 317 
TRP CD1 HD1  sing N N 318 
TRP CD2 CE2  doub Y N 319 
TRP CD2 CE3  sing Y N 320 
TRP NE1 CE2  sing Y N 321 
TRP NE1 HE1  sing N N 322 
TRP CE2 CZ2  sing Y N 323 
TRP CE3 CZ3  doub Y N 324 
TRP CE3 HE3  sing N N 325 
TRP CZ2 CH2  doub Y N 326 
TRP CZ2 HZ2  sing N N 327 
TRP CZ3 CH2  sing Y N 328 
TRP CZ3 HZ3  sing N N 329 
TRP CH2 HH2  sing N N 330 
TRP OXT HXT  sing N N 331 
TYR N   CA   sing N N 332 
TYR N   H    sing N N 333 
TYR N   H2   sing N N 334 
TYR CA  C    sing N N 335 
TYR CA  CB   sing N N 336 
TYR CA  HA   sing N N 337 
TYR C   O    doub N N 338 
TYR C   OXT  sing N N 339 
TYR CB  CG   sing N N 340 
TYR CB  HB2  sing N N 341 
TYR CB  HB3  sing N N 342 
TYR CG  CD1  doub Y N 343 
TYR CG  CD2  sing Y N 344 
TYR CD1 CE1  sing Y N 345 
TYR CD1 HD1  sing N N 346 
TYR CD2 CE2  doub Y N 347 
TYR CD2 HD2  sing N N 348 
TYR CE1 CZ   doub Y N 349 
TYR CE1 HE1  sing N N 350 
TYR CE2 CZ   sing Y N 351 
TYR CE2 HE2  sing N N 352 
TYR CZ  OH   sing N N 353 
TYR OH  HH   sing N N 354 
TYR OXT HXT  sing N N 355 
VAL N   CA   sing N N 356 
VAL N   H    sing N N 357 
VAL N   H2   sing N N 358 
VAL CA  C    sing N N 359 
VAL CA  CB   sing N N 360 
VAL CA  HA   sing N N 361 
VAL C   O    doub N N 362 
VAL C   OXT  sing N N 363 
VAL CB  CG1  sing N N 364 
VAL CB  CG2  sing N N 365 
VAL CB  HB   sing N N 366 
VAL CG1 HG11 sing N N 367 
VAL CG1 HG12 sing N N 368 
VAL CG1 HG13 sing N N 369 
VAL CG2 HG21 sing N N 370 
VAL CG2 HG22 sing N N 371 
VAL CG2 HG23 sing N N 372 
VAL OXT HXT  sing N N 373 
# 
_atom_sites.entry_id                    1CHC 
_atom_sites.fract_transf_matrix[1][1]   1.000000 
_atom_sites.fract_transf_matrix[1][2]   0.000000 
_atom_sites.fract_transf_matrix[1][3]   0.000000 
_atom_sites.fract_transf_matrix[2][1]   0.000000 
_atom_sites.fract_transf_matrix[2][2]   1.000000 
_atom_sites.fract_transf_matrix[2][3]   0.000000 
_atom_sites.fract_transf_matrix[3][1]   0.000000 
_atom_sites.fract_transf_matrix[3][2]   0.000000 
_atom_sites.fract_transf_matrix[3][3]   1.000000 
_atom_sites.fract_transf_vector[1]      0.00000 
_atom_sites.fract_transf_vector[2]      0.00000 
_atom_sites.fract_transf_vector[3]      0.00000 
# 
_atom_sites_footnote.id     1 
_atom_sites_footnote.text   'CIS PROLINE - PRO      23' 
# 
loop_
_atom_type.symbol 
C  
H  
N  
O  
S  
ZN 
# 
loop_
_atom_site.group_PDB 
_atom_site.id 
_atom_site.type_symbol 
_atom_site.label_atom_id 
_atom_site.label_alt_id 
_atom_site.label_comp_id 
_atom_site.label_asym_id 
_atom_site.label_entity_id 
_atom_site.label_seq_id 
_atom_site.pdbx_PDB_ins_code 
_atom_site.Cartn_x 
_atom_site.Cartn_y 
_atom_site.Cartn_z 
_atom_site.occupancy 
_atom_site.B_iso_or_equiv 
_atom_site.pdbx_formal_charge 
_atom_site.auth_seq_id 
_atom_site.auth_comp_id 
_atom_site.auth_asym_id 
_atom_site.auth_atom_id 
_atom_site.pdbx_PDB_model_num 
ATOM   1    N  N    . MET A 1 1  ? -21.894 2.068   4.642   1.00 0.00 ? 1  MET A N    1 
ATOM   2    C  CA   . MET A 1 1  ? -20.453 1.688   4.736   1.00 0.00 ? 1  MET A CA   1 
ATOM   3    C  C    . MET A 1 1  ? -19.570 2.944   4.835   1.00 0.00 ? 1  MET A C    1 
ATOM   4    O  O    . MET A 1 1  ? -20.048 4.057   4.721   1.00 0.00 ? 1  MET A O    1 
ATOM   5    C  CB   . MET A 1 1  ? -20.032 0.864   3.487   1.00 0.00 ? 1  MET A CB   1 
ATOM   6    C  CG   . MET A 1 1  ? -20.766 -0.496  3.467   1.00 0.00 ? 1  MET A CG   1 
ATOM   7    S  SD   . MET A 1 1  ? -22.566 -0.506  3.260   1.00 0.00 ? 1  MET A SD   1 
ATOM   8    C  CE   . MET A 1 1  ? -22.624 -0.665  1.457   1.00 0.00 ? 1  MET A CE   1 
ATOM   9    H  H1   . MET A 1 1  ? -22.292 1.719   3.748   1.00 0.00 ? 1  MET A H1   1 
ATOM   10   H  H2   . MET A 1 1  ? -21.986 3.103   4.678   1.00 0.00 ? 1  MET A H2   1 
ATOM   11   H  H3   . MET A 1 1  ? -22.412 1.648   5.440   1.00 0.00 ? 1  MET A H3   1 
ATOM   12   H  HA   . MET A 1 1  ? -20.312 1.101   5.632   1.00 0.00 ? 1  MET A HA   1 
ATOM   13   H  HB2  . MET A 1 1  ? -20.279 1.413   2.590   1.00 0.00 ? 1  MET A HB2  1 
ATOM   14   H  HB3  . MET A 1 1  ? -18.966 0.691   3.500   1.00 0.00 ? 1  MET A HB3  1 
ATOM   15   H  HG2  . MET A 1 1  ? -20.337 -1.097  2.676   1.00 0.00 ? 1  MET A HG2  1 
ATOM   16   H  HG3  . MET A 1 1  ? -20.553 -1.003  4.396   1.00 0.00 ? 1  MET A HG3  1 
ATOM   17   H  HE1  . MET A 1 1  ? -22.133 0.178   0.994   1.00 0.00 ? 1  MET A HE1  1 
ATOM   18   H  HE2  . MET A 1 1  ? -23.657 -0.675  1.146   1.00 0.00 ? 1  MET A HE2  1 
ATOM   19   H  HE3  . MET A 1 1  ? -22.164 -1.596  1.153   1.00 0.00 ? 1  MET A HE3  1 
ATOM   20   N  N    . ALA A 1 2  ? -18.297 2.712   5.043   1.00 0.00 ? 2  ALA A N    1 
ATOM   21   C  CA   . ALA A 1 2  ? -17.294 3.818   5.167   1.00 0.00 ? 2  ALA A CA   1 
ATOM   22   C  C    . ALA A 1 2  ? -16.239 3.680   4.058   1.00 0.00 ? 2  ALA A C    1 
ATOM   23   O  O    . ALA A 1 2  ? -15.285 2.937   4.188   1.00 0.00 ? 2  ALA A O    1 
ATOM   24   C  CB   . ALA A 1 2  ? -16.639 3.730   6.556   1.00 0.00 ? 2  ALA A CB   1 
ATOM   25   H  H    . ALA A 1 2  ? -17.991 1.785   5.120   1.00 0.00 ? 2  ALA A H    1 
ATOM   26   H  HA   . ALA A 1 2  ? -17.786 4.774   5.061   1.00 0.00 ? 2  ALA A HA   1 
ATOM   27   H  HB1  . ALA A 1 2  ? -17.392 3.843   7.321   1.00 0.00 ? 2  ALA A HB1  1 
ATOM   28   H  HB2  . ALA A 1 2  ? -15.908 4.516   6.668   1.00 0.00 ? 2  ALA A HB2  1 
ATOM   29   H  HB3  . ALA A 1 2  ? -16.153 2.775   6.683   1.00 0.00 ? 2  ALA A HB3  1 
ATOM   30   N  N    . THR A 1 3  ? -16.458 4.413   2.996   1.00 0.00 ? 3  THR A N    1 
ATOM   31   C  CA   . THR A 1 3  ? -15.528 4.396   1.822   1.00 0.00 ? 3  THR A CA   1 
ATOM   32   C  C    . THR A 1 3  ? -14.720 5.707   1.784   1.00 0.00 ? 3  THR A C    1 
ATOM   33   O  O    . THR A 1 3  ? -14.822 6.499   0.866   1.00 0.00 ? 3  THR A O    1 
ATOM   34   C  CB   . THR A 1 3  ? -16.384 4.216   0.536   1.00 0.00 ? 3  THR A CB   1 
ATOM   35   O  OG1  . THR A 1 3  ? -17.331 5.279   0.567   1.00 0.00 ? 3  THR A OG1  1 
ATOM   36   C  CG2  . THR A 1 3  ? -17.223 2.922   0.589   1.00 0.00 ? 3  THR A CG2  1 
ATOM   37   H  H    . THR A 1 3  ? -17.252 4.987   2.967   1.00 0.00 ? 3  THR A H    1 
ATOM   38   H  HA   . THR A 1 3  ? -14.839 3.569   1.911   1.00 0.00 ? 3  THR A HA   1 
ATOM   39   H  HB   . THR A 1 3  ? -15.794 4.280   -0.365  1.00 0.00 ? 3  THR A HB   1 
ATOM   40   H  HG1  . THR A 1 3  ? -18.217 4.911   0.602   1.00 0.00 ? 3  THR A HG1  1 
ATOM   41   H  HG21 . THR A 1 3  ? -17.903 2.936   1.430   1.00 0.00 ? 3  THR A HG21 1 
ATOM   42   H  HG22 . THR A 1 3  ? -16.574 2.064   0.680   1.00 0.00 ? 3  THR A HG22 1 
ATOM   43   H  HG23 . THR A 1 3  ? -17.800 2.826   -0.320  1.00 0.00 ? 3  THR A HG23 1 
ATOM   44   N  N    . VAL A 1 4  ? -13.932 5.877   2.818   1.00 0.00 ? 4  VAL A N    1 
ATOM   45   C  CA   . VAL A 1 4  ? -13.063 7.091   2.967   1.00 0.00 ? 4  VAL A CA   1 
ATOM   46   C  C    . VAL A 1 4  ? -11.579 6.667   3.049   1.00 0.00 ? 4  VAL A C    1 
ATOM   47   O  O    . VAL A 1 4  ? -11.283 5.496   3.189   1.00 0.00 ? 4  VAL A O    1 
ATOM   48   C  CB   . VAL A 1 4  ? -13.549 7.836   4.255   1.00 0.00 ? 4  VAL A CB   1 
ATOM   49   C  CG1  . VAL A 1 4  ? -13.358 6.948   5.511   1.00 0.00 ? 4  VAL A CG1  1 
ATOM   50   C  CG2  . VAL A 1 4  ? -12.818 9.182   4.453   1.00 0.00 ? 4  VAL A CG2  1 
ATOM   51   H  H    . VAL A 1 4  ? -13.911 5.191   3.516   1.00 0.00 ? 4  VAL A H    1 
ATOM   52   H  HA   . VAL A 1 4  ? -13.186 7.735   2.107   1.00 0.00 ? 4  VAL A HA   1 
ATOM   53   H  HB   . VAL A 1 4  ? -14.604 8.042   4.145   1.00 0.00 ? 4  VAL A HB   1 
ATOM   54   H  HG11 . VAL A 1 4  ? -13.703 7.474   6.389   1.00 0.00 ? 4  VAL A HG11 1 
ATOM   55   H  HG12 . VAL A 1 4  ? -12.316 6.695   5.647   1.00 0.00 ? 4  VAL A HG12 1 
ATOM   56   H  HG13 . VAL A 1 4  ? -13.928 6.036   5.414   1.00 0.00 ? 4  VAL A HG13 1 
ATOM   57   H  HG21 . VAL A 1 4  ? -11.759 9.033   4.596   1.00 0.00 ? 4  VAL A HG21 1 
ATOM   58   H  HG22 . VAL A 1 4  ? -13.210 9.683   5.326   1.00 0.00 ? 4  VAL A HG22 1 
ATOM   59   H  HG23 . VAL A 1 4  ? -12.971 9.821   3.595   1.00 0.00 ? 4  VAL A HG23 1 
ATOM   60   N  N    . ALA A 1 5  ? -10.704 7.642   2.952   1.00 0.00 ? 5  ALA A N    1 
ATOM   61   C  CA   . ALA A 1 5  ? -9.217  7.418   3.013   1.00 0.00 ? 5  ALA A CA   1 
ATOM   62   C  C    . ALA A 1 5  ? -8.767  6.464   4.136   1.00 0.00 ? 5  ALA A C    1 
ATOM   63   O  O    . ALA A 1 5  ? -9.497  6.231   5.082   1.00 0.00 ? 5  ALA A O    1 
ATOM   64   C  CB   . ALA A 1 5  ? -8.528  8.777   3.205   1.00 0.00 ? 5  ALA A CB   1 
ATOM   65   H  H    . ALA A 1 5  ? -11.035 8.556   2.833   1.00 0.00 ? 5  ALA A H    1 
ATOM   66   H  HA   . ALA A 1 5  ? -8.907  6.996   2.068   1.00 0.00 ? 5  ALA A HA   1 
ATOM   67   H  HB1  . ALA A 1 5  ? -8.870  9.238   4.120   1.00 0.00 ? 5  ALA A HB1  1 
ATOM   68   H  HB2  . ALA A 1 5  ? -8.762  9.430   2.378   1.00 0.00 ? 5  ALA A HB2  1 
ATOM   69   H  HB3  . ALA A 1 5  ? -7.458  8.650   3.257   1.00 0.00 ? 5  ALA A HB3  1 
ATOM   70   N  N    . GLU A 1 6  ? -7.569  5.949   3.992   1.00 0.00 ? 6  GLU A N    1 
ATOM   71   C  CA   . GLU A 1 6  ? -7.015  5.005   5.016   1.00 0.00 ? 6  GLU A CA   1 
ATOM   72   C  C    . GLU A 1 6  ? -5.655  5.496   5.543   1.00 0.00 ? 6  GLU A C    1 
ATOM   73   O  O    . GLU A 1 6  ? -4.722  4.727   5.670   1.00 0.00 ? 6  GLU A O    1 
ATOM   74   C  CB   . GLU A 1 6  ? -6.870  3.615   4.366   1.00 0.00 ? 6  GLU A CB   1 
ATOM   75   C  CG   . GLU A 1 6  ? -8.243  3.153   3.807   1.00 0.00 ? 6  GLU A CG   1 
ATOM   76   C  CD   . GLU A 1 6  ? -8.233  1.670   3.371   1.00 0.00 ? 6  GLU A CD   1 
ATOM   77   O  OE1  . GLU A 1 6  ? -7.389  0.926   3.847   1.00 0.00 ? 6  GLU A OE1  1 
ATOM   78   O  OE2  . GLU A 1 6  ? -9.101  1.355   2.572   1.00 0.00 ? 6  GLU A OE2  1 
ATOM   79   H  H    . GLU A 1 6  ? -7.033  6.184   3.208   1.00 0.00 ? 6  GLU A H    1 
ATOM   80   H  HA   . GLU A 1 6  ? -7.690  4.939   5.855   1.00 0.00 ? 6  GLU A HA   1 
ATOM   81   H  HB2  . GLU A 1 6  ? -6.153  3.667   3.559   1.00 0.00 ? 6  GLU A HB2  1 
ATOM   82   H  HB3  . GLU A 1 6  ? -6.507  2.914   5.104   1.00 0.00 ? 6  GLU A HB3  1 
ATOM   83   H  HG2  . GLU A 1 6  ? -9.009  3.281   4.558   1.00 0.00 ? 6  GLU A HG2  1 
ATOM   84   H  HG3  . GLU A 1 6  ? -8.499  3.761   2.951   1.00 0.00 ? 6  GLU A HG3  1 
ATOM   85   N  N    . ARG A 1 7  ? -5.623  6.774   5.829   1.00 0.00 ? 7  ARG A N    1 
ATOM   86   C  CA   . ARG A 1 7  ? -4.428  7.508   6.359   1.00 0.00 ? 7  ARG A CA   1 
ATOM   87   C  C    . ARG A 1 7  ? -3.141  6.694   6.640   1.00 0.00 ? 7  ARG A C    1 
ATOM   88   O  O    . ARG A 1 7  ? -2.775  6.548   7.790   1.00 0.00 ? 7  ARG A O    1 
ATOM   89   C  CB   . ARG A 1 7  ? -4.910  8.233   7.641   1.00 0.00 ? 7  ARG A CB   1 
ATOM   90   C  CG   . ARG A 1 7  ? -5.884  9.372   7.288   1.00 0.00 ? 7  ARG A CG   1 
ATOM   91   C  CD   . ARG A 1 7  ? -6.333  10.055  8.609   1.00 0.00 ? 7  ARG A CD   1 
ATOM   92   N  NE   . ARG A 1 7  ? -7.240  11.226  8.359   1.00 0.00 ? 7  ARG A NE   1 
ATOM   93   C  CZ   . ARG A 1 7  ? -7.512  11.644  7.151   1.00 0.00 ? 7  ARG A CZ   1 
ATOM   94   N  NH1  . ARG A 1 7  ? -6.741  12.549  6.613   1.00 0.00 ? 7  ARG A NH1  1 
ATOM   95   N  NH2  . ARG A 1 7  ? -8.542  11.142  6.529   1.00 0.00 ? 7  ARG A NH2  1 
ATOM   96   H  H    . ARG A 1 7  ? -6.435  7.301   5.693   1.00 0.00 ? 7  ARG A H    1 
ATOM   97   H  HA   . ARG A 1 7  ? -4.169  8.264   5.631   1.00 0.00 ? 7  ARG A HA   1 
ATOM   98   H  HB2  . ARG A 1 7  ? -5.409  7.522   8.283   1.00 0.00 ? 7  ARG A HB2  1 
ATOM   99   H  HB3  . ARG A 1 7  ? -4.077  8.645   8.178   1.00 0.00 ? 7  ARG A HB3  1 
ATOM   100  H  HG2  . ARG A 1 7  ? -5.389  10.090  6.650   1.00 0.00 ? 7  ARG A HG2  1 
ATOM   101  H  HG3  . ARG A 1 7  ? -6.747  8.977   6.772   1.00 0.00 ? 7  ARG A HG3  1 
ATOM   102  H  HD2  . ARG A 1 7  ? -6.855  9.346   9.234   1.00 0.00 ? 7  ARG A HD2  1 
ATOM   103  H  HD3  . ARG A 1 7  ? -5.466  10.412  9.145   1.00 0.00 ? 7  ARG A HD3  1 
ATOM   104  H  HE   . ARG A 1 7  ? -7.641  11.689  9.124   1.00 0.00 ? 7  ARG A HE   1 
ATOM   105  H  HH11 . ARG A 1 7  ? -5.959  12.908  7.124   1.00 0.00 ? 7  ARG A HH11 1 
ATOM   106  H  HH12 . ARG A 1 7  ? -6.928  12.884  5.690   1.00 0.00 ? 7  ARG A HH12 1 
ATOM   107  H  HH21 . ARG A 1 7  ? -9.109  10.453  6.981   1.00 0.00 ? 7  ARG A HH21 1 
ATOM   108  H  HH22 . ARG A 1 7  ? -8.764  11.444  5.602   1.00 0.00 ? 7  ARG A HH22 1 
ATOM   109  N  N    . CYS A 1 8  ? -2.510  6.192   5.594   1.00 0.00 ? 8  CYS A N    1 
ATOM   110  C  CA   . CYS A 1 8  ? -1.243  5.388   5.746   1.00 0.00 ? 8  CYS A CA   1 
ATOM   111  C  C    . CYS A 1 8  ? -0.546  5.352   7.127   1.00 0.00 ? 8  CYS A C    1 
ATOM   112  O  O    . CYS A 1 8  ? 0.138   6.289   7.490   1.00 0.00 ? 8  CYS A O    1 
ATOM   113  C  CB   . CYS A 1 8  ? -0.201  5.866   4.694   1.00 0.00 ? 8  CYS A CB   1 
ATOM   114  S  SG   . CYS A 1 8  ? 0.084   4.953   3.166   1.00 0.00 ? 8  CYS A SG   1 
ATOM   115  H  H    . CYS A 1 8  ? -2.877  6.351   4.700   1.00 0.00 ? 8  CYS A H    1 
ATOM   116  H  HA   . CYS A 1 8  ? -1.483  4.375   5.464   1.00 0.00 ? 8  CYS A HA   1 
ATOM   117  H  HB2  . CYS A 1 8  ? -0.530  6.844   4.378   1.00 0.00 ? 8  CYS A HB2  1 
ATOM   118  H  HB3  . CYS A 1 8  ? 0.761   6.020   5.097   1.00 0.00 ? 8  CYS A HB3  1 
ATOM   119  N  N    . PRO A 1 9  ? -0.740  4.277   7.863   1.00 0.00 ? 9  PRO A N    1 
ATOM   120  C  CA   . PRO A 1 9  ? 0.086   3.924   9.058   1.00 0.00 ? 9  PRO A CA   1 
ATOM   121  C  C    . PRO A 1 9  ? 1.615   3.981   8.839   1.00 0.00 ? 9  PRO A C    1 
ATOM   122  O  O    . PRO A 1 9  ? 2.371   3.757   9.765   1.00 0.00 ? 9  PRO A O    1 
ATOM   123  C  CB   . PRO A 1 9  ? -0.409  2.525   9.442   1.00 0.00 ? 9  PRO A CB   1 
ATOM   124  C  CG   . PRO A 1 9  ? -1.884  2.539   8.980   1.00 0.00 ? 9  PRO A CG   1 
ATOM   125  C  CD   . PRO A 1 9  ? -1.810  3.264   7.625   1.00 0.00 ? 9  PRO A CD   1 
ATOM   126  H  HA   . PRO A 1 9  ? -0.160  4.614   9.851   1.00 0.00 ? 9  PRO A HA   1 
ATOM   127  H  HB2  . PRO A 1 9  ? 0.151   1.758   8.929   1.00 0.00 ? 9  PRO A HB2  1 
ATOM   128  H  HB3  . PRO A 1 9  ? -0.339  2.364   10.506  1.00 0.00 ? 9  PRO A HB3  1 
ATOM   129  H  HG2  . PRO A 1 9  ? -2.238  1.529   8.846   1.00 0.00 ? 9  PRO A HG2  1 
ATOM   130  H  HG3  . PRO A 1 9  ? -2.522  3.059   9.678   1.00 0.00 ? 9  PRO A HG3  1 
ATOM   131  H  HD2  . PRO A 1 9  ? -1.517  2.605   6.824   1.00 0.00 ? 9  PRO A HD2  1 
ATOM   132  H  HD3  . PRO A 1 9  ? -2.743  3.758   7.394   1.00 0.00 ? 9  PRO A HD3  1 
ATOM   133  N  N    . ILE A 1 10 ? 2.016   4.276   7.625   1.00 0.00 ? 10 ILE A N    1 
ATOM   134  C  CA   . ILE A 1 10 ? 3.461   4.365   7.262   1.00 0.00 ? 10 ILE A CA   1 
ATOM   135  C  C    . ILE A 1 10 ? 3.898   5.797   6.893   1.00 0.00 ? 10 ILE A C    1 
ATOM   136  O  O    . ILE A 1 10 ? 4.868   6.285   7.442   1.00 0.00 ? 10 ILE A O    1 
ATOM   137  C  CB   . ILE A 1 10 ? 3.704   3.371   6.076   1.00 0.00 ? 10 ILE A CB   1 
ATOM   138  C  CG1  . ILE A 1 10 ? 5.195   3.510   5.624   1.00 0.00 ? 10 ILE A CG1  1 
ATOM   139  C  CG2  . ILE A 1 10 ? 2.712   3.612   4.917   1.00 0.00 ? 10 ILE A CG2  1 
ATOM   140  C  CD1  . ILE A 1 10 ? 5.571   2.533   4.511   1.00 0.00 ? 10 ILE A CD1  1 
ATOM   141  H  H    . ILE A 1 10 ? 1.350   4.443   6.928   1.00 0.00 ? 10 ILE A H    1 
ATOM   142  H  HA   . ILE A 1 10 ? 4.056   4.042   8.103   1.00 0.00 ? 10 ILE A HA   1 
ATOM   143  H  HB   . ILE A 1 10 ? 3.528   2.363   6.406   1.00 0.00 ? 10 ILE A HB   1 
ATOM   144  H  HG12 . ILE A 1 10 ? 5.352   4.507   5.244   1.00 0.00 ? 10 ILE A HG12 1 
ATOM   145  H  HG13 . ILE A 1 10 ? 5.852   3.365   6.465   1.00 0.00 ? 10 ILE A HG13 1 
ATOM   146  H  HG21 . ILE A 1 10 ? 1.695   3.548   5.274   1.00 0.00 ? 10 ILE A HG21 1 
ATOM   147  H  HG22 . ILE A 1 10 ? 2.845   2.834   4.184   1.00 0.00 ? 10 ILE A HG22 1 
ATOM   148  H  HG23 . ILE A 1 10 ? 2.861   4.572   4.449   1.00 0.00 ? 10 ILE A HG23 1 
ATOM   149  H  HD11 . ILE A 1 10 ? 5.011   2.760   3.626   1.00 0.00 ? 10 ILE A HD11 1 
ATOM   150  H  HD12 . ILE A 1 10 ? 5.364   1.516   4.797   1.00 0.00 ? 10 ILE A HD12 1 
ATOM   151  H  HD13 . ILE A 1 10 ? 6.621   2.627   4.275   1.00 0.00 ? 10 ILE A HD13 1 
ATOM   152  N  N    . CYS A 1 11 ? 3.183   6.422   5.990   1.00 0.00 ? 11 CYS A N    1 
ATOM   153  C  CA   . CYS A 1 11 ? 3.531   7.818   5.559   1.00 0.00 ? 11 CYS A CA   1 
ATOM   154  C  C    . CYS A 1 11 ? 2.458   8.812   6.045   1.00 0.00 ? 11 CYS A C    1 
ATOM   155  O  O    . CYS A 1 11 ? 2.757   9.758   6.745   1.00 0.00 ? 11 CYS A O    1 
ATOM   156  C  CB   . CYS A 1 11 ? 3.645   7.847   3.998   1.00 0.00 ? 11 CYS A CB   1 
ATOM   157  S  SG   . CYS A 1 11 ? 2.179   8.103   2.961   1.00 0.00 ? 11 CYS A SG   1 
ATOM   158  H  H    . CYS A 1 11 ? 2.416   5.961   5.596   1.00 0.00 ? 11 CYS A H    1 
ATOM   159  H  HA   . CYS A 1 11 ? 4.482   8.104   5.983   1.00 0.00 ? 11 CYS A HA   1 
ATOM   160  H  HB2  . CYS A 1 11 ? 4.350   8.625   3.739   1.00 0.00 ? 11 CYS A HB2  1 
ATOM   161  H  HB3  . CYS A 1 11 ? 4.083   6.913   3.685   1.00 0.00 ? 11 CYS A HB3  1 
ATOM   162  N  N    . LEU A 1 12 ? 1.241   8.547   5.644   1.00 0.00 ? 12 LEU A N    1 
ATOM   163  C  CA   . LEU A 1 12 ? 0.043   9.371   5.994   1.00 0.00 ? 12 LEU A CA   1 
ATOM   164  C  C    . LEU A 1 12 ? 0.154   10.773  5.384   1.00 0.00 ? 12 LEU A C    1 
ATOM   165  O  O    . LEU A 1 12 ? 0.181   11.789  6.054   1.00 0.00 ? 12 LEU A O    1 
ATOM   166  C  CB   . LEU A 1 12 ? -0.111  9.460   7.553   1.00 0.00 ? 12 LEU A CB   1 
ATOM   167  C  CG   . LEU A 1 12 ? -1.623  9.669   7.910   1.00 0.00 ? 12 LEU A CG   1 
ATOM   168  C  CD1  . LEU A 1 12 ? -1.862  9.388   9.403   1.00 0.00 ? 12 LEU A CD1  1 
ATOM   169  C  CD2  . LEU A 1 12 ? -2.143  11.091  7.587   1.00 0.00 ? 12 LEU A CD2  1 
ATOM   170  H  H    . LEU A 1 12 ? 1.106   7.763   5.077   1.00 0.00 ? 12 LEU A H    1 
ATOM   171  H  HA   . LEU A 1 12 ? -0.826  8.889   5.567   1.00 0.00 ? 12 LEU A HA   1 
ATOM   172  H  HB2  . LEU A 1 12 ? 0.241   8.548   8.007   1.00 0.00 ? 12 LEU A HB2  1 
ATOM   173  H  HB3  . LEU A 1 12 ? 0.479   10.274  7.951   1.00 0.00 ? 12 LEU A HB3  1 
ATOM   174  H  HG   . LEU A 1 12 ? -2.199  8.972   7.326   1.00 0.00 ? 12 LEU A HG   1 
ATOM   175  H  HD11 . LEU A 1 12 ? -1.266  10.045  10.015  1.00 0.00 ? 12 LEU A HD11 1 
ATOM   176  H  HD12 . LEU A 1 12 ? -1.604  8.361   9.622   1.00 0.00 ? 12 LEU A HD12 1 
ATOM   177  H  HD13 . LEU A 1 12 ? -2.905  9.535   9.648   1.00 0.00 ? 12 LEU A HD13 1 
ATOM   178  H  HD21 . LEU A 1 12 ? -1.564  11.836  8.114   1.00 0.00 ? 12 LEU A HD21 1 
ATOM   179  H  HD22 . LEU A 1 12 ? -3.176  11.180  7.890   1.00 0.00 ? 12 LEU A HD22 1 
ATOM   180  H  HD23 . LEU A 1 12 ? -2.094  11.287  6.528   1.00 0.00 ? 12 LEU A HD23 1 
ATOM   181  N  N    . GLU A 1 13 ? 0.228   10.753  4.085   1.00 0.00 ? 13 GLU A N    1 
ATOM   182  C  CA   . GLU A 1 13 ? 0.327   12.006  3.282   1.00 0.00 ? 13 GLU A CA   1 
ATOM   183  C  C    . GLU A 1 13 ? -0.837  11.831  2.300   1.00 0.00 ? 13 GLU A C    1 
ATOM   184  O  O    . GLU A 1 13 ? -0.716  12.091  1.119   1.00 0.00 ? 13 GLU A O    1 
ATOM   185  C  CB   . GLU A 1 13 ? 1.712   12.029  2.580   1.00 0.00 ? 13 GLU A CB   1 
ATOM   186  C  CG   . GLU A 1 13 ? 1.936   13.363  1.799   1.00 0.00 ? 13 GLU A CG   1 
ATOM   187  C  CD   . GLU A 1 13 ? 1.987   14.621  2.705   1.00 0.00 ? 13 GLU A CD   1 
ATOM   188  O  OE1  . GLU A 1 13 ? 2.063   14.483  3.916   1.00 0.00 ? 13 GLU A OE1  1 
ATOM   189  O  OE2  . GLU A 1 13 ? 1.952   15.683  2.105   1.00 0.00 ? 13 GLU A OE2  1 
ATOM   190  H  H    . GLU A 1 13 ? 0.219   9.886   3.624   1.00 0.00 ? 13 GLU A H    1 
ATOM   191  H  HA   . GLU A 1 13 ? 0.143   12.871  3.901   1.00 0.00 ? 13 GLU A HA   1 
ATOM   192  H  HB2  . GLU A 1 13 ? 2.493   11.906  3.316   1.00 0.00 ? 13 GLU A HB2  1 
ATOM   193  H  HB3  . GLU A 1 13 ? 1.772   11.202  1.887   1.00 0.00 ? 13 GLU A HB3  1 
ATOM   194  H  HG2  . GLU A 1 13 ? 2.877   13.298  1.271   1.00 0.00 ? 13 GLU A HG2  1 
ATOM   195  H  HG3  . GLU A 1 13 ? 1.158   13.502  1.064   1.00 0.00 ? 13 GLU A HG3  1 
ATOM   196  N  N    . ASP A 1 14 ? -1.937  11.379  2.862   1.00 0.00 ? 14 ASP A N    1 
ATOM   197  C  CA   . ASP A 1 14 ? -3.204  11.117  2.111   1.00 0.00 ? 14 ASP A CA   1 
ATOM   198  C  C    . ASP A 1 14 ? -2.879  9.917   1.199   1.00 0.00 ? 14 ASP A C    1 
ATOM   199  O  O    . ASP A 1 14 ? -2.187  10.101  0.218   1.00 0.00 ? 14 ASP A O    1 
ATOM   200  C  CB   . ASP A 1 14 ? -3.621  12.361  1.251   1.00 0.00 ? 14 ASP A CB   1 
ATOM   201  C  CG   . ASP A 1 14 ? -3.844  13.591  2.156   1.00 0.00 ? 14 ASP A CG   1 
ATOM   202  O  OD1  . ASP A 1 14 ? -2.857  14.070  2.693   1.00 0.00 ? 14 ASP A OD1  1 
ATOM   203  O  OD2  . ASP A 1 14 ? -4.994  13.985  2.264   1.00 0.00 ? 14 ASP A OD2  1 
ATOM   204  H  H    . ASP A 1 14 ? -1.931  11.204  3.826   1.00 0.00 ? 14 ASP A H    1 
ATOM   205  H  HA   . ASP A 1 14 ? -3.979  10.856  2.817   1.00 0.00 ? 14 ASP A HA   1 
ATOM   206  H  HB2  . ASP A 1 14 ? -2.879  12.607  0.508   1.00 0.00 ? 14 ASP A HB2  1 
ATOM   207  H  HB3  . ASP A 1 14 ? -4.542  12.134  0.733   1.00 0.00 ? 14 ASP A HB3  1 
ATOM   208  N  N    . PRO A 1 15 ? -3.354  8.730   1.525   1.00 0.00 ? 15 PRO A N    1 
ATOM   209  C  CA   . PRO A 1 15 ? -2.849  7.465   0.916   1.00 0.00 ? 15 PRO A CA   1 
ATOM   210  C  C    . PRO A 1 15 ? -3.571  7.191   -0.444  1.00 0.00 ? 15 PRO A C    1 
ATOM   211  O  O    . PRO A 1 15 ? -4.020  6.095   -0.709  1.00 0.00 ? 15 PRO A O    1 
ATOM   212  C  CB   . PRO A 1 15 ? -3.134  6.451   2.013   1.00 0.00 ? 15 PRO A CB   1 
ATOM   213  C  CG   . PRO A 1 15 ? -4.548  6.901   2.464   1.00 0.00 ? 15 PRO A CG   1 
ATOM   214  C  CD   . PRO A 1 15 ? -4.425  8.453   2.527   1.00 0.00 ? 15 PRO A CD   1 
ATOM   215  H  HA   . PRO A 1 15 ? -1.777  7.533   0.806   1.00 0.00 ? 15 PRO A HA   1 
ATOM   216  H  HB2  . PRO A 1 15 ? -3.065  5.427   1.682   1.00 0.00 ? 15 PRO A HB2  1 
ATOM   217  H  HB3  . PRO A 1 15 ? -2.435  6.578   2.822   1.00 0.00 ? 15 PRO A HB3  1 
ATOM   218  H  HG2  . PRO A 1 15 ? -5.305  6.598   1.755   1.00 0.00 ? 15 PRO A HG2  1 
ATOM   219  H  HG3  . PRO A 1 15 ? -4.781  6.497   3.435   1.00 0.00 ? 15 PRO A HG3  1 
ATOM   220  H  HD2  . PRO A 1 15 ? -5.340  8.941   2.223   1.00 0.00 ? 15 PRO A HD2  1 
ATOM   221  H  HD3  . PRO A 1 15 ? -4.114  8.794   3.503   1.00 0.00 ? 15 PRO A HD3  1 
ATOM   222  N  N    . SER A 1 16 ? -3.643  8.237   -1.236  1.00 0.00 ? 16 SER A N    1 
ATOM   223  C  CA   . SER A 1 16 ? -4.269  8.294   -2.602  1.00 0.00 ? 16 SER A CA   1 
ATOM   224  C  C    . SER A 1 16 ? -4.420  6.974   -3.375  1.00 0.00 ? 16 SER A C    1 
ATOM   225  O  O    . SER A 1 16 ? -5.523  6.497   -3.564  1.00 0.00 ? 16 SER A O    1 
ATOM   226  C  CB   . SER A 1 16 ? -3.441  9.307   -3.430  1.00 0.00 ? 16 SER A CB   1 
ATOM   227  O  OG   . SER A 1 16 ? -4.076  9.402   -4.700  1.00 0.00 ? 16 SER A OG   1 
ATOM   228  H  H    . SER A 1 16 ? -3.249  9.063   -0.907  1.00 0.00 ? 16 SER A H    1 
ATOM   229  H  HA   . SER A 1 16 ? -5.260  8.711   -2.478  1.00 0.00 ? 16 SER A HA   1 
ATOM   230  H  HB2  . SER A 1 16 ? -3.446  10.279  -2.960  1.00 0.00 ? 16 SER A HB2  1 
ATOM   231  H  HB3  . SER A 1 16 ? -2.423  8.971   -3.563  1.00 0.00 ? 16 SER A HB3  1 
ATOM   232  H  HG   . SER A 1 16 ? -4.866  8.855   -4.699  1.00 0.00 ? 16 SER A HG   1 
ATOM   233  N  N    . ASN A 1 17 ? -3.306  6.424   -3.795  1.00 0.00 ? 17 ASN A N    1 
ATOM   234  C  CA   . ASN A 1 17 ? -3.342  5.139   -4.562  1.00 0.00 ? 17 ASN A CA   1 
ATOM   235  C  C    . ASN A 1 17 ? -3.390  4.008   -3.544  1.00 0.00 ? 17 ASN A C    1 
ATOM   236  O  O    . ASN A 1 17 ? -3.292  4.276   -2.365  1.00 0.00 ? 17 ASN A O    1 
ATOM   237  C  CB   . ASN A 1 17 ? -2.071  5.021   -5.426  1.00 0.00 ? 17 ASN A CB   1 
ATOM   238  C  CG   . ASN A 1 17 ? -1.989  6.129   -6.496  1.00 0.00 ? 17 ASN A CG   1 
ATOM   239  O  OD1  . ASN A 1 17 ? -1.080  6.146   -7.302  1.00 0.00 ? 17 ASN A OD1  1 
ATOM   240  N  ND2  . ASN A 1 17 ? -2.896  7.068   -6.555  1.00 0.00 ? 17 ASN A ND2  1 
ATOM   241  H  H    . ASN A 1 17 ? -2.447  6.855   -3.604  1.00 0.00 ? 17 ASN A H    1 
ATOM   242  H  HA   . ASN A 1 17 ? -4.231  5.102   -5.177  1.00 0.00 ? 17 ASN A HA   1 
ATOM   243  H  HB2  . ASN A 1 17 ? -1.193  5.091   -4.799  1.00 0.00 ? 17 ASN A HB2  1 
ATOM   244  H  HB3  . ASN A 1 17 ? -2.066  4.065   -5.927  1.00 0.00 ? 17 ASN A HB3  1 
ATOM   245  H  HD21 . ASN A 1 17 ? -3.638  7.083   -5.915  1.00 0.00 ? 17 ASN A HD21 1 
ATOM   246  H  HD22 . ASN A 1 17 ? -2.833  7.762   -7.245  1.00 0.00 ? 17 ASN A HD22 1 
ATOM   247  N  N    . TYR A 1 18 ? -3.545  2.784   -3.982  1.00 0.00 ? 18 TYR A N    1 
ATOM   248  C  CA   . TYR A 1 18 ? -3.595  1.680   -2.977  1.00 0.00 ? 18 TYR A CA   1 
ATOM   249  C  C    . TYR A 1 18 ? -2.854  0.376   -3.271  1.00 0.00 ? 18 TYR A C    1 
ATOM   250  O  O    . TYR A 1 18 ? -2.812  -0.134  -4.372  1.00 0.00 ? 18 TYR A O    1 
ATOM   251  C  CB   . TYR A 1 18 ? -5.089  1.373   -2.699  1.00 0.00 ? 18 TYR A CB   1 
ATOM   252  C  CG   . TYR A 1 18 ? -5.706  2.455   -1.782  1.00 0.00 ? 18 TYR A CG   1 
ATOM   253  C  CD1  . TYR A 1 18 ? -5.181  2.693   -0.525  1.00 0.00 ? 18 TYR A CD1  1 
ATOM   254  C  CD2  . TYR A 1 18 ? -6.801  3.196   -2.179  1.00 0.00 ? 18 TYR A CD2  1 
ATOM   255  C  CE1  . TYR A 1 18 ? -5.724  3.636   0.312   1.00 0.00 ? 18 TYR A CE1  1 
ATOM   256  C  CE2  . TYR A 1 18 ? -7.350  4.145   -1.340  1.00 0.00 ? 18 TYR A CE2  1 
ATOM   257  C  CZ   . TYR A 1 18 ? -6.816  4.374   -0.085  1.00 0.00 ? 18 TYR A CZ   1 
ATOM   258  O  OH   . TYR A 1 18 ? -7.361  5.320   0.760   1.00 0.00 ? 18 TYR A OH   1 
ATOM   259  H  H    . TYR A 1 18 ? -3.625  2.599   -4.938  1.00 0.00 ? 18 TYR A H    1 
ATOM   260  H  HA   . TYR A 1 18 ? -3.162  2.057   -2.067  1.00 0.00 ? 18 TYR A HA   1 
ATOM   261  H  HB2  . TYR A 1 18 ? -5.631  1.351   -3.634  1.00 0.00 ? 18 TYR A HB2  1 
ATOM   262  H  HB3  . TYR A 1 18 ? -5.201  0.412   -2.220  1.00 0.00 ? 18 TYR A HB3  1 
ATOM   263  H  HD1  . TYR A 1 18 ? -4.325  2.138   -0.180  1.00 0.00 ? 18 TYR A HD1  1 
ATOM   264  H  HD2  . TYR A 1 18 ? -7.233  3.041   -3.154  1.00 0.00 ? 18 TYR A HD2  1 
ATOM   265  H  HE1  . TYR A 1 18 ? -5.284  3.786   1.286   1.00 0.00 ? 18 TYR A HE1  1 
ATOM   266  H  HE2  . TYR A 1 18 ? -8.208  4.705   -1.678  1.00 0.00 ? 18 TYR A HE2  1 
ATOM   267  H  HH   . TYR A 1 18 ? -6.972  5.196   1.629   1.00 0.00 ? 18 TYR A HH   1 
ATOM   268  N  N    . SER A 1 19 ? -2.297  -0.075  -2.180  1.00 0.00 ? 19 SER A N    1 
ATOM   269  C  CA   . SER A 1 19 ? -1.500  -1.321  -2.055  1.00 0.00 ? 19 SER A CA   1 
ATOM   270  C  C    . SER A 1 19 ? -2.190  -1.971  -0.842  1.00 0.00 ? 19 SER A C    1 
ATOM   271  O  O    . SER A 1 19 ? -2.070  -1.492  0.270   1.00 0.00 ? 19 SER A O    1 
ATOM   272  C  CB   . SER A 1 19 ? -0.043  -0.942  -1.784  1.00 0.00 ? 19 SER A CB   1 
ATOM   273  O  OG   . SER A 1 19 ? 0.145   -0.630  -0.416  1.00 0.00 ? 19 SER A OG   1 
ATOM   274  H  H    . SER A 1 19 ? -2.409  0.462   -1.375  1.00 0.00 ? 19 SER A H    1 
ATOM   275  H  HA   . SER A 1 19 ? -1.546  -1.915  -2.954  1.00 0.00 ? 19 SER A HA   1 
ATOM   276  H  HB2  . SER A 1 19 ? 0.684   -1.668  -2.122  1.00 0.00 ? 19 SER A HB2  1 
ATOM   277  H  HB3  . SER A 1 19 ? 0.098   -0.030  -2.314  1.00 0.00 ? 19 SER A HB3  1 
ATOM   278  H  HG   . SER A 1 19 ? 0.789   -1.253  -0.077  1.00 0.00 ? 19 SER A HG   1 
ATOM   279  N  N    . MET A 1 20 ? -2.904  -3.034  -1.059  1.00 0.00 ? 20 MET A N    1 
ATOM   280  C  CA   . MET A 1 20 ? -3.592  -3.698  0.085   1.00 0.00 ? 20 MET A CA   1 
ATOM   281  C  C    . MET A 1 20 ? -2.672  -4.816  0.508   1.00 0.00 ? 20 MET A C    1 
ATOM   282  O  O    . MET A 1 20 ? -2.299  -5.622  -0.317  1.00 0.00 ? 20 MET A O    1 
ATOM   283  C  CB   . MET A 1 20 ? -4.950  -4.252  -0.390  1.00 0.00 ? 20 MET A CB   1 
ATOM   284  C  CG   . MET A 1 20 ? -5.892  -3.087  -0.700  1.00 0.00 ? 20 MET A CG   1 
ATOM   285  S  SD   . MET A 1 20 ? -7.492  -3.473  -1.454  1.00 0.00 ? 20 MET A SD   1 
ATOM   286  C  CE   . MET A 1 20 ? -7.068  -3.119  -3.180  1.00 0.00 ? 20 MET A CE   1 
ATOM   287  H  H    . MET A 1 20 ? -2.980  -3.391  -1.964  1.00 0.00 ? 20 MET A H    1 
ATOM   288  H  HA   . MET A 1 20 ? -3.731  -3.014  0.909   1.00 0.00 ? 20 MET A HA   1 
ATOM   289  H  HB2  . MET A 1 20 ? -4.814  -4.841  -1.281  1.00 0.00 ? 20 MET A HB2  1 
ATOM   290  H  HB3  . MET A 1 20 ? -5.388  -4.877  0.372   1.00 0.00 ? 20 MET A HB3  1 
ATOM   291  H  HG2  . MET A 1 20 ? -6.094  -2.576  0.226   1.00 0.00 ? 20 MET A HG2  1 
ATOM   292  H  HG3  . MET A 1 20 ? -5.375  -2.391  -1.337  1.00 0.00 ? 20 MET A HG3  1 
ATOM   293  H  HE1  . MET A 1 20 ? -6.872  -2.063  -3.302  1.00 0.00 ? 20 MET A HE1  1 
ATOM   294  H  HE2  . MET A 1 20 ? -7.907  -3.394  -3.803  1.00 0.00 ? 20 MET A HE2  1 
ATOM   295  H  HE3  . MET A 1 20 ? -6.215  -3.705  -3.482  1.00 0.00 ? 20 MET A HE3  1 
ATOM   296  N  N    . ALA A 1 21 ? -2.345  -4.813  1.772   1.00 0.00 ? 21 ALA A N    1 
ATOM   297  C  CA   . ALA A 1 21 ? -1.443  -5.859  2.333   1.00 0.00 ? 21 ALA A CA   1 
ATOM   298  C  C    . ALA A 1 21 ? -2.427  -6.965  2.709   1.00 0.00 ? 21 ALA A C    1 
ATOM   299  O  O    . ALA A 1 21 ? -3.332  -6.744  3.493   1.00 0.00 ? 21 ALA A O    1 
ATOM   300  C  CB   . ALA A 1 21 ? -0.725  -5.320  3.586   1.00 0.00 ? 21 ALA A CB   1 
ATOM   301  H  H    . ALA A 1 21 ? -2.705  -4.107  2.343   1.00 0.00 ? 21 ALA A H    1 
ATOM   302  H  HA   . ALA A 1 21 ? -0.742  -6.191  1.564   1.00 0.00 ? 21 ALA A HA   1 
ATOM   303  H  HB1  . ALA A 1 21 ? -0.073  -6.077  3.998   1.00 0.00 ? 21 ALA A HB1  1 
ATOM   304  H  HB2  . ALA A 1 21 ? -1.445  -5.041  4.343   1.00 0.00 ? 21 ALA A HB2  1 
ATOM   305  H  HB3  . ALA A 1 21 ? -0.133  -4.453  3.335   1.00 0.00 ? 21 ALA A HB3  1 
ATOM   306  N  N    . LEU A 1 22 ? -2.181  -8.099  2.111   1.00 0.00 ? 22 LEU A N    1 
ATOM   307  C  CA   . LEU A 1 22 ? -2.981  -9.348  2.279   1.00 0.00 ? 22 LEU A CA   1 
ATOM   308  C  C    . LEU A 1 22 ? -2.261  -10.329 3.223   1.00 0.00 ? 22 LEU A C    1 
ATOM   309  O  O    . LEU A 1 22 ? -1.075  -10.193 3.445   1.00 0.00 ? 22 LEU A O    1 
ATOM   310  C  CB   . LEU A 1 22 ? -3.162  -10.000 0.876   1.00 0.00 ? 22 LEU A CB   1 
ATOM   311  C  CG   . LEU A 1 22 ? -4.299  -9.381  0.012   1.00 0.00 ? 22 LEU A CG   1 
ATOM   312  C  CD1  . LEU A 1 22 ? -5.679  -9.546  0.676   1.00 0.00 ? 22 LEU A CD1  1 
ATOM   313  C  CD2  . LEU A 1 22 ? -4.052  -7.898  -0.275  1.00 0.00 ? 22 LEU A CD2  1 
ATOM   314  H  H    . LEU A 1 22 ? -1.422  -8.146  1.506   1.00 0.00 ? 22 LEU A H    1 
ATOM   315  H  HA   . LEU A 1 22 ? -3.940  -9.081  2.686   1.00 0.00 ? 22 LEU A HA   1 
ATOM   316  H  HB2  . LEU A 1 22 ? -2.243  -9.845  0.331   1.00 0.00 ? 22 LEU A HB2  1 
ATOM   317  H  HB3  . LEU A 1 22 ? -3.287  -11.071 0.936   1.00 0.00 ? 22 LEU A HB3  1 
ATOM   318  H  HG   . LEU A 1 22 ? -4.305  -9.909  -0.931  1.00 0.00 ? 22 LEU A HG   1 
ATOM   319  H  HD11 . LEU A 1 22 ? -5.898  -10.595 0.818   1.00 0.00 ? 22 LEU A HD11 1 
ATOM   320  H  HD12 . LEU A 1 22 ? -6.441  -9.120  0.039   1.00 0.00 ? 22 LEU A HD12 1 
ATOM   321  H  HD13 . LEU A 1 22 ? -5.713  -9.047  1.631   1.00 0.00 ? 22 LEU A HD13 1 
ATOM   322  H  HD21 . LEU A 1 22 ? -3.124  -7.783  -0.817  1.00 0.00 ? 22 LEU A HD21 1 
ATOM   323  H  HD22 . LEU A 1 22 ? -4.007  -7.323  0.635   1.00 0.00 ? 22 LEU A HD22 1 
ATOM   324  H  HD23 . LEU A 1 22 ? -4.859  -7.508  -0.878  1.00 0.00 ? 22 LEU A HD23 1 
ATOM   325  N  N    . PRO A 1 23 ? -2.978  -11.297 3.750   1.00 0.00 ? 23 PRO A N    1 
ATOM   326  C  CA   . PRO A 1 23 ? -4.464  -11.442 3.660   1.00 0.00 ? 23 PRO A CA   1 
ATOM   327  C  C    . PRO A 1 23 ? -5.249  -10.554 4.659   1.00 0.00 ? 23 PRO A C    1 
ATOM   328  O  O    . PRO A 1 23 ? -6.261  -10.980 5.184   1.00 0.00 ? 23 PRO A O    1 
ATOM   329  C  CB   . PRO A 1 23 ? -4.659  -12.934 3.882   1.00 0.00 ? 23 PRO A CB   1 
ATOM   330  C  CG   . PRO A 1 23 ? -3.611  -13.210 4.993   1.00 0.00 ? 23 PRO A CG   1 
ATOM   331  C  CD   . PRO A 1 23 ? -2.370  -12.427 4.509   1.00 0.00 ? 23 PRO A CD   1 
ATOM   332  H  HA   . PRO A 1 23 ? -4.787  -11.204 2.660   1.00 0.00 ? 23 PRO A HA   1 
ATOM   333  H  HB2  . PRO A 1 23 ? -5.658  -13.170 4.219   1.00 0.00 ? 23 PRO A HB2  1 
ATOM   334  H  HB3  . PRO A 1 23 ? -4.435  -13.494 2.986   1.00 0.00 ? 23 PRO A HB3  1 
ATOM   335  H  HG2  . PRO A 1 23 ? -3.951  -12.843 5.951   1.00 0.00 ? 23 PRO A HG2  1 
ATOM   336  H  HG3  . PRO A 1 23 ? -3.399  -14.267 5.062   1.00 0.00 ? 23 PRO A HG3  1 
ATOM   337  H  HD2  . PRO A 1 23 ? -1.770  -12.050 5.323   1.00 0.00 ? 23 PRO A HD2  1 
ATOM   338  H  HD3  . PRO A 1 23 ? -1.766  -13.027 3.845   1.00 0.00 ? 23 PRO A HD3  1 
ATOM   339  N  N    . CYS A 1 24 ? -4.774  -9.355  4.893   1.00 0.00 ? 24 CYS A N    1 
ATOM   340  C  CA   . CYS A 1 24 ? -5.463  -8.419  5.841   1.00 0.00 ? 24 CYS A CA   1 
ATOM   341  C  C    . CYS A 1 24 ? -5.830  -7.126  5.096   1.00 0.00 ? 24 CYS A C    1 
ATOM   342  O  O    . CYS A 1 24 ? -6.033  -6.104  5.720   1.00 0.00 ? 24 CYS A O    1 
ATOM   343  C  CB   . CYS A 1 24 ? -4.516  -8.085  6.994   1.00 0.00 ? 24 CYS A CB   1 
ATOM   344  S  SG   . CYS A 1 24 ? -3.175  -6.897  6.708   1.00 0.00 ? 24 CYS A SG   1 
ATOM   345  H  H    . CYS A 1 24 ? -3.954  -9.058  4.448   1.00 0.00 ? 24 CYS A H    1 
ATOM   346  H  HA   . CYS A 1 24 ? -6.370  -8.867  6.220   1.00 0.00 ? 24 CYS A HA   1 
ATOM   347  H  HB2  . CYS A 1 24 ? -5.099  -7.704  7.817   1.00 0.00 ? 24 CYS A HB2  1 
ATOM   348  H  HB3  . CYS A 1 24 ? -4.076  -8.996  7.352   1.00 0.00 ? 24 CYS A HB3  1 
ATOM   349  N  N    . LEU A 1 25 ? -5.906  -7.250  3.790   1.00 0.00 ? 25 LEU A N    1 
ATOM   350  C  CA   . LEU A 1 25 ? -6.237  -6.135  2.841   1.00 0.00 ? 25 LEU A CA   1 
ATOM   351  C  C    . LEU A 1 25 ? -6.434  -4.725  3.423   1.00 0.00 ? 25 LEU A C    1 
ATOM   352  O  O    . LEU A 1 25 ? -7.476  -4.108  3.304   1.00 0.00 ? 25 LEU A O    1 
ATOM   353  C  CB   . LEU A 1 25 ? -7.504  -6.519  2.033   1.00 0.00 ? 25 LEU A CB   1 
ATOM   354  C  CG   . LEU A 1 25 ? -8.720  -6.803  2.948   1.00 0.00 ? 25 LEU A CG   1 
ATOM   355  C  CD1  . LEU A 1 25 ? -9.991  -6.513  2.133   1.00 0.00 ? 25 LEU A CD1  1 
ATOM   356  C  CD2  . LEU A 1 25 ? -8.726  -8.295  3.343   1.00 0.00 ? 25 LEU A CD2  1 
ATOM   357  H  H    . LEU A 1 25 ? -5.736  -8.134  3.406   1.00 0.00 ? 25 LEU A H    1 
ATOM   358  H  HA   . LEU A 1 25 ? -5.421  -6.060  2.135   1.00 0.00 ? 25 LEU A HA   1 
ATOM   359  H  HB2  . LEU A 1 25 ? -7.734  -5.716  1.347   1.00 0.00 ? 25 LEU A HB2  1 
ATOM   360  H  HB3  . LEU A 1 25 ? -7.285  -7.395  1.438   1.00 0.00 ? 25 LEU A HB3  1 
ATOM   361  H  HG   . LEU A 1 25 ? -8.700  -6.189  3.838   1.00 0.00 ? 25 LEU A HG   1 
ATOM   362  H  HD11 . LEU A 1 25 ? -10.869 -6.696  2.734   1.00 0.00 ? 25 LEU A HD11 1 
ATOM   363  H  HD12 . LEU A 1 25 ? -10.021 -7.137  1.252   1.00 0.00 ? 25 LEU A HD12 1 
ATOM   364  H  HD13 . LEU A 1 25 ? -9.992  -5.476  1.823   1.00 0.00 ? 25 LEU A HD13 1 
ATOM   365  H  HD21 . LEU A 1 25 ? -9.576  -8.501  3.974   1.00 0.00 ? 25 LEU A HD21 1 
ATOM   366  H  HD22 . LEU A 1 25 ? -7.828  -8.555  3.881   1.00 0.00 ? 25 LEU A HD22 1 
ATOM   367  H  HD23 . LEU A 1 25 ? -8.785  -8.910  2.457   1.00 0.00 ? 25 LEU A HD23 1 
ATOM   368  N  N    . HIS A 1 26 ? -5.384  -4.265  4.047   1.00 0.00 ? 26 HIS A N    1 
ATOM   369  C  CA   . HIS A 1 26 ? -5.411  -2.894  4.659   1.00 0.00 ? 26 HIS A CA   1 
ATOM   370  C  C    . HIS A 1 26 ? -4.811  -2.140  3.494   1.00 0.00 ? 26 HIS A C    1 
ATOM   371  O  O    . HIS A 1 26 ? -3.755  -2.531  3.036   1.00 0.00 ? 26 HIS A O    1 
ATOM   372  C  CB   . HIS A 1 26 ? -4.473  -2.756  5.842   1.00 0.00 ? 26 HIS A CB   1 
ATOM   373  C  CG   . HIS A 1 26 ? -5.094  -3.150  7.186   1.00 0.00 ? 26 HIS A CG   1 
ATOM   374  N  ND1  . HIS A 1 26 ? -4.616  -4.030  8.007   1.00 0.00 ? 26 HIS A ND1  1 
ATOM   375  C  CD2  . HIS A 1 26 ? -6.223  -2.656  7.808   1.00 0.00 ? 26 HIS A CD2  1 
ATOM   376  C  CE1  . HIS A 1 26 ? -5.382  -4.069  9.045   1.00 0.00 ? 26 HIS A CE1  1 
ATOM   377  N  NE2  . HIS A 1 26 ? -6.391  -3.241  8.973   1.00 0.00 ? 26 HIS A NE2  1 
ATOM   378  H  H    . HIS A 1 26 ? -4.584  -4.834  4.102   1.00 0.00 ? 26 HIS A H    1 
ATOM   379  H  HA   . HIS A 1 26 ? -6.420  -2.564  4.855   1.00 0.00 ? 26 HIS A HA   1 
ATOM   380  H  HB2  . HIS A 1 26 ? -3.602  -3.353  5.647   1.00 0.00 ? 26 HIS A HB2  1 
ATOM   381  H  HB3  . HIS A 1 26 ? -4.159  -1.724  5.923   1.00 0.00 ? 26 HIS A HB3  1 
ATOM   382  H  HD2  . HIS A 1 26 ? -6.874  -1.899  7.397   1.00 0.00 ? 26 HIS A HD2  1 
ATOM   383  H  HE1  . HIS A 1 26 ? -5.182  -4.703  9.882   1.00 0.00 ? 26 HIS A HE1  1 
ATOM   384  N  N    . ALA A 1 27 ? -5.468  -1.101  3.055   1.00 0.00 ? 27 ALA A N    1 
ATOM   385  C  CA   . ALA A 1 27 ? -4.909  -0.352  1.900   1.00 0.00 ? 27 ALA A CA   1 
ATOM   386  C  C    . ALA A 1 27 ? -4.077  0.876   2.262   1.00 0.00 ? 27 ALA A C    1 
ATOM   387  O  O    . ALA A 1 27 ? -4.556  1.891   2.726   1.00 0.00 ? 27 ALA A O    1 
ATOM   388  C  CB   . ALA A 1 27 ? -6.070  0.064   0.989   1.00 0.00 ? 27 ALA A CB   1 
ATOM   389  H  H    . ALA A 1 27 ? -6.306  -0.826  3.479   1.00 0.00 ? 27 ALA A H    1 
ATOM   390  H  HA   . ALA A 1 27 ? -4.296  -1.019  1.314   1.00 0.00 ? 27 ALA A HA   1 
ATOM   391  H  HB1  . ALA A 1 27 ? -6.683  -0.785  0.739   1.00 0.00 ? 27 ALA A HB1  1 
ATOM   392  H  HB2  . ALA A 1 27 ? -5.664  0.450   0.071   1.00 0.00 ? 27 ALA A HB2  1 
ATOM   393  H  HB3  . ALA A 1 27 ? -6.690  0.812   1.446   1.00 0.00 ? 27 ALA A HB3  1 
ATOM   394  N  N    . PHE A 1 28 ? -2.814  0.669   2.012   1.00 0.00 ? 28 PHE A N    1 
ATOM   395  C  CA   . PHE A 1 28 ? -1.723  1.671   2.237   1.00 0.00 ? 28 PHE A CA   1 
ATOM   396  C  C    . PHE A 1 28 ? -1.499  2.325   0.841   1.00 0.00 ? 28 PHE A C    1 
ATOM   397  O  O    . PHE A 1 28 ? -2.055  1.804   -0.101  1.00 0.00 ? 28 PHE A O    1 
ATOM   398  C  CB   . PHE A 1 28 ? -0.497  0.920   2.671   1.00 0.00 ? 28 PHE A CB   1 
ATOM   399  C  CG   . PHE A 1 28 ? -0.773  0.142   3.960   1.00 0.00 ? 28 PHE A CG   1 
ATOM   400  C  CD1  . PHE A 1 28 ? -1.277  -1.143  3.926   1.00 0.00 ? 28 PHE A CD1  1 
ATOM   401  C  CD2  . PHE A 1 28 ? -0.489  0.725   5.176   1.00 0.00 ? 28 PHE A CD2  1 
ATOM   402  C  CE1  . PHE A 1 28 ? -1.482  -1.823  5.105   1.00 0.00 ? 28 PHE A CE1  1 
ATOM   403  C  CE2  . PHE A 1 28 ? -0.697  0.044   6.353   1.00 0.00 ? 28 PHE A CE2  1 
ATOM   404  C  CZ   . PHE A 1 28 ? -1.196  -1.240  6.321   1.00 0.00 ? 28 PHE A CZ   1 
ATOM   405  H  H    . PHE A 1 28 ? -2.565  -0.208  1.660   1.00 0.00 ? 28 PHE A H    1 
ATOM   406  H  HA   . PHE A 1 28 ? -1.982  2.370   3.006   1.00 0.00 ? 28 PHE A HA   1 
ATOM   407  H  HB2  . PHE A 1 28 ? -0.258  0.209   1.896   1.00 0.00 ? 28 PHE A HB2  1 
ATOM   408  H  HB3  . PHE A 1 28 ? 0.369   1.545   2.830   1.00 0.00 ? 28 PHE A HB3  1 
ATOM   409  H  HD1  . PHE A 1 28 ? -1.515  -1.619  2.982   1.00 0.00 ? 28 PHE A HD1  1 
ATOM   410  H  HD2  . PHE A 1 28 ? -0.103  1.731   5.195   1.00 0.00 ? 28 PHE A HD2  1 
ATOM   411  H  HE1  . PHE A 1 28 ? -1.858  -2.827  5.070   1.00 0.00 ? 28 PHE A HE1  1 
ATOM   412  H  HE2  . PHE A 1 28 ? -0.466  0.524   7.292   1.00 0.00 ? 28 PHE A HE2  1 
ATOM   413  H  HZ   . PHE A 1 28 ? -1.360  -1.789  7.238   1.00 0.00 ? 28 PHE A HZ   1 
ATOM   414  N  N    . CYS A 1 29 ? -0.739  3.390   0.670   1.00 0.00 ? 29 CYS A N    1 
ATOM   415  C  CA   . CYS A 1 29 ? -0.546  3.982   -0.727  1.00 0.00 ? 29 CYS A CA   1 
ATOM   416  C  C    . CYS A 1 29 ? 0.081   2.887   -1.586  1.00 0.00 ? 29 CYS A C    1 
ATOM   417  O  O    . CYS A 1 29 ? 0.494   1.902   -1.005  1.00 0.00 ? 29 CYS A O    1 
ATOM   418  C  CB   . CYS A 1 29 ? 0.470   5.096   -0.793  1.00 0.00 ? 29 CYS A CB   1 
ATOM   419  S  SG   . CYS A 1 29 ? 0.271   6.681   0.029   1.00 0.00 ? 29 CYS A SG   1 
ATOM   420  H  H    . CYS A 1 29 ? -0.300  3.800   1.440   1.00 0.00 ? 29 CYS A H    1 
ATOM   421  H  HA   . CYS A 1 29 ? -1.489  4.293   -1.132  1.00 0.00 ? 29 CYS A HA   1 
ATOM   422  H  HB2  . CYS A 1 29 ? 1.263   4.652   -0.216  1.00 0.00 ? 29 CYS A HB2  1 
ATOM   423  H  HB3  . CYS A 1 29 ? 0.933   5.233   -1.747  1.00 0.00 ? 29 CYS A HB3  1 
ATOM   424  N  N    . TYR A 1 30 ? 0.161   3.058   -2.895  1.00 0.00 ? 30 TYR A N    1 
ATOM   425  C  CA   . TYR A 1 30 ? 0.791   1.963   -3.701  1.00 0.00 ? 30 TYR A CA   1 
ATOM   426  C  C    . TYR A 1 30 ? 2.090   1.594   -2.973  1.00 0.00 ? 30 TYR A C    1 
ATOM   427  O  O    . TYR A 1 30 ? 2.884   2.447   -2.624  1.00 0.00 ? 30 TYR A O    1 
ATOM   428  C  CB   . TYR A 1 30 ? 1.220   2.358   -5.121  1.00 0.00 ? 30 TYR A CB   1 
ATOM   429  C  CG   . TYR A 1 30 ? 1.666   1.090   -5.928  1.00 0.00 ? 30 TYR A CG   1 
ATOM   430  C  CD1  . TYR A 1 30 ? 1.381   -0.228  -5.564  1.00 0.00 ? 30 TYR A CD1  1 
ATOM   431  C  CD2  . TYR A 1 30 ? 2.405   1.280   -7.078  1.00 0.00 ? 30 TYR A CD2  1 
ATOM   432  C  CE1  . TYR A 1 30 ? 1.823   -1.284  -6.330  1.00 0.00 ? 30 TYR A CE1  1 
ATOM   433  C  CE2  . TYR A 1 30 ? 2.845   0.218   -7.841  1.00 0.00 ? 30 TYR A CE2  1 
ATOM   434  C  CZ   . TYR A 1 30 ? 2.555   -1.073  -7.472  1.00 0.00 ? 30 TYR A CZ   1 
ATOM   435  O  OH   . TYR A 1 30 ? 2.987   -2.144  -8.228  1.00 0.00 ? 30 TYR A OH   1 
ATOM   436  H  H    . TYR A 1 30 ? -0.176  3.872   -3.324  1.00 0.00 ? 30 TYR A H    1 
ATOM   437  H  HA   . TYR A 1 30 ? 0.099   1.143   -3.756  1.00 0.00 ? 30 TYR A HA   1 
ATOM   438  H  HB2  . TYR A 1 30 ? 0.420   2.860   -5.647  1.00 0.00 ? 30 TYR A HB2  1 
ATOM   439  H  HB3  . TYR A 1 30 ? 2.087   3.000   -5.049  1.00 0.00 ? 30 TYR A HB3  1 
ATOM   440  H  HD1  . TYR A 1 30 ? 0.803   -0.475  -4.685  1.00 0.00 ? 30 TYR A HD1  1 
ATOM   441  H  HD2  . TYR A 1 30 ? 2.649   2.280   -7.384  1.00 0.00 ? 30 TYR A HD2  1 
ATOM   442  H  HE1  . TYR A 1 30 ? 1.595   -2.292  -6.020  1.00 0.00 ? 30 TYR A HE1  1 
ATOM   443  H  HE2  . TYR A 1 30 ? 3.419   0.404   -8.735  1.00 0.00 ? 30 TYR A HE2  1 
ATOM   444  H  HH   . TYR A 1 30 ? 3.453   -1.802  -8.994  1.00 0.00 ? 30 TYR A HH   1 
ATOM   445  N  N    . VAL A 1 31 ? 2.222   0.316   -2.800  1.00 0.00 ? 31 VAL A N    1 
ATOM   446  C  CA   . VAL A 1 31 ? 3.354   -0.349  -2.132  1.00 0.00 ? 31 VAL A CA   1 
ATOM   447  C  C    . VAL A 1 31 ? 4.165   0.480   -1.080  1.00 0.00 ? 31 VAL A C    1 
ATOM   448  O  O    . VAL A 1 31 ? 5.371   0.350   -1.000  1.00 0.00 ? 31 VAL A O    1 
ATOM   449  C  CB   . VAL A 1 31 ? 4.128   -0.862  -3.372  1.00 0.00 ? 31 VAL A CB   1 
ATOM   450  C  CG1  . VAL A 1 31 ? 4.669   0.293   -4.193  1.00 0.00 ? 31 VAL A CG1  1 
ATOM   451  C  CG2  . VAL A 1 31 ? 5.177   -1.881  -3.067  1.00 0.00 ? 31 VAL A CG2  1 
ATOM   452  H  H    . VAL A 1 31 ? 1.520   -0.264  -3.146  1.00 0.00 ? 31 VAL A H    1 
ATOM   453  H  HA   . VAL A 1 31 ? 2.969   -1.218  -1.618  1.00 0.00 ? 31 VAL A HA   1 
ATOM   454  H  HB   . VAL A 1 31 ? 3.414   -1.369  -4.006  1.00 0.00 ? 31 VAL A HB   1 
ATOM   455  H  HG11 . VAL A 1 31 ? 3.842   0.889   -4.544  1.00 0.00 ? 31 VAL A HG11 1 
ATOM   456  H  HG12 . VAL A 1 31 ? 5.200   -0.091  -5.045  1.00 0.00 ? 31 VAL A HG12 1 
ATOM   457  H  HG13 . VAL A 1 31 ? 5.314   0.905   -3.586  1.00 0.00 ? 31 VAL A HG13 1 
ATOM   458  H  HG21 . VAL A 1 31 ? 5.915   -1.474  -2.399  1.00 0.00 ? 31 VAL A HG21 1 
ATOM   459  H  HG22 . VAL A 1 31 ? 5.640   -2.181  -3.993  1.00 0.00 ? 31 VAL A HG22 1 
ATOM   460  H  HG23 . VAL A 1 31 ? 4.688   -2.734  -2.626  1.00 0.00 ? 31 VAL A HG23 1 
ATOM   461  N  N    . CYS A 1 32 ? 3.490   1.308   -0.290  1.00 0.00 ? 32 CYS A N    1 
ATOM   462  C  CA   . CYS A 1 32 ? 4.226   2.120   0.758   1.00 0.00 ? 32 CYS A CA   1 
ATOM   463  C  C    . CYS A 1 32 ? 4.582   1.047   1.803   1.00 0.00 ? 32 CYS A C    1 
ATOM   464  O  O    . CYS A 1 32 ? 5.725   0.732   2.060   1.00 0.00 ? 32 CYS A O    1 
ATOM   465  C  CB   . CYS A 1 32 ? 3.306   3.254   1.460   1.00 0.00 ? 32 CYS A CB   1 
ATOM   466  S  SG   . CYS A 1 32 ? 3.285   4.992   0.950   1.00 0.00 ? 32 CYS A SG   1 
ATOM   467  H  H    . CYS A 1 32 ? 2.519   1.393   -0.387  1.00 0.00 ? 32 CYS A H    1 
ATOM   468  H  HA   . CYS A 1 32 ? 5.126   2.537   0.330   1.00 0.00 ? 32 CYS A HA   1 
ATOM   469  H  HB2  . CYS A 1 32 ? 2.286   2.899   1.495   1.00 0.00 ? 32 CYS A HB2  1 
ATOM   470  H  HB3  . CYS A 1 32 ? 3.593   3.356   2.465   1.00 0.00 ? 32 CYS A HB3  1 
ATOM   471  N  N    . ILE A 1 33 ? 3.527   0.531   2.366   1.00 0.00 ? 33 ILE A N    1 
ATOM   472  C  CA   . ILE A 1 33 ? 3.537   -0.544  3.408   1.00 0.00 ? 33 ILE A CA   1 
ATOM   473  C  C    . ILE A 1 33 ? 4.579   -1.630  3.147   1.00 0.00 ? 33 ILE A C    1 
ATOM   474  O  O    . ILE A 1 33 ? 5.237   -2.066  4.066   1.00 0.00 ? 33 ILE A O    1 
ATOM   475  C  CB   . ILE A 1 33 ? 2.101   -1.058  3.413   1.00 0.00 ? 33 ILE A CB   1 
ATOM   476  C  CG1  . ILE A 1 33 ? 1.847   -2.254  4.304   1.00 0.00 ? 33 ILE A CG1  1 
ATOM   477  C  CG2  . ILE A 1 33 ? 1.677   -1.480  1.978   1.00 0.00 ? 33 ILE A CG2  1 
ATOM   478  C  CD1  . ILE A 1 33 ? 2.400   -2.088  5.711   1.00 0.00 ? 33 ILE A CD1  1 
ATOM   479  H  H    . ILE A 1 33 ? 2.659   0.878   2.078   1.00 0.00 ? 33 ILE A H    1 
ATOM   480  H  HA   . ILE A 1 33 ? 3.770   -0.116  4.378   1.00 0.00 ? 33 ILE A HA   1 
ATOM   481  H  HB   . ILE A 1 33 ? 1.514   -0.228  3.756   1.00 0.00 ? 33 ILE A HB   1 
ATOM   482  H  HG12 . ILE A 1 33 ? 0.780   -2.351  4.375   1.00 0.00 ? 33 ILE A HG12 1 
ATOM   483  H  HG13 . ILE A 1 33 ? 2.231   -3.120  3.808   1.00 0.00 ? 33 ILE A HG13 1 
ATOM   484  H  HG21 . ILE A 1 33 ? 2.299   -2.282  1.611   1.00 0.00 ? 33 ILE A HG21 1 
ATOM   485  H  HG22 . ILE A 1 33 ? 1.762   -0.644  1.305   1.00 0.00 ? 33 ILE A HG22 1 
ATOM   486  H  HG23 . ILE A 1 33 ? 0.654   -1.824  1.977   1.00 0.00 ? 33 ILE A HG23 1 
ATOM   487  H  HD11 . ILE A 1 33 ? 1.938   -1.234  6.178   1.00 0.00 ? 33 ILE A HD11 1 
ATOM   488  H  HD12 . ILE A 1 33 ? 3.469   -1.954  5.700   1.00 0.00 ? 33 ILE A HD12 1 
ATOM   489  H  HD13 . ILE A 1 33 ? 2.174   -2.978  6.277   1.00 0.00 ? 33 ILE A HD13 1 
ATOM   490  N  N    . THR A 1 34 ? 4.689   -2.045  1.910   1.00 0.00 ? 34 THR A N    1 
ATOM   491  C  CA   . THR A 1 34 ? 5.678   -3.101  1.523   1.00 0.00 ? 34 THR A CA   1 
ATOM   492  C  C    . THR A 1 34 ? 7.025   -2.761  2.181   1.00 0.00 ? 34 THR A C    1 
ATOM   493  O  O    . THR A 1 34 ? 7.606   -3.558  2.890   1.00 0.00 ? 34 THR A O    1 
ATOM   494  C  CB   . THR A 1 34 ? 5.768   -3.101  0.001   1.00 0.00 ? 34 THR A CB   1 
ATOM   495  O  OG1  . THR A 1 34 ? 4.440   -3.411  -0.397  1.00 0.00 ? 34 THR A OG1  1 
ATOM   496  C  CG2  . THR A 1 34 ? 6.606   -4.264  -0.543  1.00 0.00 ? 34 THR A CG2  1 
ATOM   497  H  H    . THR A 1 34 ? 4.110   -1.655  1.223   1.00 0.00 ? 34 THR A H    1 
ATOM   498  H  HA   . THR A 1 34 ? 5.330   -4.056  1.890   1.00 0.00 ? 34 THR A HA   1 
ATOM   499  H  HB   . THR A 1 34 ? 6.064   -2.142  -0.394  1.00 0.00 ? 34 THR A HB   1 
ATOM   500  H  HG1  . THR A 1 34 ? 4.085   -2.652  -0.864  1.00 0.00 ? 34 THR A HG1  1 
ATOM   501  H  HG21 . THR A 1 34 ? 7.617   -4.200  -0.171  1.00 0.00 ? 34 THR A HG21 1 
ATOM   502  H  HG22 . THR A 1 34 ? 6.630   -4.217  -1.622  1.00 0.00 ? 34 THR A HG22 1 
ATOM   503  H  HG23 . THR A 1 34 ? 6.179   -5.209  -0.243  1.00 0.00 ? 34 THR A HG23 1 
ATOM   504  N  N    . ARG A 1 35 ? 7.462   -1.556  1.910   1.00 0.00 ? 35 ARG A N    1 
ATOM   505  C  CA   . ARG A 1 35 ? 8.748   -1.041  2.467   1.00 0.00 ? 35 ARG A CA   1 
ATOM   506  C  C    . ARG A 1 35 ? 8.734   -1.290  3.991   1.00 0.00 ? 35 ARG A C    1 
ATOM   507  O  O    . ARG A 1 35 ? 9.645   -1.883  4.537   1.00 0.00 ? 35 ARG A O    1 
ATOM   508  C  CB   . ARG A 1 35 ? 8.854   0.473   2.154   1.00 0.00 ? 35 ARG A CB   1 
ATOM   509  C  CG   . ARG A 1 35 ? 8.629   0.765   0.637   1.00 0.00 ? 35 ARG A CG   1 
ATOM   510  C  CD   . ARG A 1 35 ? 9.658   0.044   -0.259  1.00 0.00 ? 35 ARG A CD   1 
ATOM   511  N  NE   . ARG A 1 35 ? 11.020  0.543   0.096   1.00 0.00 ? 35 ARG A NE   1 
ATOM   512  C  CZ   . ARG A 1 35 ? 11.723  1.207   -0.782  1.00 0.00 ? 35 ARG A CZ   1 
ATOM   513  N  NH1  . ARG A 1 35 ? 11.263  2.346   -1.224  1.00 0.00 ? 35 ARG A NH1  1 
ATOM   514  N  NH2  . ARG A 1 35 ? 12.858  0.708   -1.187  1.00 0.00 ? 35 ARG A NH2  1 
ATOM   515  H  H    . ARG A 1 35 ? 6.931   -0.977  1.328   1.00 0.00 ? 35 ARG A H    1 
ATOM   516  H  HA   . ARG A 1 35 ? 9.567   -1.596  2.032   1.00 0.00 ? 35 ARG A HA   1 
ATOM   517  H  HB2  . ARG A 1 35 ? 8.113   1.011   2.724   1.00 0.00 ? 35 ARG A HB2  1 
ATOM   518  H  HB3  . ARG A 1 35 ? 9.829   0.831   2.449   1.00 0.00 ? 35 ARG A HB3  1 
ATOM   519  H  HG2  . ARG A 1 35 ? 7.633   0.475   0.341   1.00 0.00 ? 35 ARG A HG2  1 
ATOM   520  H  HG3  . ARG A 1 35 ? 8.725   1.829   0.473   1.00 0.00 ? 35 ARG A HG3  1 
ATOM   521  H  HD2  . ARG A 1 35 ? 9.624   -1.026  -0.113  1.00 0.00 ? 35 ARG A HD2  1 
ATOM   522  H  HD3  . ARG A 1 35 ? 9.453   0.258   -1.299  1.00 0.00 ? 35 ARG A HD3  1 
ATOM   523  H  HE   . ARG A 1 35 ? 11.386  0.370   0.988   1.00 0.00 ? 35 ARG A HE   1 
ATOM   524  H  HH11 . ARG A 1 35 ? 10.391  2.696   -0.882  1.00 0.00 ? 35 ARG A HH11 1 
ATOM   525  H  HH12 . ARG A 1 35 ? 11.781  2.871   -1.899  1.00 0.00 ? 35 ARG A HH12 1 
ATOM   526  H  HH21 . ARG A 1 35 ? 13.175  -0.167  -0.823  1.00 0.00 ? 35 ARG A HH21 1 
ATOM   527  H  HH22 . ARG A 1 35 ? 13.410  1.199   -1.860  1.00 0.00 ? 35 ARG A HH22 1 
ATOM   528  N  N    . TRP A 1 36 ? 7.680   -0.823  4.623   1.00 0.00 ? 36 TRP A N    1 
ATOM   529  C  CA   . TRP A 1 36 ? 7.536   -0.997  6.106   1.00 0.00 ? 36 TRP A CA   1 
ATOM   530  C  C    . TRP A 1 36 ? 7.714   -2.455  6.541   1.00 0.00 ? 36 TRP A C    1 
ATOM   531  O  O    . TRP A 1 36 ? 8.665   -2.746  7.231   1.00 0.00 ? 36 TRP A O    1 
ATOM   532  C  CB   . TRP A 1 36 ? 6.126   -0.489  6.574   1.00 0.00 ? 36 TRP A CB   1 
ATOM   533  C  CG   . TRP A 1 36 ? 5.907   -0.732  8.084   1.00 0.00 ? 36 TRP A CG   1 
ATOM   534  C  CD1  . TRP A 1 36 ? 5.802   -1.956  8.671   1.00 0.00 ? 36 TRP A CD1  1 
ATOM   535  C  CD2  . TRP A 1 36 ? 5.790   0.213   9.042   1.00 0.00 ? 36 TRP A CD2  1 
ATOM   536  N  NE1  . TRP A 1 36 ? 5.631   -1.681  9.945   1.00 0.00 ? 36 TRP A NE1  1 
ATOM   537  C  CE2  . TRP A 1 36 ? 5.607   -0.403  10.277  1.00 0.00 ? 36 TRP A CE2  1 
ATOM   538  C  CE3  . TRP A 1 36 ? 5.814   1.603   8.968   1.00 0.00 ? 36 TRP A CE3  1 
ATOM   539  C  CZ2  . TRP A 1 36 ? 5.451   0.359   11.429  1.00 0.00 ? 36 TRP A CZ2  1 
ATOM   540  C  CZ3  . TRP A 1 36 ? 5.657   2.371   10.119  1.00 0.00 ? 36 TRP A CZ3  1 
ATOM   541  C  CH2  . TRP A 1 36 ? 5.475   1.747   11.350  1.00 0.00 ? 36 TRP A CH2  1 
ATOM   542  H  H    . TRP A 1 36 ? 6.991   -0.360  4.104   1.00 0.00 ? 36 TRP A H    1 
ATOM   543  H  HA   . TRP A 1 36 ? 8.299   -0.416  6.600   1.00 0.00 ? 36 TRP A HA   1 
ATOM   544  H  HB2  . TRP A 1 36 ? 6.034   0.568   6.389   1.00 0.00 ? 36 TRP A HB2  1 
ATOM   545  H  HB3  . TRP A 1 36 ? 5.338   -0.992  6.043   1.00 0.00 ? 36 TRP A HB3  1 
ATOM   546  H  HD1  . TRP A 1 36 ? 5.841   -2.924  8.202   1.00 0.00 ? 36 TRP A HD1  1 
ATOM   547  H  HE1  . TRP A 1 36 ? 5.527   -2.391  10.613  1.00 0.00 ? 36 TRP A HE1  1 
ATOM   548  H  HE3  . TRP A 1 36 ? 5.958   2.086   8.019   1.00 0.00 ? 36 TRP A HE3  1 
ATOM   549  H  HZ2  . TRP A 1 36 ? 5.312   -0.127  12.383  1.00 0.00 ? 36 TRP A HZ2  1 
ATOM   550  H  HZ3  . TRP A 1 36 ? 5.675   3.449   10.055  1.00 0.00 ? 36 TRP A HZ3  1 
ATOM   551  H  HH2  . TRP A 1 36 ? 5.348   2.334   12.246  1.00 0.00 ? 36 TRP A HH2  1 
ATOM   552  N  N    . ILE A 1 37 ? 6.829   -3.332  6.134   1.00 0.00 ? 37 ILE A N    1 
ATOM   553  C  CA   . ILE A 1 37 ? 6.943   -4.772  6.541   1.00 0.00 ? 37 ILE A CA   1 
ATOM   554  C  C    . ILE A 1 37 ? 8.321   -5.414  6.299   1.00 0.00 ? 37 ILE A C    1 
ATOM   555  O  O    . ILE A 1 37 ? 8.827   -6.056  7.196   1.00 0.00 ? 37 ILE A O    1 
ATOM   556  C  CB   . ILE A 1 37 ? 5.823   -5.608  5.823   1.00 0.00 ? 37 ILE A CB   1 
ATOM   557  C  CG1  . ILE A 1 37 ? 5.890   -5.426  4.307   1.00 0.00 ? 37 ILE A CG1  1 
ATOM   558  C  CG2  . ILE A 1 37 ? 4.441   -5.127  6.367   1.00 0.00 ? 37 ILE A CG2  1 
ATOM   559  C  CD1  . ILE A 1 37 ? 4.953   -6.399  3.577   1.00 0.00 ? 37 ILE A CD1  1 
ATOM   560  H  H    . ILE A 1 37 ? 6.107   -3.024  5.553   1.00 0.00 ? 37 ILE A H    1 
ATOM   561  H  HA   . ILE A 1 37 ? 6.741   -4.826  7.592   1.00 0.00 ? 37 ILE A HA   1 
ATOM   562  H  HB   . ILE A 1 37 ? 5.945   -6.655  6.062   1.00 0.00 ? 37 ILE A HB   1 
ATOM   563  H  HG12 . ILE A 1 37 ? 5.595   -4.417  4.096   1.00 0.00 ? 37 ILE A HG12 1 
ATOM   564  H  HG13 . ILE A 1 37 ? 6.897   -5.574  3.970   1.00 0.00 ? 37 ILE A HG13 1 
ATOM   565  H  HG21 . ILE A 1 37 ? 4.386   -5.268  7.436   1.00 0.00 ? 37 ILE A HG21 1 
ATOM   566  H  HG22 . ILE A 1 37 ? 3.636   -5.686  5.917   1.00 0.00 ? 37 ILE A HG22 1 
ATOM   567  H  HG23 . ILE A 1 37 ? 4.283   -4.080  6.154   1.00 0.00 ? 37 ILE A HG23 1 
ATOM   568  H  HD11 . ILE A 1 37 ? 3.931   -6.218  3.866   1.00 0.00 ? 37 ILE A HD11 1 
ATOM   569  H  HD12 . ILE A 1 37 ? 5.217   -7.420  3.815   1.00 0.00 ? 37 ILE A HD12 1 
ATOM   570  H  HD13 . ILE A 1 37 ? 5.040   -6.262  2.507   1.00 0.00 ? 37 ILE A HD13 1 
ATOM   571  N  N    . ARG A 1 38 ? 8.900   -5.247  5.134   1.00 0.00 ? 38 ARG A N    1 
ATOM   572  C  CA   . ARG A 1 38 ? 10.247  -5.852  4.847   1.00 0.00 ? 38 ARG A CA   1 
ATOM   573  C  C    . ARG A 1 38 ? 11.284  -5.655  5.970   1.00 0.00 ? 38 ARG A C    1 
ATOM   574  O  O    . ARG A 1 38 ? 12.165  -6.475  6.148   1.00 0.00 ? 38 ARG A O    1 
ATOM   575  C  CB   . ARG A 1 38 ? 10.779  -5.253  3.531   1.00 0.00 ? 38 ARG A CB   1 
ATOM   576  C  CG   . ARG A 1 38 ? 9.970   -5.882  2.378   1.00 0.00 ? 38 ARG A CG   1 
ATOM   577  C  CD   . ARG A 1 38 ? 10.527  -5.430  1.027   1.00 0.00 ? 38 ARG A CD   1 
ATOM   578  N  NE   . ARG A 1 38 ? 9.748   -6.147  -0.026  1.00 0.00 ? 38 ARG A NE   1 
ATOM   579  C  CZ   . ARG A 1 38 ? 10.329  -7.052  -0.767  1.00 0.00 ? 38 ARG A CZ   1 
ATOM   580  N  NH1  . ARG A 1 38 ? 10.974  -6.684  -1.840  1.00 0.00 ? 38 ARG A NH1  1 
ATOM   581  N  NH2  . ARG A 1 38 ? 10.246  -8.303  -0.404  1.00 0.00 ? 38 ARG A NH2  1 
ATOM   582  H  H    . ARG A 1 38 ? 8.455   -4.722  4.438   1.00 0.00 ? 38 ARG A H    1 
ATOM   583  H  HA   . ARG A 1 38 ? 10.108  -6.916  4.724   1.00 0.00 ? 38 ARG A HA   1 
ATOM   584  H  HB2  . ARG A 1 38 ? 10.645  -4.181  3.535   1.00 0.00 ? 38 ARG A HB2  1 
ATOM   585  H  HB3  . ARG A 1 38 ? 11.832  -5.471  3.417   1.00 0.00 ? 38 ARG A HB3  1 
ATOM   586  H  HG2  . ARG A 1 38 ? 10.039  -6.960  2.437   1.00 0.00 ? 38 ARG A HG2  1 
ATOM   587  H  HG3  . ARG A 1 38 ? 8.931   -5.603  2.456   1.00 0.00 ? 38 ARG A HG3  1 
ATOM   588  H  HD2  . ARG A 1 38 ? 10.395  -4.365  0.899   1.00 0.00 ? 38 ARG A HD2  1 
ATOM   589  H  HD3  . ARG A 1 38 ? 11.576  -5.676  0.938   1.00 0.00 ? 38 ARG A HD3  1 
ATOM   590  H  HE   . ARG A 1 38 ? 8.800   -5.938  -0.158  1.00 0.00 ? 38 ARG A HE   1 
ATOM   591  H  HH11 . ARG A 1 38 ? 11.023  -5.718  -2.087  1.00 0.00 ? 38 ARG A HH11 1 
ATOM   592  H  HH12 . ARG A 1 38 ? 11.419  -7.372  -2.415  1.00 0.00 ? 38 ARG A HH12 1 
ATOM   593  H  HH21 . ARG A 1 38 ? 9.739   -8.549  0.424   1.00 0.00 ? 38 ARG A HH21 1 
ATOM   594  H  HH22 . ARG A 1 38 ? 10.685  -9.016  -0.949  1.00 0.00 ? 38 ARG A HH22 1 
ATOM   595  N  N    . GLN A 1 39 ? 11.138  -4.568  6.689   1.00 0.00 ? 39 GLN A N    1 
ATOM   596  C  CA   . GLN A 1 39 ? 12.061  -4.230  7.818   1.00 0.00 ? 39 GLN A CA   1 
ATOM   597  C  C    . GLN A 1 39 ? 11.341  -4.560  9.136   1.00 0.00 ? 39 GLN A C    1 
ATOM   598  O  O    . GLN A 1 39 ? 11.902  -5.162  10.032  1.00 0.00 ? 39 GLN A O    1 
ATOM   599  C  CB   . GLN A 1 39 ? 12.400  -2.718  7.750   1.00 0.00 ? 39 GLN A CB   1 
ATOM   600  C  CG   . GLN A 1 39 ? 13.341  -2.328  8.917   1.00 0.00 ? 39 GLN A CG   1 
ATOM   601  C  CD   . GLN A 1 39 ? 14.668  -3.091  8.794   1.00 0.00 ? 39 GLN A CD   1 
ATOM   602  O  OE1  . GLN A 1 39 ? 15.484  -2.821  7.936   1.00 0.00 ? 39 GLN A OE1  1 
ATOM   603  N  NE2  . GLN A 1 39 ? 14.915  -4.058  9.634   1.00 0.00 ? 39 GLN A NE2  1 
ATOM   604  H  H    . GLN A 1 39 ? 10.406  -3.954  6.483   1.00 0.00 ? 39 GLN A H    1 
ATOM   605  H  HA   . GLN A 1 39 ? 12.959  -4.825  7.746   1.00 0.00 ? 39 GLN A HA   1 
ATOM   606  H  HB2  . GLN A 1 39 ? 12.864  -2.491  6.800   1.00 0.00 ? 39 GLN A HB2  1 
ATOM   607  H  HB3  . GLN A 1 39 ? 11.487  -2.144  7.821   1.00 0.00 ? 39 GLN A HB3  1 
ATOM   608  H  HG2  . GLN A 1 39 ? 13.552  -1.269  8.876   1.00 0.00 ? 39 GLN A HG2  1 
ATOM   609  H  HG3  . GLN A 1 39 ? 12.886  -2.554  9.871   1.00 0.00 ? 39 GLN A HG3  1 
ATOM   610  H  HE21 . GLN A 1 39 ? 14.262  -4.288  10.327  1.00 0.00 ? 39 GLN A HE21 1 
ATOM   611  H  HE22 . GLN A 1 39 ? 15.756  -4.555  9.572   1.00 0.00 ? 39 GLN A HE22 1 
ATOM   612  N  N    . ASN A 1 40 ? 10.107  -4.133  9.180   1.00 0.00 ? 40 ASN A N    1 
ATOM   613  C  CA   . ASN A 1 40 ? 9.197   -4.325  10.344  1.00 0.00 ? 40 ASN A CA   1 
ATOM   614  C  C    . ASN A 1 40 ? 7.908   -5.059  9.924   1.00 0.00 ? 40 ASN A C    1 
ATOM   615  O  O    . ASN A 1 40 ? 6.894   -4.410  9.763   1.00 0.00 ? 40 ASN A O    1 
ATOM   616  C  CB   . ASN A 1 40 ? 8.878   -2.931  10.925  1.00 0.00 ? 40 ASN A CB   1 
ATOM   617  C  CG   . ASN A 1 40 ? 10.185  -2.256  11.357  1.00 0.00 ? 40 ASN A CG   1 
ATOM   618  O  OD1  . ASN A 1 40 ? 10.893  -2.737  12.219  1.00 0.00 ? 40 ASN A OD1  1 
ATOM   619  N  ND2  . ASN A 1 40 ? 10.539  -1.139  10.781  1.00 0.00 ? 40 ASN A ND2  1 
ATOM   620  H  H    . ASN A 1 40 ? 9.752   -3.659  8.410   1.00 0.00 ? 40 ASN A H    1 
ATOM   621  H  HA   . ASN A 1 40 ? 9.673   -4.914  11.098  1.00 0.00 ? 40 ASN A HA   1 
ATOM   622  H  HB2  . ASN A 1 40 ? 8.397   -2.316  10.179  1.00 0.00 ? 40 ASN A HB2  1 
ATOM   623  H  HB3  . ASN A 1 40 ? 8.227   -3.018  11.784  1.00 0.00 ? 40 ASN A HB3  1 
ATOM   624  H  HD21 . ASN A 1 40 ? 9.972   -0.748  10.085  1.00 0.00 ? 40 ASN A HD21 1 
ATOM   625  H  HD22 . ASN A 1 40 ? 11.370  -0.694  11.045  1.00 0.00 ? 40 ASN A HD22 1 
ATOM   626  N  N    . PRO A 1 41 ? 7.963   -6.370  9.755   1.00 0.00 ? 41 PRO A N    1 
ATOM   627  C  CA   . PRO A 1 41 ? 6.778   -7.234  9.430   1.00 0.00 ? 41 PRO A CA   1 
ATOM   628  C  C    . PRO A 1 41 ? 5.613   -7.038  10.415  1.00 0.00 ? 41 PRO A C    1 
ATOM   629  O  O    . PRO A 1 41 ? 5.567   -6.044  11.110  1.00 0.00 ? 41 PRO A O    1 
ATOM   630  C  CB   . PRO A 1 41 ? 7.335   -8.663  9.439   1.00 0.00 ? 41 PRO A CB   1 
ATOM   631  C  CG   . PRO A 1 41 ? 8.820   -8.467  9.071   1.00 0.00 ? 41 PRO A CG   1 
ATOM   632  C  CD   . PRO A 1 41 ? 9.203   -7.196  9.854   1.00 0.00 ? 41 PRO A CD   1 
ATOM   633  H  HA   . PRO A 1 41 ? 6.420   -6.985  8.437   1.00 0.00 ? 41 PRO A HA   1 
ATOM   634  H  HB2  . PRO A 1 41 ? 7.236   -9.126  10.410  1.00 0.00 ? 41 PRO A HB2  1 
ATOM   635  H  HB3  . PRO A 1 41 ? 6.836   -9.265  8.695   1.00 0.00 ? 41 PRO A HB3  1 
ATOM   636  H  HG2  . PRO A 1 41 ? 9.406   -9.307  9.415   1.00 0.00 ? 41 PRO A HG2  1 
ATOM   637  H  HG3  . PRO A 1 41 ? 8.951   -8.349  8.005   1.00 0.00 ? 41 PRO A HG3  1 
ATOM   638  H  HD2  . PRO A 1 41 ? 9.431   -7.400  10.890  1.00 0.00 ? 41 PRO A HD2  1 
ATOM   639  H  HD3  . PRO A 1 41 ? 10.028  -6.700  9.370   1.00 0.00 ? 41 PRO A HD3  1 
ATOM   640  N  N    . THR A 1 42 ? 4.709   -7.993  10.451  1.00 0.00 ? 42 THR A N    1 
ATOM   641  C  CA   . THR A 1 42 ? 3.519   -7.917  11.372  1.00 0.00 ? 42 THR A CA   1 
ATOM   642  C  C    . THR A 1 42 ? 2.899   -6.527  11.235  1.00 0.00 ? 42 THR A C    1 
ATOM   643  O  O    . THR A 1 42 ? 3.111   -5.643  12.040  1.00 0.00 ? 42 THR A O    1 
ATOM   644  C  CB   . THR A 1 42 ? 3.985   -8.227  12.842  1.00 0.00 ? 42 THR A CB   1 
ATOM   645  O  OG1  . THR A 1 42 ? 5.004   -7.311  13.220  1.00 0.00 ? 42 THR A OG1  1 
ATOM   646  C  CG2  . THR A 1 42 ? 4.643   -9.621  12.867  1.00 0.00 ? 42 THR A CG2  1 
ATOM   647  H  H    . THR A 1 42 ? 4.826   -8.763  9.856   1.00 0.00 ? 42 THR A H    1 
ATOM   648  H  HA   . THR A 1 42 ? 2.767   -8.649  11.131  1.00 0.00 ? 42 THR A HA   1 
ATOM   649  H  HB   . THR A 1 42 ? 3.170   -8.166  13.545  1.00 0.00 ? 42 THR A HB   1 
ATOM   650  H  HG1  . THR A 1 42 ? 5.805   -7.800  13.421  1.00 0.00 ? 42 THR A HG1  1 
ATOM   651  H  HG21 . THR A 1 42 ? 4.955   -9.868  13.870  1.00 0.00 ? 42 THR A HG21 1 
ATOM   652  H  HG22 . THR A 1 42 ? 5.505   -9.648  12.216  1.00 0.00 ? 42 THR A HG22 1 
ATOM   653  H  HG23 . THR A 1 42 ? 3.935   -10.364 12.528  1.00 0.00 ? 42 THR A HG23 1 
ATOM   654  N  N    . CYS A 1 43 ? 2.158   -6.447  10.156  1.00 0.00 ? 43 CYS A N    1 
ATOM   655  C  CA   . CYS A 1 43 ? 1.402   -5.237  9.705   1.00 0.00 ? 43 CYS A CA   1 
ATOM   656  C  C    . CYS A 1 43 ? 1.320   -4.059  10.709  1.00 0.00 ? 43 CYS A C    1 
ATOM   657  O  O    . CYS A 1 43 ? 0.947   -4.267  11.848  1.00 0.00 ? 43 CYS A O    1 
ATOM   658  C  CB   . CYS A 1 43 ? -0.011  -5.699  9.332   1.00 0.00 ? 43 CYS A CB   1 
ATOM   659  S  SG   . CYS A 1 43 ? -1.226  -4.451  8.849   1.00 0.00 ? 43 CYS A SG   1 
ATOM   660  H  H    . CYS A 1 43 ? 2.095   -7.256  9.606   1.00 0.00 ? 43 CYS A H    1 
ATOM   661  H  HA   . CYS A 1 43 ? 1.890   -4.905  8.805   1.00 0.00 ? 43 CYS A HA   1 
ATOM   662  H  HB2  . CYS A 1 43 ? 0.076   -6.391  8.507   1.00 0.00 ? 43 CYS A HB2  1 
ATOM   663  H  HB3  . CYS A 1 43 ? -0.425  -6.237  10.166  1.00 0.00 ? 43 CYS A HB3  1 
ATOM   664  N  N    . PRO A 1 44 ? 1.649   -2.859  10.274  1.00 0.00 ? 44 PRO A N    1 
ATOM   665  C  CA   . PRO A 1 44 ? 1.695   -1.652  11.146  1.00 0.00 ? 44 PRO A CA   1 
ATOM   666  C  C    . PRO A 1 44 ? 0.318   -1.402  11.790  1.00 0.00 ? 44 PRO A C    1 
ATOM   667  O  O    . PRO A 1 44 ? 0.205   -0.734  12.799  1.00 0.00 ? 44 PRO A O    1 
ATOM   668  C  CB   . PRO A 1 44 ? 2.124   -0.519  10.224  1.00 0.00 ? 44 PRO A CB   1 
ATOM   669  C  CG   . PRO A 1 44 ? 1.631   -0.999  8.852   1.00 0.00 ? 44 PRO A CG   1 
ATOM   670  C  CD   . PRO A 1 44 ? 1.992   -2.494  8.873   1.00 0.00 ? 44 PRO A CD   1 
ATOM   671  H  HA   . PRO A 1 44 ? 2.464   -1.792  11.892  1.00 0.00 ? 44 PRO A HA   1 
ATOM   672  H  HB2  . PRO A 1 44 ? 1.658   0.420   10.487  1.00 0.00 ? 44 PRO A HB2  1 
ATOM   673  H  HB3  . PRO A 1 44 ? 3.192   -0.407  10.227  1.00 0.00 ? 44 PRO A HB3  1 
ATOM   674  H  HG2  . PRO A 1 44 ? 0.565   -0.856  8.750   1.00 0.00 ? 44 PRO A HG2  1 
ATOM   675  H  HG3  . PRO A 1 44 ? 2.155   -0.471  8.069   1.00 0.00 ? 44 PRO A HG3  1 
ATOM   676  H  HD2  . PRO A 1 44 ? 1.359   -3.038  8.188   1.00 0.00 ? 44 PRO A HD2  1 
ATOM   677  H  HD3  . PRO A 1 44 ? 3.038   -2.681  8.680   1.00 0.00 ? 44 PRO A HD3  1 
ATOM   678  N  N    . LEU A 1 45 ? -0.677  -1.971  11.152  1.00 0.00 ? 45 LEU A N    1 
ATOM   679  C  CA   . LEU A 1 45 ? -2.090  -1.850  11.598  1.00 0.00 ? 45 LEU A CA   1 
ATOM   680  C  C    . LEU A 1 45 ? -2.625  -3.088  12.317  1.00 0.00 ? 45 LEU A C    1 
ATOM   681  O  O    . LEU A 1 45 ? -3.299  -2.917  13.315  1.00 0.00 ? 45 LEU A O    1 
ATOM   682  C  CB   . LEU A 1 45 ? -2.891  -1.486  10.322  1.00 0.00 ? 45 LEU A CB   1 
ATOM   683  C  CG   . LEU A 1 45 ? -4.378  -1.088  10.594  1.00 0.00 ? 45 LEU A CG   1 
ATOM   684  C  CD1  . LEU A 1 45 ? -4.515  -0.150  11.821  1.00 0.00 ? 45 LEU A CD1  1 
ATOM   685  C  CD2  . LEU A 1 45 ? -4.869  -0.271  9.373   1.00 0.00 ? 45 LEU A CD2  1 
ATOM   686  H  H    . LEU A 1 45 ? -0.483  -2.497  10.349  1.00 0.00 ? 45 LEU A H    1 
ATOM   687  H  HA   . LEU A 1 45 ? -2.195  -1.033  12.271  1.00 0.00 ? 45 LEU A HA   1 
ATOM   688  H  HB2  . LEU A 1 45 ? -2.388  -0.663  9.836   1.00 0.00 ? 45 LEU A HB2  1 
ATOM   689  H  HB3  . LEU A 1 45 ? -2.876  -2.327  9.645   1.00 0.00 ? 45 LEU A HB3  1 
ATOM   690  H  HG   . LEU A 1 45 ? -4.981  -1.972  10.727  1.00 0.00 ? 45 LEU A HG   1 
ATOM   691  H  HD11 . LEU A 1 45 ? -5.553  0.118   11.959  1.00 0.00 ? 45 LEU A HD11 1 
ATOM   692  H  HD12 . LEU A 1 45 ? -3.938  0.752   11.676  1.00 0.00 ? 45 LEU A HD12 1 
ATOM   693  H  HD13 . LEU A 1 45 ? -4.177  -0.642  12.720  1.00 0.00 ? 45 LEU A HD13 1 
ATOM   694  H  HD21 . LEU A 1 45 ? -4.743  -0.839  8.466   1.00 0.00 ? 45 LEU A HD21 1 
ATOM   695  H  HD22 . LEU A 1 45 ? -4.293  0.637   9.276   1.00 0.00 ? 45 LEU A HD22 1 
ATOM   696  H  HD23 . LEU A 1 45 ? -5.910  -0.007  9.481   1.00 0.00 ? 45 LEU A HD23 1 
ATOM   697  N  N    . CYS A 1 46 ? -2.349  -4.282  11.847  1.00 0.00 ? 46 CYS A N    1 
ATOM   698  C  CA   . CYS A 1 46 ? -2.891  -5.477  12.574  1.00 0.00 ? 46 CYS A CA   1 
ATOM   699  C  C    . CYS A 1 46 ? -1.917  -6.659  12.733  1.00 0.00 ? 46 CYS A C    1 
ATOM   700  O  O    . CYS A 1 46 ? -2.293  -7.798  12.549  1.00 0.00 ? 46 CYS A O    1 
ATOM   701  C  CB   . CYS A 1 46 ? -4.143  -5.912  11.831  1.00 0.00 ? 46 CYS A CB   1 
ATOM   702  S  SG   . CYS A 1 46 ? -3.957  -6.758  10.240  1.00 0.00 ? 46 CYS A SG   1 
ATOM   703  H  H    . CYS A 1 46 ? -1.800  -4.393  11.043  1.00 0.00 ? 46 CYS A H    1 
ATOM   704  H  HA   . CYS A 1 46 ? -3.179  -5.188  13.573  1.00 0.00 ? 46 CYS A HA   1 
ATOM   705  H  HB2  . CYS A 1 46 ? -4.672  -6.594  12.480  1.00 0.00 ? 46 CYS A HB2  1 
ATOM   706  H  HB3  . CYS A 1 46 ? -4.775  -5.046  11.716  1.00 0.00 ? 46 CYS A HB3  1 
ATOM   707  N  N    . LYS A 1 47 ? -0.699  -6.350  13.085  1.00 0.00 ? 47 LYS A N    1 
ATOM   708  C  CA   . LYS A 1 47 ? 0.391   -7.362  13.293  1.00 0.00 ? 47 LYS A CA   1 
ATOM   709  C  C    . LYS A 1 47 ? 0.220   -8.764  12.649  1.00 0.00 ? 47 LYS A C    1 
ATOM   710  O  O    . LYS A 1 47 ? 0.248   -9.776  13.326  1.00 0.00 ? 47 LYS A O    1 
ATOM   711  C  CB   . LYS A 1 47 ? 0.594   -7.548  14.815  1.00 0.00 ? 47 LYS A CB   1 
ATOM   712  C  CG   . LYS A 1 47 ? 0.852   -6.210  15.555  1.00 0.00 ? 47 LYS A CG   1 
ATOM   713  C  CD   . LYS A 1 47 ? 2.194   -5.591  15.106  1.00 0.00 ? 47 LYS A CD   1 
ATOM   714  C  CE   . LYS A 1 47 ? 2.512   -4.342  15.943  1.00 0.00 ? 47 LYS A CE   1 
ATOM   715  N  NZ   . LYS A 1 47 ? 1.494   -3.284  15.691  1.00 0.00 ? 47 LYS A NZ   1 
ATOM   716  H  H    . LYS A 1 47 ? -0.477  -5.405  13.213  1.00 0.00 ? 47 LYS A H    1 
ATOM   717  H  HA   . LYS A 1 47 ? 1.295   -6.940  12.900  1.00 0.00 ? 47 LYS A HA   1 
ATOM   718  H  HB2  . LYS A 1 47 ? -0.281  -8.034  15.206  1.00 0.00 ? 47 LYS A HB2  1 
ATOM   719  H  HB3  . LYS A 1 47 ? 1.436   -8.203  14.989  1.00 0.00 ? 47 LYS A HB3  1 
ATOM   720  H  HG2  . LYS A 1 47 ? 0.043   -5.525  15.350  1.00 0.00 ? 47 LYS A HG2  1 
ATOM   721  H  HG3  . LYS A 1 47 ? 0.875   -6.398  16.620  1.00 0.00 ? 47 LYS A HG3  1 
ATOM   722  H  HD2  . LYS A 1 47 ? 2.994   -6.312  15.194  1.00 0.00 ? 47 LYS A HD2  1 
ATOM   723  H  HD3  . LYS A 1 47 ? 2.110   -5.284  14.079  1.00 0.00 ? 47 LYS A HD3  1 
ATOM   724  H  HE2  . LYS A 1 47 ? 2.517   -4.579  16.996  1.00 0.00 ? 47 LYS A HE2  1 
ATOM   725  H  HE3  . LYS A 1 47 ? 3.484   -3.957  15.670  1.00 0.00 ? 47 LYS A HE3  1 
ATOM   726  H  HZ1  . LYS A 1 47 ? 1.963   -2.438  15.313  1.00 0.00 ? 47 LYS A HZ1  1 
ATOM   727  H  HZ2  . LYS A 1 47 ? 1.011   -3.046  16.581  1.00 0.00 ? 47 LYS A HZ2  1 
ATOM   728  H  HZ3  . LYS A 1 47 ? 0.798   -3.630  14.999  1.00 0.00 ? 47 LYS A HZ3  1 
ATOM   729  N  N    . VAL A 1 48 ? 0.048   -8.782  11.350  1.00 0.00 ? 48 VAL A N    1 
ATOM   730  C  CA   . VAL A 1 48 ? -0.118  -10.083 10.613  1.00 0.00 ? 48 VAL A CA   1 
ATOM   731  C  C    . VAL A 1 48 ? 1.159   -10.244 9.774   1.00 0.00 ? 48 VAL A C    1 
ATOM   732  O  O    . VAL A 1 48 ? 1.657   -9.258  9.269   1.00 0.00 ? 48 VAL A O    1 
ATOM   733  C  CB   . VAL A 1 48 ? -1.350  -10.062 9.645   1.00 0.00 ? 48 VAL A CB   1 
ATOM   734  C  CG1  . VAL A 1 48 ? -2.666  -10.229 10.428  1.00 0.00 ? 48 VAL A CG1  1 
ATOM   735  C  CG2  . VAL A 1 48 ? -1.401  -8.743  8.854   1.00 0.00 ? 48 VAL A CG2  1 
ATOM   736  H  H    . VAL A 1 48 ? 0.027   -7.936  10.859  1.00 0.00 ? 48 VAL A H    1 
ATOM   737  H  HA   . VAL A 1 48 ? -0.205  -10.897 11.316  1.00 0.00 ? 48 VAL A HA   1 
ATOM   738  H  HB   . VAL A 1 48 ? -1.289  -10.868 8.931   1.00 0.00 ? 48 VAL A HB   1 
ATOM   739  H  HG11 . VAL A 1 48 ? -2.656  -11.167 10.965  1.00 0.00 ? 48 VAL A HG11 1 
ATOM   740  H  HG12 . VAL A 1 48 ? -3.502  -10.233 9.745   1.00 0.00 ? 48 VAL A HG12 1 
ATOM   741  H  HG13 . VAL A 1 48 ? -2.810  -9.431  11.133  1.00 0.00 ? 48 VAL A HG13 1 
ATOM   742  H  HG21 . VAL A 1 48 ? -0.502  -8.608  8.271   1.00 0.00 ? 48 VAL A HG21 1 
ATOM   743  H  HG22 . VAL A 1 48 ? -1.519  -7.906  9.524   1.00 0.00 ? 48 VAL A HG22 1 
ATOM   744  H  HG23 . VAL A 1 48 ? -2.238  -8.766  8.180   1.00 0.00 ? 48 VAL A HG23 1 
ATOM   745  N  N    . PRO A 1 49 ? 1.661   -11.451 9.636   1.00 0.00 ? 49 PRO A N    1 
ATOM   746  C  CA   . PRO A 1 49 ? 2.911   -11.725 8.877   1.00 0.00 ? 49 PRO A CA   1 
ATOM   747  C  C    . PRO A 1 49 ? 2.557   -11.726 7.375   1.00 0.00 ? 49 PRO A C    1 
ATOM   748  O  O    . PRO A 1 49 ? 2.566   -12.764 6.743   1.00 0.00 ? 49 PRO A O    1 
ATOM   749  C  CB   . PRO A 1 49 ? 3.362   -13.073 9.440   1.00 0.00 ? 49 PRO A CB   1 
ATOM   750  C  CG   . PRO A 1 49 ? 2.006   -13.804 9.636   1.00 0.00 ? 49 PRO A CG   1 
ATOM   751  C  CD   . PRO A 1 49 ? 1.080   -12.702 10.209  1.00 0.00 ? 49 PRO A CD   1 
ATOM   752  H  HA   . PRO A 1 49 ? 3.641   -10.956 9.100   1.00 0.00 ? 49 PRO A HA   1 
ATOM   753  H  HB2  . PRO A 1 49 ? 3.997   -13.605 8.745   1.00 0.00 ? 49 PRO A HB2  1 
ATOM   754  H  HB3  . PRO A 1 49 ? 3.876   -12.948 10.382  1.00 0.00 ? 49 PRO A HB3  1 
ATOM   755  H  HG2  . PRO A 1 49 ? 1.622   -14.181 8.698   1.00 0.00 ? 49 PRO A HG2  1 
ATOM   756  H  HG3  . PRO A 1 49 ? 2.106   -14.620 10.338  1.00 0.00 ? 49 PRO A HG3  1 
ATOM   757  H  HD2  . PRO A 1 49 ? 0.063   -12.823 9.865   1.00 0.00 ? 49 PRO A HD2  1 
ATOM   758  H  HD3  . PRO A 1 49 ? 1.116   -12.664 11.289  1.00 0.00 ? 49 PRO A HD3  1 
ATOM   759  N  N    . VAL A 1 50 ? 2.251   -10.543 6.887   1.00 0.00 ? 50 VAL A N    1 
ATOM   760  C  CA   . VAL A 1 50 ? 1.866   -10.279 5.459   1.00 0.00 ? 50 VAL A CA   1 
ATOM   761  C  C    . VAL A 1 50 ? 2.382   -11.295 4.430   1.00 0.00 ? 50 VAL A C    1 
ATOM   762  O  O    . VAL A 1 50 ? 3.465   -11.838 4.541   1.00 0.00 ? 50 VAL A O    1 
ATOM   763  C  CB   . VAL A 1 50 ? 2.351   -8.841  5.079   1.00 0.00 ? 50 VAL A CB   1 
ATOM   764  C  CG1  . VAL A 1 50 ? 1.979   -8.506  3.605   1.00 0.00 ? 50 VAL A CG1  1 
ATOM   765  C  CG2  . VAL A 1 50 ? 1.639   -7.815  5.995   1.00 0.00 ? 50 VAL A CG2  1 
ATOM   766  H  H    . VAL A 1 50 ? 2.278   -9.781  7.498   1.00 0.00 ? 50 VAL A H    1 
ATOM   767  H  HA   . VAL A 1 50 ? 0.789   -10.286 5.419   1.00 0.00 ? 50 VAL A HA   1 
ATOM   768  H  HB   . VAL A 1 50 ? 3.420   -8.765  5.214   1.00 0.00 ? 50 VAL A HB   1 
ATOM   769  H  HG11 . VAL A 1 50 ? 2.290   -7.503  3.356   1.00 0.00 ? 50 VAL A HG11 1 
ATOM   770  H  HG12 . VAL A 1 50 ? 0.911   -8.577  3.467   1.00 0.00 ? 50 VAL A HG12 1 
ATOM   771  H  HG13 . VAL A 1 50 ? 2.464   -9.189  2.925   1.00 0.00 ? 50 VAL A HG13 1 
ATOM   772  H  HG21 . VAL A 1 50 ? 1.899   -7.983  7.029   1.00 0.00 ? 50 VAL A HG21 1 
ATOM   773  H  HG22 . VAL A 1 50 ? 0.568   -7.905  5.888   1.00 0.00 ? 50 VAL A HG22 1 
ATOM   774  H  HG23 . VAL A 1 50 ? 1.926   -6.811  5.726   1.00 0.00 ? 50 VAL A HG23 1 
ATOM   775  N  N    . GLU A 1 51 ? 1.554   -11.488 3.441   1.00 0.00 ? 51 GLU A N    1 
ATOM   776  C  CA   . GLU A 1 51 ? 1.850   -12.439 2.334   1.00 0.00 ? 51 GLU A CA   1 
ATOM   777  C  C    . GLU A 1 51 ? 2.071   -11.705 1.005   1.00 0.00 ? 51 GLU A C    1 
ATOM   778  O  O    . GLU A 1 51 ? 3.160   -11.735 0.467   1.00 0.00 ? 51 GLU A O    1 
ATOM   779  C  CB   . GLU A 1 51 ? 0.650   -13.403 2.254   1.00 0.00 ? 51 GLU A CB   1 
ATOM   780  C  CG   . GLU A 1 51 ? 0.827   -14.443 1.128   1.00 0.00 ? 51 GLU A CG   1 
ATOM   781  C  CD   . GLU A 1 51 ? -0.448  -15.305 1.024   1.00 0.00 ? 51 GLU A CD   1 
ATOM   782  O  OE1  . GLU A 1 51 ? -0.742  -15.974 2.005   1.00 0.00 ? 51 GLU A OE1  1 
ATOM   783  O  OE2  . GLU A 1 51 ? -1.059  -15.248 -0.030  1.00 0.00 ? 51 GLU A OE2  1 
ATOM   784  H  H    . GLU A 1 51 ? 0.712   -10.991 3.432   1.00 0.00 ? 51 GLU A H    1 
ATOM   785  H  HA   . GLU A 1 51 ? 2.741   -13.003 2.570   1.00 0.00 ? 51 GLU A HA   1 
ATOM   786  H  HB2  . GLU A 1 51 ? 0.565   -13.919 3.200   1.00 0.00 ? 51 GLU A HB2  1 
ATOM   787  H  HB3  . GLU A 1 51 ? -0.257  -12.841 2.090   1.00 0.00 ? 51 GLU A HB3  1 
ATOM   788  H  HG2  . GLU A 1 51 ? 1.000   -13.950 0.183   1.00 0.00 ? 51 GLU A HG2  1 
ATOM   789  H  HG3  . GLU A 1 51 ? 1.665   -15.087 1.351   1.00 0.00 ? 51 GLU A HG3  1 
ATOM   790  N  N    . SER A 1 52 ? 1.030   -11.072 0.521   1.00 0.00 ? 52 SER A N    1 
ATOM   791  C  CA   . SER A 1 52 ? 1.115   -10.323 -0.772  1.00 0.00 ? 52 SER A CA   1 
ATOM   792  C  C    . SER A 1 52 ? 0.495   -8.931  -0.735  1.00 0.00 ? 52 SER A C    1 
ATOM   793  O  O    . SER A 1 52 ? -0.171  -8.577  0.211   1.00 0.00 ? 52 SER A O    1 
ATOM   794  C  CB   . SER A 1 52 ? 0.409   -11.176 -1.830  1.00 0.00 ? 52 SER A CB   1 
ATOM   795  O  OG   . SER A 1 52 ? 1.284   -12.275 -2.041  1.00 0.00 ? 52 SER A OG   1 
ATOM   796  H  H    . SER A 1 52 ? 0.182   -11.086 1.011   1.00 0.00 ? 52 SER A H    1 
ATOM   797  H  HA   . SER A 1 52 ? 2.150   -10.198 -1.045  1.00 0.00 ? 52 SER A HA   1 
ATOM   798  H  HB2  . SER A 1 52 ? -0.530  -11.547 -1.448  1.00 0.00 ? 52 SER A HB2  1 
ATOM   799  H  HB3  . SER A 1 52 ? 0.229   -10.642 -2.748  1.00 0.00 ? 52 SER A HB3  1 
ATOM   800  H  HG   . SER A 1 52 ? 1.558   -12.265 -2.960  1.00 0.00 ? 52 SER A HG   1 
ATOM   801  N  N    . VAL A 1 53 ? 0.748   -8.177  -1.776  1.00 0.00 ? 53 VAL A N    1 
ATOM   802  C  CA   . VAL A 1 53 ? 0.187   -6.798  -1.882  1.00 0.00 ? 53 VAL A CA   1 
ATOM   803  C  C    . VAL A 1 53 ? -0.445  -6.719  -3.264  1.00 0.00 ? 53 VAL A C    1 
ATOM   804  O  O    . VAL A 1 53 ? 0.163   -7.099  -4.248  1.00 0.00 ? 53 VAL A O    1 
ATOM   805  C  CB   . VAL A 1 53 ? 1.275   -5.667  -1.769  1.00 0.00 ? 53 VAL A CB   1 
ATOM   806  C  CG1  . VAL A 1 53 ? 1.660   -5.492  -0.285  1.00 0.00 ? 53 VAL A CG1  1 
ATOM   807  C  CG2  . VAL A 1 53 ? 2.528   -5.976  -2.608  1.00 0.00 ? 53 VAL A CG2  1 
ATOM   808  H  H    . VAL A 1 53 ? 1.314   -8.523  -2.497  1.00 0.00 ? 53 VAL A H    1 
ATOM   809  H  HA   . VAL A 1 53 ? -0.568  -6.670  -1.128  1.00 0.00 ? 53 VAL A HA   1 
ATOM   810  H  HB   . VAL A 1 53 ? 0.868   -4.727  -2.131  1.00 0.00 ? 53 VAL A HB   1 
ATOM   811  H  HG11 . VAL A 1 53 ? 0.786   -5.208  0.283   1.00 0.00 ? 53 VAL A HG11 1 
ATOM   812  H  HG12 . VAL A 1 53 ? 2.393   -4.707  -0.182  1.00 0.00 ? 53 VAL A HG12 1 
ATOM   813  H  HG13 . VAL A 1 53 ? 2.059   -6.407  0.127   1.00 0.00 ? 53 VAL A HG13 1 
ATOM   814  H  HG21 . VAL A 1 53 ? 2.263   -6.052  -3.653  1.00 0.00 ? 53 VAL A HG21 1 
ATOM   815  H  HG22 . VAL A 1 53 ? 2.985   -6.901  -2.292  1.00 0.00 ? 53 VAL A HG22 1 
ATOM   816  H  HG23 . VAL A 1 53 ? 3.242   -5.173  -2.500  1.00 0.00 ? 53 VAL A HG23 1 
ATOM   817  N  N    . VAL A 1 54 ? -1.654  -6.230  -3.292  1.00 0.00 ? 54 VAL A N    1 
ATOM   818  C  CA   . VAL A 1 54 ? -2.382  -6.098  -4.588  1.00 0.00 ? 54 VAL A CA   1 
ATOM   819  C  C    . VAL A 1 54 ? -2.582  -4.604  -4.764  1.00 0.00 ? 54 VAL A C    1 
ATOM   820  O  O    . VAL A 1 54 ? -2.883  -3.902  -3.821  1.00 0.00 ? 54 VAL A O    1 
ATOM   821  C  CB   . VAL A 1 54 ? -3.735  -6.873  -4.499  1.00 0.00 ? 54 VAL A CB   1 
ATOM   822  C  CG1  . VAL A 1 54 ? -4.613  -6.338  -3.365  1.00 0.00 ? 54 VAL A CG1  1 
ATOM   823  C  CG2  . VAL A 1 54 ? -4.493  -6.739  -5.837  1.00 0.00 ? 54 VAL A CG2  1 
ATOM   824  H  H    . VAL A 1 54 ? -2.068  -5.952  -2.449  1.00 0.00 ? 54 VAL A H    1 
ATOM   825  H  HA   . VAL A 1 54 ? -1.787  -6.476  -5.406  1.00 0.00 ? 54 VAL A HA   1 
ATOM   826  H  HB   . VAL A 1 54 ? -3.528  -7.918  -4.320  1.00 0.00 ? 54 VAL A HB   1 
ATOM   827  H  HG11 . VAL A 1 54 ? -5.524  -6.914  -3.291  1.00 0.00 ? 54 VAL A HG11 1 
ATOM   828  H  HG12 . VAL A 1 54 ? -4.868  -5.304  -3.533  1.00 0.00 ? 54 VAL A HG12 1 
ATOM   829  H  HG13 . VAL A 1 54 ? -4.071  -6.417  -2.437  1.00 0.00 ? 54 VAL A HG13 1 
ATOM   830  H  HG21 . VAL A 1 54 ? -5.429  -7.276  -5.787  1.00 0.00 ? 54 VAL A HG21 1 
ATOM   831  H  HG22 . VAL A 1 54 ? -3.902  -7.147  -6.643  1.00 0.00 ? 54 VAL A HG22 1 
ATOM   832  H  HG23 . VAL A 1 54 ? -4.701  -5.700  -6.050  1.00 0.00 ? 54 VAL A HG23 1 
ATOM   833  N  N    . HIS A 1 55 ? -2.397  -4.184  -5.981  1.00 0.00 ? 55 HIS A N    1 
ATOM   834  C  CA   . HIS A 1 55 ? -2.542  -2.750  -6.341  1.00 0.00 ? 55 HIS A CA   1 
ATOM   835  C  C    . HIS A 1 55 ? -3.652  -2.573  -7.363  1.00 0.00 ? 55 HIS A C    1 
ATOM   836  O  O    . HIS A 1 55 ? -3.436  -2.582  -8.560  1.00 0.00 ? 55 HIS A O    1 
ATOM   837  C  CB   . HIS A 1 55 ? -1.183  -2.241  -6.879  1.00 0.00 ? 55 HIS A CB   1 
ATOM   838  C  CG   . HIS A 1 55 ? -0.419  -3.381  -7.549  1.00 0.00 ? 55 HIS A CG   1 
ATOM   839  N  ND1  . HIS A 1 55 ? -0.332  -3.628  -8.812  1.00 0.00 ? 55 HIS A ND1  1 
ATOM   840  C  CD2  . HIS A 1 55 ? 0.319   -4.372  -6.941  1.00 0.00 ? 55 HIS A CD2  1 
ATOM   841  C  CE1  . HIS A 1 55 ? 0.398   -4.684  -8.987  1.00 0.00 ? 55 HIS A CE1  1 
ATOM   842  N  NE2  . HIS A 1 55 ? 0.824   -5.181  -7.850  1.00 0.00 ? 55 HIS A NE2  1 
ATOM   843  H  H    . HIS A 1 55 ? -2.156  -4.829  -6.678  1.00 0.00 ? 55 HIS A H    1 
ATOM   844  H  HA   . HIS A 1 55 ? -2.750  -2.197  -5.439  1.00 0.00 ? 55 HIS A HA   1 
ATOM   845  H  HB2  . HIS A 1 55 ? -1.318  -1.438  -7.590  1.00 0.00 ? 55 HIS A HB2  1 
ATOM   846  H  HB3  . HIS A 1 55 ? -0.611  -1.873  -6.044  1.00 0.00 ? 55 HIS A HB3  1 
ATOM   847  H  HD1  . HIS A 1 55 ? -0.751  -3.100  -9.522  1.00 0.00 ? 55 HIS A HD1  1 
ATOM   848  H  HD2  . HIS A 1 55 ? 0.439   -4.454  -5.868  1.00 0.00 ? 55 HIS A HD2  1 
ATOM   849  H  HE1  . HIS A 1 55 ? 0.628   -5.107  -9.953  1.00 0.00 ? 55 HIS A HE1  1 
ATOM   850  N  N    . THR A 1 56 ? -4.827  -2.418  -6.814  1.00 0.00 ? 56 THR A N    1 
ATOM   851  C  CA   . THR A 1 56 ? -6.053  -2.229  -7.637  1.00 0.00 ? 56 THR A CA   1 
ATOM   852  C  C    . THR A 1 56 ? -6.225  -0.709  -7.718  1.00 0.00 ? 56 THR A C    1 
ATOM   853  O  O    . THR A 1 56 ? -7.090  -0.109  -7.110  1.00 0.00 ? 56 THR A O    1 
ATOM   854  C  CB   . THR A 1 56 ? -7.229  -2.911  -6.913  1.00 0.00 ? 56 THR A CB   1 
ATOM   855  O  OG1  . THR A 1 56 ? -6.805  -4.257  -6.741  1.00 0.00 ? 56 THR A OG1  1 
ATOM   856  C  CG2  . THR A 1 56 ? -8.447  -3.020  -7.842  1.00 0.00 ? 56 THR A CG2  1 
ATOM   857  H  H    . THR A 1 56 ? -4.902  -2.426  -5.837  1.00 0.00 ? 56 THR A H    1 
ATOM   858  H  HA   . THR A 1 56 ? -5.906  -2.636  -8.628  1.00 0.00 ? 56 THR A HA   1 
ATOM   859  H  HB   . THR A 1 56 ? -7.462  -2.467  -5.956  1.00 0.00 ? 56 THR A HB   1 
ATOM   860  H  HG1  . THR A 1 56 ? -6.695  -4.419  -5.801  1.00 0.00 ? 56 THR A HG1  1 
ATOM   861  H  HG21 . THR A 1 56 ? -8.763  -2.035  -8.152  1.00 0.00 ? 56 THR A HG21 1 
ATOM   862  H  HG22 . THR A 1 56 ? -9.263  -3.504  -7.326  1.00 0.00 ? 56 THR A HG22 1 
ATOM   863  H  HG23 . THR A 1 56 ? -8.197  -3.598  -8.722  1.00 0.00 ? 56 THR A HG23 1 
ATOM   864  N  N    . ILE A 1 57 ? -5.336  -0.159  -8.505  1.00 0.00 ? 57 ILE A N    1 
ATOM   865  C  CA   . ILE A 1 57 ? -5.275  1.313   -8.756  1.00 0.00 ? 57 ILE A CA   1 
ATOM   866  C  C    . ILE A 1 57 ? -5.828  1.533   -10.180 1.00 0.00 ? 57 ILE A C    1 
ATOM   867  O  O    . ILE A 1 57 ? -6.037  0.580   -10.908 1.00 0.00 ? 57 ILE A O    1 
ATOM   868  C  CB   . ILE A 1 57 ? -3.779  1.749   -8.623  1.00 0.00 ? 57 ILE A CB   1 
ATOM   869  C  CG1  . ILE A 1 57 ? -3.196  1.187   -7.280  1.00 0.00 ? 57 ILE A CG1  1 
ATOM   870  C  CG2  . ILE A 1 57 ? -3.687  3.300   -8.598  1.00 0.00 ? 57 ILE A CG2  1 
ATOM   871  C  CD1  . ILE A 1 57 ? -1.676  1.424   -7.173  1.00 0.00 ? 57 ILE A CD1  1 
ATOM   872  H  H    . ILE A 1 57 ? -4.682  -0.739  -8.948  1.00 0.00 ? 57 ILE A H    1 
ATOM   873  H  HA   . ILE A 1 57 ? -5.900  1.835   -8.045  1.00 0.00 ? 57 ILE A HA   1 
ATOM   874  H  HB   . ILE A 1 57 ? -3.210  1.366   -9.459  1.00 0.00 ? 57 ILE A HB   1 
ATOM   875  H  HG12 . ILE A 1 57 ? -3.697  1.650   -6.445  1.00 0.00 ? 57 ILE A HG12 1 
ATOM   876  H  HG13 . ILE A 1 57 ? -3.364  0.122   -7.219  1.00 0.00 ? 57 ILE A HG13 1 
ATOM   877  H  HG21 . ILE A 1 57 ? -4.244  3.696   -7.760  1.00 0.00 ? 57 ILE A HG21 1 
ATOM   878  H  HG22 . ILE A 1 57 ? -4.083  3.720   -9.509  1.00 0.00 ? 57 ILE A HG22 1 
ATOM   879  H  HG23 . ILE A 1 57 ? -2.659  3.615   -8.510  1.00 0.00 ? 57 ILE A HG23 1 
ATOM   880  H  HD11 . ILE A 1 57 ? -1.166  0.933   -7.988  1.00 0.00 ? 57 ILE A HD11 1 
ATOM   881  H  HD12 . ILE A 1 57 ? -1.311  1.015   -6.242  1.00 0.00 ? 57 ILE A HD12 1 
ATOM   882  H  HD13 . ILE A 1 57 ? -1.438  2.476   -7.200  1.00 0.00 ? 57 ILE A HD13 1 
ATOM   883  N  N    . GLU A 1 58 ? -6.047  2.773   -10.540 1.00 0.00 ? 58 GLU A N    1 
ATOM   884  C  CA   . GLU A 1 58 ? -6.589  3.103   -11.898 1.00 0.00 ? 58 GLU A CA   1 
ATOM   885  C  C    . GLU A 1 58 ? -5.602  3.882   -12.785 1.00 0.00 ? 58 GLU A C    1 
ATOM   886  O  O    . GLU A 1 58 ? -4.470  4.124   -12.413 1.00 0.00 ? 58 GLU A O    1 
ATOM   887  C  CB   . GLU A 1 58 ? -7.888  3.921   -11.705 1.00 0.00 ? 58 GLU A CB   1 
ATOM   888  C  CG   . GLU A 1 58 ? -7.580  5.264   -10.994 1.00 0.00 ? 58 GLU A CG   1 
ATOM   889  C  CD   . GLU A 1 58 ? -8.855  6.125   -10.956 1.00 0.00 ? 58 GLU A CD   1 
ATOM   890  O  OE1  . GLU A 1 58 ? -9.760  5.731   -10.238 1.00 0.00 ? 58 GLU A OE1  1 
ATOM   891  O  OE2  . GLU A 1 58 ? -8.852  7.128   -11.651 1.00 0.00 ? 58 GLU A OE2  1 
ATOM   892  H  H    . GLU A 1 58 ? -5.856  3.499   -9.911  1.00 0.00 ? 58 GLU A H    1 
ATOM   893  H  HA   . GLU A 1 58 ? -6.844  2.190   -12.416 1.00 0.00 ? 58 GLU A HA   1 
ATOM   894  H  HB2  . GLU A 1 58 ? -8.356  4.112   -12.661 1.00 0.00 ? 58 GLU A HB2  1 
ATOM   895  H  HB3  . GLU A 1 58 ? -8.578  3.348   -11.103 1.00 0.00 ? 58 GLU A HB3  1 
ATOM   896  H  HG2  . GLU A 1 58 ? -7.259  5.080   -9.978  1.00 0.00 ? 58 GLU A HG2  1 
ATOM   897  H  HG3  . GLU A 1 58 ? -6.797  5.805   -11.507 1.00 0.00 ? 58 GLU A HG3  1 
ATOM   898  N  N    . SER A 1 59 ? -6.126  4.228   -13.937 1.00 0.00 ? 59 SER A N    1 
ATOM   899  C  CA   . SER A 1 59 ? -5.433  4.997   -15.023 1.00 0.00 ? 59 SER A CA   1 
ATOM   900  C  C    . SER A 1 59 ? -3.943  5.333   -14.807 1.00 0.00 ? 59 SER A C    1 
ATOM   901  O  O    . SER A 1 59 ? -3.582  6.453   -14.496 1.00 0.00 ? 59 SER A O    1 
ATOM   902  C  CB   . SER A 1 59 ? -6.243  6.293   -15.241 1.00 0.00 ? 59 SER A CB   1 
ATOM   903  O  OG   . SER A 1 59 ? -7.533  5.834   -15.621 1.00 0.00 ? 59 SER A OG   1 
ATOM   904  H  H    . SER A 1 59 ? -7.053  3.961   -14.105 1.00 0.00 ? 59 SER A H    1 
ATOM   905  H  HA   . SER A 1 59 ? -5.500  4.407   -15.925 1.00 0.00 ? 59 SER A HA   1 
ATOM   906  H  HB2  . SER A 1 59 ? -6.322  6.872   -14.334 1.00 0.00 ? 59 SER A HB2  1 
ATOM   907  H  HB3  . SER A 1 59 ? -5.830  6.895   -16.037 1.00 0.00 ? 59 SER A HB3  1 
ATOM   908  H  HG   . SER A 1 59 ? -8.162  6.131   -14.960 1.00 0.00 ? 59 SER A HG   1 
ATOM   909  N  N    . ASP A 1 60 ? -3.129  4.324   -14.983 1.00 0.00 ? 60 ASP A N    1 
ATOM   910  C  CA   . ASP A 1 60 ? -1.646  4.468   -14.820 1.00 0.00 ? 60 ASP A CA   1 
ATOM   911  C  C    . ASP A 1 60 ? -0.966  4.225   -16.178 1.00 0.00 ? 60 ASP A C    1 
ATOM   912  O  O    . ASP A 1 60 ? -1.613  3.742   -17.087 1.00 0.00 ? 60 ASP A O    1 
ATOM   913  C  CB   . ASP A 1 60 ? -1.188  3.439   -13.762 1.00 0.00 ? 60 ASP A CB   1 
ATOM   914  C  CG   . ASP A 1 60 ? -1.708  2.032   -14.115 1.00 0.00 ? 60 ASP A CG   1 
ATOM   915  O  OD1  . ASP A 1 60 ? -1.187  1.471   -15.066 1.00 0.00 ? 60 ASP A OD1  1 
ATOM   916  O  OD2  . ASP A 1 60 ? -2.607  1.599   -13.411 1.00 0.00 ? 60 ASP A OD2  1 
ATOM   917  H  H    . ASP A 1 60 ? -3.499  3.451   -15.227 1.00 0.00 ? 60 ASP A H    1 
ATOM   918  H  HA   . ASP A 1 60 ? -1.406  5.466   -14.486 1.00 0.00 ? 60 ASP A HA   1 
ATOM   919  H  HB2  . ASP A 1 60 ? -0.108  3.410   -13.713 1.00 0.00 ? 60 ASP A HB2  1 
ATOM   920  H  HB3  . ASP A 1 60 ? -1.565  3.728   -12.791 1.00 0.00 ? 60 ASP A HB3  1 
ATOM   921  N  N    . SER A 1 61 ? 0.305   4.565   -16.237 1.00 0.00 ? 61 SER A N    1 
ATOM   922  C  CA   . SER A 1 61 ? 1.204   4.437   -17.448 1.00 0.00 ? 61 SER A CA   1 
ATOM   923  C  C    . SER A 1 61 ? 2.044   5.726   -17.552 1.00 0.00 ? 61 SER A C    1 
ATOM   924  O  O    . SER A 1 61 ? 1.723   6.645   -18.283 1.00 0.00 ? 61 SER A O    1 
ATOM   925  C  CB   . SER A 1 61 ? 0.398   4.274   -18.794 1.00 0.00 ? 61 SER A CB   1 
ATOM   926  O  OG   . SER A 1 61 ? -0.499  5.378   -18.854 1.00 0.00 ? 61 SER A OG   1 
ATOM   927  H  H    . SER A 1 61 ? 0.704   4.935   -15.421 1.00 0.00 ? 61 SER A H    1 
ATOM   928  H  HA   . SER A 1 61 ? 1.865   3.595   -17.303 1.00 0.00 ? 61 SER A HA   1 
ATOM   929  H  HB2  . SER A 1 61 ? 1.065   4.327   -19.642 1.00 0.00 ? 61 SER A HB2  1 
ATOM   930  H  HB3  . SER A 1 61 ? -0.151  3.347   -18.838 1.00 0.00 ? 61 SER A HB3  1 
ATOM   931  H  HG   . SER A 1 61 ? -1.397  5.038   -18.845 1.00 0.00 ? 61 SER A HG   1 
ATOM   932  N  N    . GLU A 1 62 ? 3.117   5.746   -16.800 1.00 0.00 ? 62 GLU A N    1 
ATOM   933  C  CA   . GLU A 1 62 ? 4.036   6.932   -16.784 1.00 0.00 ? 62 GLU A CA   1 
ATOM   934  C  C    . GLU A 1 62 ? 5.329   6.616   -17.554 1.00 0.00 ? 62 GLU A C    1 
ATOM   935  O  O    . GLU A 1 62 ? 5.493   5.527   -18.069 1.00 0.00 ? 62 GLU A O    1 
ATOM   936  C  CB   . GLU A 1 62 ? 4.377   7.283   -15.316 1.00 0.00 ? 62 GLU A CB   1 
ATOM   937  C  CG   . GLU A 1 62 ? 3.115   7.332   -14.403 1.00 0.00 ? 62 GLU A CG   1 
ATOM   938  C  CD   . GLU A 1 62 ? 2.097   8.402   -14.851 1.00 0.00 ? 62 GLU A CD   1 
ATOM   939  O  OE1  . GLU A 1 62 ? 1.434   8.162   -15.847 1.00 0.00 ? 62 GLU A OE1  1 
ATOM   940  O  OE2  . GLU A 1 62 ? 2.038   9.412   -14.166 1.00 0.00 ? 62 GLU A OE2  1 
ATOM   941  H  H    . GLU A 1 62 ? 3.325   4.972   -16.238 1.00 0.00 ? 62 GLU A H    1 
ATOM   942  H  HA   . GLU A 1 62 ? 3.559   7.777   -17.259 1.00 0.00 ? 62 GLU A HA   1 
ATOM   943  H  HB2  . GLU A 1 62 ? 5.066   6.551   -14.922 1.00 0.00 ? 62 GLU A HB2  1 
ATOM   944  H  HB3  . GLU A 1 62 ? 4.864   8.248   -15.289 1.00 0.00 ? 62 GLU A HB3  1 
ATOM   945  H  HG2  . GLU A 1 62 ? 2.623   6.370   -14.402 1.00 0.00 ? 62 GLU A HG2  1 
ATOM   946  H  HG3  . GLU A 1 62 ? 3.426   7.545   -13.390 1.00 0.00 ? 62 GLU A HG3  1 
ATOM   947  N  N    . PHE A 1 63 ? 6.197   7.602   -17.600 1.00 0.00 ? 63 PHE A N    1 
ATOM   948  C  CA   . PHE A 1 63 ? 7.523   7.500   -18.302 1.00 0.00 ? 63 PHE A CA   1 
ATOM   949  C  C    . PHE A 1 63 ? 7.380   7.306   -19.820 1.00 0.00 ? 63 PHE A C    1 
ATOM   950  O  O    . PHE A 1 63 ? 6.287   7.234   -20.346 1.00 0.00 ? 63 PHE A O    1 
ATOM   951  C  CB   . PHE A 1 63 ? 8.341   6.314   -17.701 1.00 0.00 ? 63 PHE A CB   1 
ATOM   952  C  CG   . PHE A 1 63 ? 8.621   6.602   -16.217 1.00 0.00 ? 63 PHE A CG   1 
ATOM   953  C  CD1  . PHE A 1 63 ? 9.482   7.625   -15.861 1.00 0.00 ? 63 PHE A CD1  1 
ATOM   954  C  CD2  . PHE A 1 63 ? 8.019   5.854   -15.222 1.00 0.00 ? 63 PHE A CD2  1 
ATOM   955  C  CE1  . PHE A 1 63 ? 9.737   7.896   -14.535 1.00 0.00 ? 63 PHE A CE1  1 
ATOM   956  C  CE2  . PHE A 1 63 ? 8.275   6.123   -13.893 1.00 0.00 ? 63 PHE A CE2  1 
ATOM   957  C  CZ   . PHE A 1 63 ? 9.134   7.146   -13.548 1.00 0.00 ? 63 PHE A CZ   1 
ATOM   958  H  H    . PHE A 1 63 ? 5.965   8.443   -17.155 1.00 0.00 ? 63 PHE A H    1 
ATOM   959  H  HA   . PHE A 1 63 ? 8.055   8.426   -18.135 1.00 0.00 ? 63 PHE A HA   1 
ATOM   960  H  HB2  . PHE A 1 63 ? 7.813   5.376   -17.791 1.00 0.00 ? 63 PHE A HB2  1 
ATOM   961  H  HB3  . PHE A 1 63 ? 9.289   6.219   -18.213 1.00 0.00 ? 63 PHE A HB3  1 
ATOM   962  H  HD1  . PHE A 1 63 ? 9.962   8.216   -16.629 1.00 0.00 ? 63 PHE A HD1  1 
ATOM   963  H  HD2  . PHE A 1 63 ? 7.344   5.052   -15.483 1.00 0.00 ? 63 PHE A HD2  1 
ATOM   964  H  HE1  . PHE A 1 63 ? 10.412  8.695   -14.268 1.00 0.00 ? 63 PHE A HE1  1 
ATOM   965  H  HE2  . PHE A 1 63 ? 7.802   5.535   -13.121 1.00 0.00 ? 63 PHE A HE2  1 
ATOM   966  H  HZ   . PHE A 1 63 ? 9.336   7.358   -12.508 1.00 0.00 ? 63 PHE A HZ   1 
ATOM   967  N  N    . GLY A 1 64 ? 8.518   7.232   -20.466 1.00 0.00 ? 64 GLY A N    1 
ATOM   968  C  CA   . GLY A 1 64 ? 8.583   7.044   -21.948 1.00 0.00 ? 64 GLY A CA   1 
ATOM   969  C  C    . GLY A 1 64 ? 9.299   5.722   -22.230 1.00 0.00 ? 64 GLY A C    1 
ATOM   970  O  O    . GLY A 1 64 ? 8.747   4.832   -22.847 1.00 0.00 ? 64 GLY A O    1 
ATOM   971  H  H    . GLY A 1 64 ? 9.353   7.300   -19.960 1.00 0.00 ? 64 GLY A H    1 
ATOM   972  H  HA2  . GLY A 1 64 ? 7.590   7.020   -22.371 1.00 0.00 ? 64 GLY A HA2  1 
ATOM   973  H  HA3  . GLY A 1 64 ? 9.147   7.855   -22.383 1.00 0.00 ? 64 GLY A HA3  1 
ATOM   974  N  N    . ASP A 1 65 ? 10.519  5.653   -21.757 1.00 0.00 ? 65 ASP A N    1 
ATOM   975  C  CA   . ASP A 1 65 ? 11.370  4.435   -21.936 1.00 0.00 ? 65 ASP A CA   1 
ATOM   976  C  C    . ASP A 1 65 ? 11.671  3.919   -20.512 1.00 0.00 ? 65 ASP A C    1 
ATOM   977  O  O    . ASP A 1 65 ? 10.808  3.989   -19.655 1.00 0.00 ? 65 ASP A O    1 
ATOM   978  C  CB   . ASP A 1 65 ? 12.652  4.868   -22.706 1.00 0.00 ? 65 ASP A CB   1 
ATOM   979  C  CG   . ASP A 1 65 ? 13.394  3.655   -23.296 1.00 0.00 ? 65 ASP A CG   1 
ATOM   980  O  OD1  . ASP A 1 65 ? 12.776  2.974   -24.097 1.00 0.00 ? 65 ASP A OD1  1 
ATOM   981  O  OD2  . ASP A 1 65 ? 14.540  3.476   -22.914 1.00 0.00 ? 65 ASP A OD2  1 
ATOM   982  H  H    . ASP A 1 65 ? 10.886  6.421   -21.270 1.00 0.00 ? 65 ASP A H    1 
ATOM   983  H  HA   . ASP A 1 65 ? 10.825  3.676   -22.476 1.00 0.00 ? 65 ASP A HA   1 
ATOM   984  H  HB2  . ASP A 1 65 ? 12.398  5.544   -23.508 1.00 0.00 ? 65 ASP A HB2  1 
ATOM   985  H  HB3  . ASP A 1 65 ? 13.320  5.375   -22.030 1.00 0.00 ? 65 ASP A HB3  1 
ATOM   986  N  N    . GLN A 1 66 ? 12.862  3.421   -20.288 1.00 0.00 ? 66 GLN A N    1 
ATOM   987  C  CA   . GLN A 1 66 ? 13.251  2.894   -18.939 1.00 0.00 ? 66 GLN A CA   1 
ATOM   988  C  C    . GLN A 1 66 ? 14.212  3.856   -18.225 1.00 0.00 ? 66 GLN A C    1 
ATOM   989  O  O    . GLN A 1 66 ? 14.147  3.994   -17.019 1.00 0.00 ? 66 GLN A O    1 
ATOM   990  C  CB   . GLN A 1 66 ? 13.938  1.499   -19.081 1.00 0.00 ? 66 GLN A CB   1 
ATOM   991  C  CG   . GLN A 1 66 ? 14.941  1.448   -20.261 1.00 0.00 ? 66 GLN A CG   1 
ATOM   992  C  CD   . GLN A 1 66 ? 14.256  0.842   -21.497 1.00 0.00 ? 66 GLN A CD   1 
ATOM   993  O  OE1  . GLN A 1 66 ? 13.140  1.173   -21.846 1.00 0.00 ? 66 GLN A OE1  1 
ATOM   994  N  NE2  . GLN A 1 66 ? 14.899  -0.058  -22.190 1.00 0.00 ? 66 GLN A NE2  1 
ATOM   995  H  H    . GLN A 1 66 ? 13.515  3.390   -21.015 1.00 0.00 ? 66 GLN A H    1 
ATOM   996  H  HA   . GLN A 1 66 ? 12.368  2.778   -18.327 1.00 0.00 ? 66 GLN A HA   1 
ATOM   997  H  HB2  . GLN A 1 66 ? 14.472  1.266   -18.170 1.00 0.00 ? 66 GLN A HB2  1 
ATOM   998  H  HB3  . GLN A 1 66 ? 13.174  0.746   -19.214 1.00 0.00 ? 66 GLN A HB3  1 
ATOM   999  H  HG2  . GLN A 1 66 ? 15.307  2.432   -20.514 1.00 0.00 ? 66 GLN A HG2  1 
ATOM   1000 H  HG3  . GLN A 1 66 ? 15.784  0.827   -19.989 1.00 0.00 ? 66 GLN A HG3  1 
ATOM   1001 H  HE21 . GLN A 1 66 ? 15.799  -0.333  -21.920 1.00 0.00 ? 66 GLN A HE21 1 
ATOM   1002 H  HE22 . GLN A 1 66 ? 14.481  -0.456  -22.981 1.00 0.00 ? 66 GLN A HE22 1 
ATOM   1003 N  N    . LEU A 1 67 ? 15.067  4.491   -18.987 1.00 0.00 ? 67 LEU A N    1 
ATOM   1004 C  CA   . LEU A 1 67 ? 16.059  5.454   -18.409 1.00 0.00 ? 67 LEU A CA   1 
ATOM   1005 C  C    . LEU A 1 67 ? 15.799  6.883   -18.905 1.00 0.00 ? 67 LEU A C    1 
ATOM   1006 O  O    . LEU A 1 67 ? 15.831  7.818   -18.127 1.00 0.00 ? 67 LEU A O    1 
ATOM   1007 C  CB   . LEU A 1 67 ? 17.480  5.011   -18.816 1.00 0.00 ? 67 LEU A CB   1 
ATOM   1008 C  CG   . LEU A 1 67 ? 17.772  3.560   -18.335 1.00 0.00 ? 67 LEU A CG   1 
ATOM   1009 C  CD1  . LEU A 1 67 ? 19.152  3.131   -18.867 1.00 0.00 ? 67 LEU A CD1  1 
ATOM   1010 C  CD2  . LEU A 1 67 ? 17.795  3.485   -16.788 1.00 0.00 ? 67 LEU A CD2  1 
ATOM   1011 H  H    . LEU A 1 67 ? 15.060  4.332   -19.954 1.00 0.00 ? 67 LEU A H    1 
ATOM   1012 H  HA   . LEU A 1 67 ? 15.975  5.464   -17.333 1.00 0.00 ? 67 LEU A HA   1 
ATOM   1013 H  HB2  . LEU A 1 67 ? 17.578  5.062   -19.893 1.00 0.00 ? 67 LEU A HB2  1 
ATOM   1014 H  HB3  . LEU A 1 67 ? 18.201  5.687   -18.378 1.00 0.00 ? 67 LEU A HB3  1 
ATOM   1015 H  HG   . LEU A 1 67 ? 17.020  2.885   -18.718 1.00 0.00 ? 67 LEU A HG   1 
ATOM   1016 H  HD11 . LEU A 1 67 ? 19.921  3.792   -18.494 1.00 0.00 ? 67 LEU A HD11 1 
ATOM   1017 H  HD12 . LEU A 1 67 ? 19.159  3.161   -19.947 1.00 0.00 ? 67 LEU A HD12 1 
ATOM   1018 H  HD13 . LEU A 1 67 ? 19.374  2.122   -18.547 1.00 0.00 ? 67 LEU A HD13 1 
ATOM   1019 H  HD21 . LEU A 1 67 ? 18.018  2.476   -16.474 1.00 0.00 ? 67 LEU A HD21 1 
ATOM   1020 H  HD22 . LEU A 1 67 ? 16.840  3.767   -16.373 1.00 0.00 ? 67 LEU A HD22 1 
ATOM   1021 H  HD23 . LEU A 1 67 ? 18.555  4.144   -16.393 1.00 0.00 ? 67 LEU A HD23 1 
ATOM   1022 N  N    . ILE A 1 68 ? 15.551  6.998   -20.184 1.00 0.00 ? 68 ILE A N    1 
ATOM   1023 C  CA   . ILE A 1 68 ? 15.280  8.333   -20.815 1.00 0.00 ? 68 ILE A CA   1 
ATOM   1024 C  C    . ILE A 1 68 ? 13.829  8.445   -21.337 1.00 0.00 ? 68 ILE A C    1 
ATOM   1025 O  O    . ILE A 1 68 ? 13.066  7.531   -21.070 1.00 0.00 ? 68 ILE A O    1 
ATOM   1026 C  CB   . ILE A 1 68 ? 16.309  8.559   -21.994 1.00 0.00 ? 68 ILE A CB   1 
ATOM   1027 C  CG1  . ILE A 1 68 ? 16.102  7.647   -23.259 1.00 0.00 ? 68 ILE A CG1  1 
ATOM   1028 C  CG2  . ILE A 1 68 ? 17.756  8.418   -21.460 1.00 0.00 ? 68 ILE A CG2  1 
ATOM   1029 C  CD1  . ILE A 1 68 ? 16.270  6.138   -22.992 1.00 0.00 ? 68 ILE A CD1  1 
ATOM   1030 O  OXT  . ILE A 1 68 ? 13.551  9.448   -21.975 1.00 0.00 ? 68 ILE A OXT  1 
ATOM   1031 H  H    . ILE A 1 68 ? 15.542  6.186   -20.725 1.00 0.00 ? 68 ILE A H    1 
ATOM   1032 H  HA   . ILE A 1 68 ? 15.428  9.115   -20.083 1.00 0.00 ? 68 ILE A HA   1 
ATOM   1033 H  HB   . ILE A 1 68 ? 16.200  9.582   -22.324 1.00 0.00 ? 68 ILE A HB   1 
ATOM   1034 H  HG12 . ILE A 1 68 ? 15.111  7.816   -23.657 1.00 0.00 ? 68 ILE A HG12 1 
ATOM   1035 H  HG13 . ILE A 1 68 ? 16.813  7.940   -24.018 1.00 0.00 ? 68 ILE A HG13 1 
ATOM   1036 H  HG21 . ILE A 1 68 ? 18.466  8.573   -22.259 1.00 0.00 ? 68 ILE A HG21 1 
ATOM   1037 H  HG22 . ILE A 1 68 ? 17.918  7.435   -21.040 1.00 0.00 ? 68 ILE A HG22 1 
ATOM   1038 H  HG23 . ILE A 1 68 ? 17.937  9.155   -20.691 1.00 0.00 ? 68 ILE A HG23 1 
ATOM   1039 H  HD11 . ILE A 1 68 ? 15.509  5.780   -22.323 1.00 0.00 ? 68 ILE A HD11 1 
ATOM   1040 H  HD12 . ILE A 1 68 ? 17.244  5.924   -22.579 1.00 0.00 ? 68 ILE A HD12 1 
ATOM   1041 H  HD13 . ILE A 1 68 ? 16.165  5.599   -23.923 1.00 0.00 ? 68 ILE A HD13 1 
HETATM 1042 ZN ZN   . ZN  B 2 .  ? -3.271  -5.436  8.477   0.11 0.00 ? 70 ZN  A ZN   1 
HETATM 1043 ZN ZN   . ZN  C 2 .  ? 1.526   6.184   1.865   0.31 0.00 ? 71 ZN  A ZN   1 
# 
